data_1RBH
# 
_entry.id   1RBH 
# 
_audit_conform.dict_name       mmcif_pdbx.dic 
_audit_conform.dict_version    5.397 
_audit_conform.dict_location   http://mmcif.pdb.org/dictionaries/ascii/mmcif_pdbx.dic 
# 
loop_
_database_2.database_id 
_database_2.database_code 
_database_2.pdbx_database_accession 
_database_2.pdbx_DOI 
PDB   1RBH         pdb_00001rbh 10.2210/pdb1rbh/pdb 
WWPDB D_1000175994 ?            ?                   
# 
loop_
_pdbx_audit_revision_history.ordinal 
_pdbx_audit_revision_history.data_content_type 
_pdbx_audit_revision_history.major_revision 
_pdbx_audit_revision_history.minor_revision 
_pdbx_audit_revision_history.revision_date 
1 'Structure model' 1 0 1993-10-31 
2 'Structure model' 1 1 2008-03-03 
3 'Structure model' 1 2 2011-07-13 
4 'Structure model' 1 3 2017-11-29 
5 'Structure model' 1 4 2024-10-23 
# 
_pdbx_audit_revision_details.ordinal             1 
_pdbx_audit_revision_details.revision_ordinal    1 
_pdbx_audit_revision_details.data_content_type   'Structure model' 
_pdbx_audit_revision_details.provider            repository 
_pdbx_audit_revision_details.type                'Initial release' 
_pdbx_audit_revision_details.description         ? 
_pdbx_audit_revision_details.details             ? 
# 
loop_
_pdbx_audit_revision_group.ordinal 
_pdbx_audit_revision_group.revision_ordinal 
_pdbx_audit_revision_group.data_content_type 
_pdbx_audit_revision_group.group 
1 2 'Structure model' 'Version format compliance' 
2 3 'Structure model' 'Version format compliance' 
3 4 'Structure model' 'Derived calculations'      
4 4 'Structure model' Other                       
5 5 'Structure model' 'Data collection'           
6 5 'Structure model' 'Database references'       
7 5 'Structure model' 'Derived calculations'      
8 5 'Structure model' 'Structure summary'         
# 
loop_
_pdbx_audit_revision_category.ordinal 
_pdbx_audit_revision_category.revision_ordinal 
_pdbx_audit_revision_category.data_content_type 
_pdbx_audit_revision_category.category 
1  4 'Structure model' pdbx_database_status      
2  4 'Structure model' struct_conf               
3  4 'Structure model' struct_conf_type          
4  5 'Structure model' chem_comp_atom            
5  5 'Structure model' chem_comp_bond            
6  5 'Structure model' database_2                
7  5 'Structure model' pdbx_entry_details        
8  5 'Structure model' pdbx_modification_feature 
9  5 'Structure model' struct_conn               
10 5 'Structure model' struct_site               
# 
loop_
_pdbx_audit_revision_item.ordinal 
_pdbx_audit_revision_item.revision_ordinal 
_pdbx_audit_revision_item.data_content_type 
_pdbx_audit_revision_item.item 
1 4 'Structure model' '_pdbx_database_status.process_site'  
2 5 'Structure model' '_database_2.pdbx_DOI'                
3 5 'Structure model' '_database_2.pdbx_database_accession' 
4 5 'Structure model' '_struct_conn.pdbx_leaving_atom_flag' 
5 5 'Structure model' '_struct_site.pdbx_auth_asym_id'      
6 5 'Structure model' '_struct_site.pdbx_auth_comp_id'      
7 5 'Structure model' '_struct_site.pdbx_auth_seq_id'       
# 
_pdbx_database_status.status_code                     REL 
_pdbx_database_status.entry_id                        1RBH 
_pdbx_database_status.recvd_initial_deposition_date   1992-06-12 
_pdbx_database_status.deposit_site                    ? 
_pdbx_database_status.process_site                    BNL 
_pdbx_database_status.status_code_sf                  REL 
_pdbx_database_status.status_code_mr                  ? 
_pdbx_database_status.SG_entry                        ? 
_pdbx_database_status.pdb_format_compatible           Y 
_pdbx_database_status.status_code_cs                  ? 
_pdbx_database_status.methods_development_category    ? 
_pdbx_database_status.status_code_nmr_data            ? 
# 
_pdbx_database_related.db_name        PDB 
_pdbx_database_related.db_id          1RNS 
_pdbx_database_related.content_type   unspecified 
_pdbx_database_related.details        'WILD TYPE COMPLEX (S15_475, WITH A METHIONINE RESIDUE IN POSITION 13)' 
# 
loop_
_audit_author.name 
_audit_author.pdbx_ordinal 
'Varadarajan, R.' 1 
'Richards, F.M.'  2 
# 
loop_
_citation.id 
_citation.title 
_citation.journal_abbrev 
_citation.journal_volume 
_citation.page_first 
_citation.page_last 
_citation.year 
_citation.journal_id_ASTM 
_citation.country 
_citation.journal_id_ISSN 
_citation.journal_id_CSD 
_citation.book_publisher 
_citation.pdbx_database_id_PubMed 
_citation.pdbx_database_id_DOI 
primary 'Crystallographic structures of ribonuclease S variants with nonpolar substitution at position 13: packing and cavities.'  
Biochemistry 31 12315 12327 1992 BICHAW US 0006-2960 0033 ? 1463720 10.1021/bi00164a005 
1       'Refinement of the Crystal Structure of Ribonuclease S. Comparison with and between the Various Ribonuclease A Structures' 
Biochemistry 31 12304 ?     1992 BICHAW US 0006-2960 0033 ? ?       ?                   
# 
loop_
_citation_author.citation_id 
_citation_author.name 
_citation_author.ordinal 
_citation_author.identifier_ORCID 
primary 'Varadarajan, R.' 1 ? 
primary 'Richards, F.M.'  2 ? 
1       'Kim, E.E.'       3 ? 
1       'Varadarajan, R.' 4 ? 
1       'Wyckoff, H.W.'   5 ? 
1       'Richards, F.M.'  6 ? 
# 
loop_
_entity.id 
_entity.type 
_entity.src_method 
_entity.pdbx_description 
_entity.formula_weight 
_entity.pdbx_number_of_molecules 
_entity.pdbx_ec 
_entity.pdbx_mutation 
_entity.pdbx_fragment 
_entity.details 
1 polymer     man 'RIBONUCLEASE S (S-PEPTIDE)' 1732.914  1  ?        ? ? ? 
2 polymer     man 'RIBONUCLEASE S (S-PROTEIN)' 11555.981 1  3.1.27.5 ? ? ? 
3 non-polymer syn 'SULFATE ION'                96.063    1  ?        ? ? ? 
4 water       nat water                        18.015    58 ?        ? ? ? 
# 
loop_
_entity_poly.entity_id 
_entity_poly.type 
_entity_poly.nstd_linkage 
_entity_poly.nstd_monomer 
_entity_poly.pdbx_seq_one_letter_code 
_entity_poly.pdbx_seq_one_letter_code_can 
_entity_poly.pdbx_strand_id 
_entity_poly.pdbx_target_identifier 
1 'polypeptide(L)' no yes 'KETAAAKFERQHLDS(NH2)' KETAAAKFERQHLDSX S ? 
2 'polypeptide(L)' no no  
;SSSNYCNQMMKSRNLTKDRCKPVNTFVHESLADVQAVCSQKNVACKNGQTNCYQSYSTMSITDCRETGSSKYPNCAYKTT
QANKHIIVACEGNPYVPVHFDASV
;
;SSSNYCNQMMKSRNLTKDRCKPVNTFVHESLADVQAVCSQKNVACKNGQTNCYQSYSTMSITDCRETGSSKYPNCAYKTT
QANKHIIVACEGNPYVPVHFDASV
;
A ? 
# 
loop_
_pdbx_entity_nonpoly.entity_id 
_pdbx_entity_nonpoly.name 
_pdbx_entity_nonpoly.comp_id 
3 'SULFATE ION' SO4 
4 water         HOH 
# 
loop_
_entity_poly_seq.entity_id 
_entity_poly_seq.num 
_entity_poly_seq.mon_id 
_entity_poly_seq.hetero 
1 1   LYS n 
1 2   GLU n 
1 3   THR n 
1 4   ALA n 
1 5   ALA n 
1 6   ALA n 
1 7   LYS n 
1 8   PHE n 
1 9   GLU n 
1 10  ARG n 
1 11  GLN n 
1 12  HIS n 
1 13  LEU n 
1 14  ASP n 
1 15  SER n 
1 16  NH2 n 
2 1   SER n 
2 2   SER n 
2 3   SER n 
2 4   ASN n 
2 5   TYR n 
2 6   CYS n 
2 7   ASN n 
2 8   GLN n 
2 9   MET n 
2 10  MET n 
2 11  LYS n 
2 12  SER n 
2 13  ARG n 
2 14  ASN n 
2 15  LEU n 
2 16  THR n 
2 17  LYS n 
2 18  ASP n 
2 19  ARG n 
2 20  CYS n 
2 21  LYS n 
2 22  PRO n 
2 23  VAL n 
2 24  ASN n 
2 25  THR n 
2 26  PHE n 
2 27  VAL n 
2 28  HIS n 
2 29  GLU n 
2 30  SER n 
2 31  LEU n 
2 32  ALA n 
2 33  ASP n 
2 34  VAL n 
2 35  GLN n 
2 36  ALA n 
2 37  VAL n 
2 38  CYS n 
2 39  SER n 
2 40  GLN n 
2 41  LYS n 
2 42  ASN n 
2 43  VAL n 
2 44  ALA n 
2 45  CYS n 
2 46  LYS n 
2 47  ASN n 
2 48  GLY n 
2 49  GLN n 
2 50  THR n 
2 51  ASN n 
2 52  CYS n 
2 53  TYR n 
2 54  GLN n 
2 55  SER n 
2 56  TYR n 
2 57  SER n 
2 58  THR n 
2 59  MET n 
2 60  SER n 
2 61  ILE n 
2 62  THR n 
2 63  ASP n 
2 64  CYS n 
2 65  ARG n 
2 66  GLU n 
2 67  THR n 
2 68  GLY n 
2 69  SER n 
2 70  SER n 
2 71  LYS n 
2 72  TYR n 
2 73  PRO n 
2 74  ASN n 
2 75  CYS n 
2 76  ALA n 
2 77  TYR n 
2 78  LYS n 
2 79  THR n 
2 80  THR n 
2 81  GLN n 
2 82  ALA n 
2 83  ASN n 
2 84  LYS n 
2 85  HIS n 
2 86  ILE n 
2 87  ILE n 
2 88  VAL n 
2 89  ALA n 
2 90  CYS n 
2 91  GLU n 
2 92  GLY n 
2 93  ASN n 
2 94  PRO n 
2 95  TYR n 
2 96  VAL n 
2 97  PRO n 
2 98  VAL n 
2 99  HIS n 
2 100 PHE n 
2 101 ASP n 
2 102 ALA n 
2 103 SER n 
2 104 VAL n 
# 
loop_
_entity_src_gen.entity_id 
_entity_src_gen.pdbx_src_id 
_entity_src_gen.pdbx_alt_source_flag 
_entity_src_gen.pdbx_seq_type 
_entity_src_gen.pdbx_beg_seq_num 
_entity_src_gen.pdbx_end_seq_num 
_entity_src_gen.gene_src_common_name 
_entity_src_gen.gene_src_genus 
_entity_src_gen.pdbx_gene_src_gene 
_entity_src_gen.gene_src_species 
_entity_src_gen.gene_src_strain 
_entity_src_gen.gene_src_tissue 
_entity_src_gen.gene_src_tissue_fraction 
_entity_src_gen.gene_src_details 
_entity_src_gen.pdbx_gene_src_fragment 
_entity_src_gen.pdbx_gene_src_scientific_name 
_entity_src_gen.pdbx_gene_src_ncbi_taxonomy_id 
_entity_src_gen.pdbx_gene_src_variant 
_entity_src_gen.pdbx_gene_src_cell_line 
_entity_src_gen.pdbx_gene_src_atcc 
_entity_src_gen.pdbx_gene_src_organ 
_entity_src_gen.pdbx_gene_src_organelle 
_entity_src_gen.pdbx_gene_src_cell 
_entity_src_gen.pdbx_gene_src_cellular_location 
_entity_src_gen.host_org_common_name 
_entity_src_gen.pdbx_host_org_scientific_name 
_entity_src_gen.pdbx_host_org_ncbi_taxonomy_id 
_entity_src_gen.host_org_genus 
_entity_src_gen.pdbx_host_org_gene 
_entity_src_gen.pdbx_host_org_organ 
_entity_src_gen.host_org_species 
_entity_src_gen.pdbx_host_org_tissue 
_entity_src_gen.pdbx_host_org_tissue_fraction 
_entity_src_gen.pdbx_host_org_strain 
_entity_src_gen.pdbx_host_org_variant 
_entity_src_gen.pdbx_host_org_cell_line 
_entity_src_gen.pdbx_host_org_atcc 
_entity_src_gen.pdbx_host_org_culture_collection 
_entity_src_gen.pdbx_host_org_cell 
_entity_src_gen.pdbx_host_org_organelle 
_entity_src_gen.pdbx_host_org_cellular_location 
_entity_src_gen.pdbx_host_org_vector_type 
_entity_src_gen.pdbx_host_org_vector 
_entity_src_gen.host_org_details 
_entity_src_gen.expression_system_id 
_entity_src_gen.plasmid_name 
_entity_src_gen.plasmid_details 
_entity_src_gen.pdbx_description 
1 1 sample ? ? ? cattle Bos ? ? ? ? ? ? ? 'Bos taurus' 9913 ? ? ? ?        ? ? ? ? ? ? ? ? ? ? ? ? ? ? ? ? ? ? ? ? ? ? ? ? ? ? ? 
2 1 sample ? ? ? cattle Bos ? ? ? ? ? ? ? 'Bos taurus' 9913 ? ? ? PANCREAS ? ? ? ? ? ? ? ? ? ? ? ? ? ? ? ? ? ? ? ? ? ? ? ? ? ? ? 
# 
loop_
_chem_comp.id 
_chem_comp.type 
_chem_comp.mon_nstd_flag 
_chem_comp.name 
_chem_comp.pdbx_synonyms 
_chem_comp.formula 
_chem_comp.formula_weight 
ALA 'L-peptide linking' y ALANINE         ? 'C3 H7 N O2'     89.093  
ARG 'L-peptide linking' y ARGININE        ? 'C6 H15 N4 O2 1' 175.209 
ASN 'L-peptide linking' y ASPARAGINE      ? 'C4 H8 N2 O3'    132.118 
ASP 'L-peptide linking' y 'ASPARTIC ACID' ? 'C4 H7 N O4'     133.103 
CYS 'L-peptide linking' y CYSTEINE        ? 'C3 H7 N O2 S'   121.158 
GLN 'L-peptide linking' y GLUTAMINE       ? 'C5 H10 N2 O3'   146.144 
GLU 'L-peptide linking' y 'GLUTAMIC ACID' ? 'C5 H9 N O4'     147.129 
GLY 'peptide linking'   y GLYCINE         ? 'C2 H5 N O2'     75.067  
HIS 'L-peptide linking' y HISTIDINE       ? 'C6 H10 N3 O2 1' 156.162 
HOH non-polymer         . WATER           ? 'H2 O'           18.015  
ILE 'L-peptide linking' y ISOLEUCINE      ? 'C6 H13 N O2'    131.173 
LEU 'L-peptide linking' y LEUCINE         ? 'C6 H13 N O2'    131.173 
LYS 'L-peptide linking' y LYSINE          ? 'C6 H15 N2 O2 1' 147.195 
MET 'L-peptide linking' y METHIONINE      ? 'C5 H11 N O2 S'  149.211 
NH2 non-polymer         . 'AMINO GROUP'   ? 'H2 N'           16.023  
PHE 'L-peptide linking' y PHENYLALANINE   ? 'C9 H11 N O2'    165.189 
PRO 'L-peptide linking' y PROLINE         ? 'C5 H9 N O2'     115.130 
SER 'L-peptide linking' y SERINE          ? 'C3 H7 N O3'     105.093 
SO4 non-polymer         . 'SULFATE ION'   ? 'O4 S -2'        96.063  
THR 'L-peptide linking' y THREONINE       ? 'C4 H9 N O3'     119.119 
TYR 'L-peptide linking' y TYROSINE        ? 'C9 H11 N O3'    181.189 
VAL 'L-peptide linking' y VALINE          ? 'C5 H11 N O2'    117.146 
# 
loop_
_pdbx_poly_seq_scheme.asym_id 
_pdbx_poly_seq_scheme.entity_id 
_pdbx_poly_seq_scheme.seq_id 
_pdbx_poly_seq_scheme.mon_id 
_pdbx_poly_seq_scheme.ndb_seq_num 
_pdbx_poly_seq_scheme.pdb_seq_num 
_pdbx_poly_seq_scheme.auth_seq_num 
_pdbx_poly_seq_scheme.pdb_mon_id 
_pdbx_poly_seq_scheme.auth_mon_id 
_pdbx_poly_seq_scheme.pdb_strand_id 
_pdbx_poly_seq_scheme.pdb_ins_code 
_pdbx_poly_seq_scheme.hetero 
A 1 1   LYS 1   1   1   LYS LYS S . n 
A 1 2   GLU 2   2   2   GLU GLU S . n 
A 1 3   THR 3   3   3   THR THR S . n 
A 1 4   ALA 4   4   4   ALA ALA S . n 
A 1 5   ALA 5   5   5   ALA ALA S . n 
A 1 6   ALA 6   6   6   ALA ALA S . n 
A 1 7   LYS 7   7   7   LYS LYS S . n 
A 1 8   PHE 8   8   8   PHE PHE S . n 
A 1 9   GLU 9   9   9   GLU GLU S . n 
A 1 10  ARG 10  10  10  ARG ARG S . n 
A 1 11  GLN 11  11  11  GLN GLN S . n 
A 1 12  HIS 12  12  12  HIS HIS S . n 
A 1 13  LEU 13  13  13  LEU LEU S . n 
A 1 14  ASP 14  14  14  ASP ASP S . n 
A 1 15  SER 15  15  15  SER SER S . n 
A 1 16  NH2 16  16  16  NH2 NH2 S . n 
B 2 1   SER 1   21  21  SER SER A . n 
B 2 2   SER 2   22  22  SER SER A . n 
B 2 3   SER 3   23  23  SER SER A . n 
B 2 4   ASN 4   24  24  ASN ASN A . n 
B 2 5   TYR 5   25  25  TYR TYR A . n 
B 2 6   CYS 6   26  26  CYS CYS A . n 
B 2 7   ASN 7   27  27  ASN ASN A . n 
B 2 8   GLN 8   28  28  GLN GLN A . n 
B 2 9   MET 9   29  29  MET MET A . n 
B 2 10  MET 10  30  30  MET MET A . n 
B 2 11  LYS 11  31  31  LYS LYS A . n 
B 2 12  SER 12  32  32  SER SER A . n 
B 2 13  ARG 13  33  33  ARG ARG A . n 
B 2 14  ASN 14  34  34  ASN ASN A . n 
B 2 15  LEU 15  35  35  LEU LEU A . n 
B 2 16  THR 16  36  36  THR THR A . n 
B 2 17  LYS 17  37  37  LYS LYS A . n 
B 2 18  ASP 18  38  38  ASP ASP A . n 
B 2 19  ARG 19  39  39  ARG ARG A . n 
B 2 20  CYS 20  40  40  CYS CYS A . n 
B 2 21  LYS 21  41  41  LYS LYS A . n 
B 2 22  PRO 22  42  42  PRO PRO A . n 
B 2 23  VAL 23  43  43  VAL VAL A . n 
B 2 24  ASN 24  44  44  ASN ASN A . n 
B 2 25  THR 25  45  45  THR THR A . n 
B 2 26  PHE 26  46  46  PHE PHE A . n 
B 2 27  VAL 27  47  47  VAL VAL A . n 
B 2 28  HIS 28  48  48  HIS HIS A . n 
B 2 29  GLU 29  49  49  GLU GLU A . n 
B 2 30  SER 30  50  50  SER SER A . n 
B 2 31  LEU 31  51  51  LEU LEU A . n 
B 2 32  ALA 32  52  52  ALA ALA A . n 
B 2 33  ASP 33  53  53  ASP ASP A . n 
B 2 34  VAL 34  54  54  VAL VAL A . n 
B 2 35  GLN 35  55  55  GLN GLN A . n 
B 2 36  ALA 36  56  56  ALA ALA A . n 
B 2 37  VAL 37  57  57  VAL VAL A . n 
B 2 38  CYS 38  58  58  CYS CYS A . n 
B 2 39  SER 39  59  59  SER SER A . n 
B 2 40  GLN 40  60  60  GLN GLN A . n 
B 2 41  LYS 41  61  61  LYS LYS A . n 
B 2 42  ASN 42  62  62  ASN ASN A . n 
B 2 43  VAL 43  63  63  VAL VAL A . n 
B 2 44  ALA 44  64  64  ALA ALA A . n 
B 2 45  CYS 45  65  65  CYS CYS A . n 
B 2 46  LYS 46  66  66  LYS LYS A . n 
B 2 47  ASN 47  67  67  ASN ASN A . n 
B 2 48  GLY 48  68  68  GLY GLY A . n 
B 2 49  GLN 49  69  69  GLN GLN A . n 
B 2 50  THR 50  70  70  THR THR A . n 
B 2 51  ASN 51  71  71  ASN ASN A . n 
B 2 52  CYS 52  72  72  CYS CYS A . n 
B 2 53  TYR 53  73  73  TYR TYR A . n 
B 2 54  GLN 54  74  74  GLN GLN A . n 
B 2 55  SER 55  75  75  SER SER A . n 
B 2 56  TYR 56  76  76  TYR TYR A . n 
B 2 57  SER 57  77  77  SER SER A . n 
B 2 58  THR 58  78  78  THR THR A . n 
B 2 59  MET 59  79  79  MET MET A . n 
B 2 60  SER 60  80  80  SER SER A . n 
B 2 61  ILE 61  81  81  ILE ILE A . n 
B 2 62  THR 62  82  82  THR THR A . n 
B 2 63  ASP 63  83  83  ASP ASP A . n 
B 2 64  CYS 64  84  84  CYS CYS A . n 
B 2 65  ARG 65  85  85  ARG ARG A . n 
B 2 66  GLU 66  86  86  GLU GLU A . n 
B 2 67  THR 67  87  87  THR THR A . n 
B 2 68  GLY 68  88  88  GLY GLY A . n 
B 2 69  SER 69  89  89  SER SER A . n 
B 2 70  SER 70  90  90  SER SER A . n 
B 2 71  LYS 71  91  91  LYS LYS A . n 
B 2 72  TYR 72  92  92  TYR TYR A . n 
B 2 73  PRO 73  93  93  PRO PRO A . n 
B 2 74  ASN 74  94  94  ASN ASN A . n 
B 2 75  CYS 75  95  95  CYS CYS A . n 
B 2 76  ALA 76  96  96  ALA ALA A . n 
B 2 77  TYR 77  97  97  TYR TYR A . n 
B 2 78  LYS 78  98  98  LYS LYS A . n 
B 2 79  THR 79  99  99  THR THR A . n 
B 2 80  THR 80  100 100 THR THR A . n 
B 2 81  GLN 81  101 101 GLN GLN A . n 
B 2 82  ALA 82  102 102 ALA ALA A . n 
B 2 83  ASN 83  103 103 ASN ASN A . n 
B 2 84  LYS 84  104 104 LYS LYS A . n 
B 2 85  HIS 85  105 105 HIS HIS A . n 
B 2 86  ILE 86  106 106 ILE ILE A . n 
B 2 87  ILE 87  107 107 ILE ILE A . n 
B 2 88  VAL 88  108 108 VAL VAL A . n 
B 2 89  ALA 89  109 109 ALA ALA A . n 
B 2 90  CYS 90  110 110 CYS CYS A . n 
B 2 91  GLU 91  111 111 GLU GLU A . n 
B 2 92  GLY 92  112 112 GLY GLY A . n 
B 2 93  ASN 93  113 113 ASN ASN A . n 
B 2 94  PRO 94  114 114 PRO PRO A . n 
B 2 95  TYR 95  115 115 TYR TYR A . n 
B 2 96  VAL 96  116 116 VAL VAL A . n 
B 2 97  PRO 97  117 117 PRO PRO A . n 
B 2 98  VAL 98  118 118 VAL VAL A . n 
B 2 99  HIS 99  119 119 HIS HIS A . n 
B 2 100 PHE 100 120 120 PHE PHE A . n 
B 2 101 ASP 101 121 121 ASP ASP A . n 
B 2 102 ALA 102 122 122 ALA ALA A . n 
B 2 103 SER 103 123 123 SER SER A . n 
B 2 104 VAL 104 124 124 VAL VAL A . n 
# 
loop_
_pdbx_nonpoly_scheme.asym_id 
_pdbx_nonpoly_scheme.entity_id 
_pdbx_nonpoly_scheme.mon_id 
_pdbx_nonpoly_scheme.ndb_seq_num 
_pdbx_nonpoly_scheme.pdb_seq_num 
_pdbx_nonpoly_scheme.auth_seq_num 
_pdbx_nonpoly_scheme.pdb_mon_id 
_pdbx_nonpoly_scheme.auth_mon_id 
_pdbx_nonpoly_scheme.pdb_strand_id 
_pdbx_nonpoly_scheme.pdb_ins_code 
C 3 SO4 1  125 125 SO4 SO4 A . 
D 4 HOH 1  202 202 HOH HOH S . 
D 4 HOH 2  219 219 HOH HOH S . 
D 4 HOH 3  225 225 HOH HOH S . 
D 4 HOH 4  230 230 HOH HOH S . 
D 4 HOH 5  233 233 HOH HOH S . 
D 4 HOH 6  234 234 HOH HOH S . 
D 4 HOH 7  265 265 HOH HOH S . 
D 4 HOH 8  302 302 HOH HOH S . 
D 4 HOH 9  316 316 HOH HOH S . 
D 4 HOH 10 319 319 HOH HOH S . 
E 4 HOH 1  201 201 HOH HOH A . 
E 4 HOH 2  203 203 HOH HOH A . 
E 4 HOH 3  204 204 HOH HOH A . 
E 4 HOH 4  205 205 HOH HOH A . 
E 4 HOH 5  207 207 HOH HOH A . 
E 4 HOH 6  208 208 HOH HOH A . 
E 4 HOH 7  209 209 HOH HOH A . 
E 4 HOH 8  210 210 HOH HOH A . 
E 4 HOH 9  211 211 HOH HOH A . 
E 4 HOH 10 212 212 HOH HOH A . 
E 4 HOH 11 213 213 HOH HOH A . 
E 4 HOH 12 214 214 HOH HOH A . 
E 4 HOH 13 215 215 HOH HOH A . 
E 4 HOH 14 216 216 HOH HOH A . 
E 4 HOH 15 217 217 HOH HOH A . 
E 4 HOH 16 218 218 HOH HOH A . 
E 4 HOH 17 221 221 HOH HOH A . 
E 4 HOH 18 222 222 HOH HOH A . 
E 4 HOH 19 223 223 HOH HOH A . 
E 4 HOH 20 224 224 HOH HOH A . 
E 4 HOH 21 226 226 HOH HOH A . 
E 4 HOH 22 227 227 HOH HOH A . 
E 4 HOH 23 228 228 HOH HOH A . 
E 4 HOH 24 231 231 HOH HOH A . 
E 4 HOH 25 235 235 HOH HOH A . 
E 4 HOH 26 236 236 HOH HOH A . 
E 4 HOH 27 249 249 HOH HOH A . 
E 4 HOH 28 250 250 HOH HOH A . 
E 4 HOH 29 251 251 HOH HOH A . 
E 4 HOH 30 252 252 HOH HOH A . 
E 4 HOH 31 255 255 HOH HOH A . 
E 4 HOH 32 256 256 HOH HOH A . 
E 4 HOH 33 257 257 HOH HOH A . 
E 4 HOH 34 259 259 HOH HOH A . 
E 4 HOH 35 261 261 HOH HOH A . 
E 4 HOH 36 263 263 HOH HOH A . 
E 4 HOH 37 264 264 HOH HOH A . 
E 4 HOH 38 266 266 HOH HOH A . 
E 4 HOH 39 267 267 HOH HOH A . 
E 4 HOH 40 269 269 HOH HOH A . 
E 4 HOH 41 270 270 HOH HOH A . 
E 4 HOH 42 272 272 HOH HOH A . 
E 4 HOH 43 276 276 HOH HOH A . 
E 4 HOH 44 308 308 HOH HOH A . 
E 4 HOH 45 334 334 HOH HOH A . 
E 4 HOH 46 337 337 HOH HOH A . 
E 4 HOH 47 340 340 HOH HOH A . 
E 4 HOH 48 404 404 HOH HOH A . 
# 
loop_
_software.name 
_software.classification 
_software.version 
_software.citation_id 
_software.pdbx_ordinal 
X-PLOR 'model building' . ? 1 
X-PLOR refinement       . ? 2 
X-PLOR phasing          . ? 3 
# 
_cell.entry_id           1RBH 
_cell.length_a           44.310 
_cell.length_b           44.310 
_cell.length_c           97.940 
_cell.angle_alpha        90.00 
_cell.angle_beta         90.00 
_cell.angle_gamma        120.00 
_cell.Z_PDB              6 
_cell.pdbx_unique_axis   ? 
# 
_symmetry.entry_id                         1RBH 
_symmetry.space_group_name_H-M             'P 31 2 1' 
_symmetry.pdbx_full_space_group_name_H-M   ? 
_symmetry.cell_setting                     ? 
_symmetry.Int_Tables_number                152 
# 
_exptl.entry_id          1RBH 
_exptl.method            'X-RAY DIFFRACTION' 
_exptl.crystals_number   ? 
# 
_exptl_crystal.id                    1 
_exptl_crystal.density_meas          ? 
_exptl_crystal.density_Matthews      2.09 
_exptl_crystal.density_percent_sol   41.09 
_exptl_crystal.description           ? 
# 
_refine.entry_id                                 1RBH 
_refine.ls_number_reflns_obs                     ? 
_refine.ls_number_reflns_all                     ? 
_refine.pdbx_ls_sigma_I                          ? 
_refine.pdbx_ls_sigma_F                          ? 
_refine.pdbx_data_cutoff_high_absF               ? 
_refine.pdbx_data_cutoff_low_absF                ? 
_refine.pdbx_data_cutoff_high_rms_absF           ? 
_refine.ls_d_res_low                             ? 
_refine.ls_d_res_high                            1.7 
_refine.ls_percent_reflns_obs                    ? 
_refine.ls_R_factor_obs                          0.182 
_refine.ls_R_factor_all                          ? 
_refine.ls_R_factor_R_work                       0.182 
_refine.ls_R_factor_R_free                       ? 
_refine.ls_R_factor_R_free_error                 ? 
_refine.ls_R_factor_R_free_error_details         ? 
_refine.ls_percent_reflns_R_free                 ? 
_refine.ls_number_reflns_R_free                  ? 
_refine.ls_number_parameters                     ? 
_refine.ls_number_restraints                     ? 
_refine.occupancy_min                            ? 
_refine.occupancy_max                            ? 
_refine.B_iso_mean                               ? 
_refine.aniso_B[1][1]                            ? 
_refine.aniso_B[2][2]                            ? 
_refine.aniso_B[3][3]                            ? 
_refine.aniso_B[1][2]                            ? 
_refine.aniso_B[1][3]                            ? 
_refine.aniso_B[2][3]                            ? 
_refine.solvent_model_details                    ? 
_refine.solvent_model_param_ksol                 ? 
_refine.solvent_model_param_bsol                 ? 
_refine.pdbx_ls_cross_valid_method               ? 
_refine.details                                  ? 
_refine.pdbx_starting_model                      ? 
_refine.pdbx_method_to_determine_struct          ? 
_refine.pdbx_isotropic_thermal_model             ? 
_refine.pdbx_stereochemistry_target_values       ? 
_refine.pdbx_stereochem_target_val_spec_case     ? 
_refine.pdbx_R_Free_selection_details            ? 
_refine.pdbx_overall_ESU_R                       ? 
_refine.pdbx_overall_ESU_R_Free                  ? 
_refine.overall_SU_ML                            ? 
_refine.overall_SU_B                             ? 
_refine.pdbx_refine_id                           'X-RAY DIFFRACTION' 
_refine.pdbx_diffrn_id                           1 
_refine.pdbx_TLS_residual_ADP_flag               ? 
_refine.correlation_coeff_Fo_to_Fc               ? 
_refine.correlation_coeff_Fo_to_Fc_free          ? 
_refine.pdbx_solvent_vdw_probe_radii             ? 
_refine.pdbx_solvent_ion_probe_radii             ? 
_refine.pdbx_solvent_shrinkage_radii             ? 
_refine.pdbx_overall_phase_error                 ? 
_refine.overall_SU_R_Cruickshank_DPI             ? 
_refine.pdbx_overall_SU_R_free_Cruickshank_DPI   ? 
_refine.pdbx_overall_SU_R_Blow_DPI               ? 
_refine.pdbx_overall_SU_R_free_Blow_DPI          ? 
# 
_refine_hist.pdbx_refine_id                   'X-RAY DIFFRACTION' 
_refine_hist.cycle_id                         LAST 
_refine_hist.pdbx_number_atoms_protein        957 
_refine_hist.pdbx_number_atoms_nucleic_acid   0 
_refine_hist.pdbx_number_atoms_ligand         5 
_refine_hist.number_atoms_solvent             58 
_refine_hist.number_atoms_total               1020 
_refine_hist.d_res_high                       1.7 
_refine_hist.d_res_low                        . 
# 
loop_
_refine_ls_restr.type 
_refine_ls_restr.dev_ideal 
_refine_ls_restr.dev_ideal_target 
_refine_ls_restr.weight 
_refine_ls_restr.number 
_refine_ls_restr.pdbx_refine_id 
_refine_ls_restr.pdbx_restraint_function 
x_bond_d                0.012 ? ? ? 'X-RAY DIFFRACTION' ? 
x_bond_d_na             ?     ? ? ? 'X-RAY DIFFRACTION' ? 
x_bond_d_prot           ?     ? ? ? 'X-RAY DIFFRACTION' ? 
x_angle_d               ?     ? ? ? 'X-RAY DIFFRACTION' ? 
x_angle_d_na            ?     ? ? ? 'X-RAY DIFFRACTION' ? 
x_angle_d_prot          ?     ? ? ? 'X-RAY DIFFRACTION' ? 
x_angle_deg             2.72  ? ? ? 'X-RAY DIFFRACTION' ? 
x_angle_deg_na          ?     ? ? ? 'X-RAY DIFFRACTION' ? 
x_angle_deg_prot        ?     ? ? ? 'X-RAY DIFFRACTION' ? 
x_dihedral_angle_d      ?     ? ? ? 'X-RAY DIFFRACTION' ? 
x_dihedral_angle_d_na   ?     ? ? ? 'X-RAY DIFFRACTION' ? 
x_dihedral_angle_d_prot ?     ? ? ? 'X-RAY DIFFRACTION' ? 
x_improper_angle_d      ?     ? ? ? 'X-RAY DIFFRACTION' ? 
x_improper_angle_d_na   ?     ? ? ? 'X-RAY DIFFRACTION' ? 
x_improper_angle_d_prot ?     ? ? ? 'X-RAY DIFFRACTION' ? 
x_mcbond_it             ?     ? ? ? 'X-RAY DIFFRACTION' ? 
x_mcangle_it            ?     ? ? ? 'X-RAY DIFFRACTION' ? 
x_scbond_it             ?     ? ? ? 'X-RAY DIFFRACTION' ? 
x_scangle_it            ?     ? ? ? 'X-RAY DIFFRACTION' ? 
# 
_struct.entry_id                  1RBH 
_struct.title                     
'CRYSTALLOGRAPHIC STRUCTURES OF RIBONUCLEASE S VARIANTS WITH NONPOLAR SUBSTITUTION AT POSITION 13: PACKING AND CAVITIES' 
_struct.pdbx_model_details        ? 
_struct.pdbx_CASP_flag            ? 
_struct.pdbx_model_type_details   ? 
# 
_struct_keywords.entry_id        1RBH 
_struct_keywords.pdbx_keywords   'HYDROLASE(PHOSPHORIC DIESTER,RNA)' 
_struct_keywords.text            'HYDROLASE(PHOSPHORIC DIESTER, RNA)' 
# 
loop_
_struct_asym.id 
_struct_asym.pdbx_blank_PDB_chainid_flag 
_struct_asym.pdbx_modified 
_struct_asym.entity_id 
_struct_asym.details 
A N N 1 ? 
B N N 2 ? 
C N N 3 ? 
D N N 4 ? 
E N N 4 ? 
# 
loop_
_struct_ref.id 
_struct_ref.db_name 
_struct_ref.db_code 
_struct_ref.pdbx_db_accession 
_struct_ref.entity_id 
_struct_ref.pdbx_align_begin 
_struct_ref.pdbx_db_isoform 
_struct_ref.pdbx_seq_one_letter_code 
1 UNP RNAS1_BOVIN P61823 1 27 ? ? 
2 UNP RNAS1_BOVIN P61823 2 47 ? ? 
# 
loop_
_struct_ref_seq.align_id 
_struct_ref_seq.ref_id 
_struct_ref_seq.pdbx_PDB_id_code 
_struct_ref_seq.pdbx_strand_id 
_struct_ref_seq.seq_align_beg 
_struct_ref_seq.pdbx_seq_align_beg_ins_code 
_struct_ref_seq.seq_align_end 
_struct_ref_seq.pdbx_seq_align_end_ins_code 
_struct_ref_seq.pdbx_db_accession 
_struct_ref_seq.db_align_beg 
_struct_ref_seq.pdbx_db_align_beg_ins_code 
_struct_ref_seq.db_align_end 
_struct_ref_seq.pdbx_db_align_end_ins_code 
_struct_ref_seq.pdbx_auth_seq_align_beg 
_struct_ref_seq.pdbx_auth_seq_align_end 
1 1 1RBH S 1 ? 15  ? P61823 27 ? 41  ? 1  15  
2 2 1RBH A 1 ? 104 ? P61823 47 ? 150 ? 21 124 
# 
loop_
_pdbx_struct_assembly.id 
_pdbx_struct_assembly.details 
_pdbx_struct_assembly.method_details 
_pdbx_struct_assembly.oligomeric_details 
_pdbx_struct_assembly.oligomeric_count 
1 author_and_software_defined_assembly PISA dimeric    2 
2 software_defined_assembly            PISA tetrameric 4 
# 
loop_
_pdbx_struct_assembly_prop.biol_id 
_pdbx_struct_assembly_prop.type 
_pdbx_struct_assembly_prop.value 
_pdbx_struct_assembly_prop.details 
1 'ABSA (A^2)' 1740  ? 
1 MORE         -21   ? 
1 'SSA (A^2)'  6510  ? 
2 'ABSA (A^2)' 5350  ? 
2 MORE         -50   ? 
2 'SSA (A^2)'  11140 ? 
# 
loop_
_pdbx_struct_assembly_gen.assembly_id 
_pdbx_struct_assembly_gen.oper_expression 
_pdbx_struct_assembly_gen.asym_id_list 
1 1   A,B,C,D,E 
2 1,2 A,B,C,D,E 
# 
loop_
_pdbx_struct_oper_list.id 
_pdbx_struct_oper_list.type 
_pdbx_struct_oper_list.name 
_pdbx_struct_oper_list.symmetry_operation 
_pdbx_struct_oper_list.matrix[1][1] 
_pdbx_struct_oper_list.matrix[1][2] 
_pdbx_struct_oper_list.matrix[1][3] 
_pdbx_struct_oper_list.vector[1] 
_pdbx_struct_oper_list.matrix[2][1] 
_pdbx_struct_oper_list.matrix[2][2] 
_pdbx_struct_oper_list.matrix[2][3] 
_pdbx_struct_oper_list.vector[2] 
_pdbx_struct_oper_list.matrix[3][1] 
_pdbx_struct_oper_list.matrix[3][2] 
_pdbx_struct_oper_list.matrix[3][3] 
_pdbx_struct_oper_list.vector[3] 
1 'identity operation'         1_555 x,y,z  1.0000000000 0.0000000000 0.0000000000  0.0000000000 0.0000000000 1.0000000000  0.0000000000  0.0000000000   0.0000000000  0.0000000000  1.0000000000  0.0000000000  
2 'crystal symmetry operation' 4_555 y,x,-z 0.8147539476 0.0947799024 -0.5720076704 5.6142150153 0.0947799024 -0.9950498910 -0.0298744804 -13.9381328430 -0.5720076704 -0.0298744804 -0.8197040566 15.5021767177 
# 
_struct_biol.id   1 
# 
loop_
_struct_conf.conf_type_id 
_struct_conf.id 
_struct_conf.pdbx_PDB_helix_id 
_struct_conf.beg_label_comp_id 
_struct_conf.beg_label_asym_id 
_struct_conf.beg_label_seq_id 
_struct_conf.pdbx_beg_PDB_ins_code 
_struct_conf.end_label_comp_id 
_struct_conf.end_label_asym_id 
_struct_conf.end_label_seq_id 
_struct_conf.pdbx_end_PDB_ins_code 
_struct_conf.beg_auth_comp_id 
_struct_conf.beg_auth_asym_id 
_struct_conf.beg_auth_seq_id 
_struct_conf.end_auth_comp_id 
_struct_conf.end_auth_asym_id 
_struct_conf.end_auth_seq_id 
_struct_conf.pdbx_PDB_helix_class 
_struct_conf.details 
_struct_conf.pdbx_PDB_helix_length 
HELX_P HELX_P1 H1 THR A 3  ? LEU A 13 ? THR S 3  LEU S 13 1 ?                            11 
HELX_P HELX_P2 H2 ASN B 4  ? ASN B 14 ? ASN A 24 ASN A 34 1 '34 IN 3/10 CONFORMATION'    11 
HELX_P HELX_P3 H3 SER B 30 ? GLN B 40 ? SER A 50 GLN A 60 1 '56-60 IN 3/10 CONFORMATION' 11 
# 
_struct_conf_type.id          HELX_P 
_struct_conf_type.criteria    ? 
_struct_conf_type.reference   ? 
# 
loop_
_struct_conn.id 
_struct_conn.conn_type_id 
_struct_conn.pdbx_leaving_atom_flag 
_struct_conn.pdbx_PDB_id 
_struct_conn.ptnr1_label_asym_id 
_struct_conn.ptnr1_label_comp_id 
_struct_conn.ptnr1_label_seq_id 
_struct_conn.ptnr1_label_atom_id 
_struct_conn.pdbx_ptnr1_label_alt_id 
_struct_conn.pdbx_ptnr1_PDB_ins_code 
_struct_conn.pdbx_ptnr1_standard_comp_id 
_struct_conn.ptnr1_symmetry 
_struct_conn.ptnr2_label_asym_id 
_struct_conn.ptnr2_label_comp_id 
_struct_conn.ptnr2_label_seq_id 
_struct_conn.ptnr2_label_atom_id 
_struct_conn.pdbx_ptnr2_label_alt_id 
_struct_conn.pdbx_ptnr2_PDB_ins_code 
_struct_conn.ptnr1_auth_asym_id 
_struct_conn.ptnr1_auth_comp_id 
_struct_conn.ptnr1_auth_seq_id 
_struct_conn.ptnr2_auth_asym_id 
_struct_conn.ptnr2_auth_comp_id 
_struct_conn.ptnr2_auth_seq_id 
_struct_conn.ptnr2_symmetry 
_struct_conn.pdbx_ptnr3_label_atom_id 
_struct_conn.pdbx_ptnr3_label_seq_id 
_struct_conn.pdbx_ptnr3_label_comp_id 
_struct_conn.pdbx_ptnr3_label_asym_id 
_struct_conn.pdbx_ptnr3_label_alt_id 
_struct_conn.pdbx_ptnr3_PDB_ins_code 
_struct_conn.details 
_struct_conn.pdbx_dist_value 
_struct_conn.pdbx_value_order 
_struct_conn.pdbx_role 
disulf1 disulf ?    ? B CYS 6  SG ? ? ? 1_555 B CYS 64 SG ? ? A CYS 26 A CYS 84  1_555 ? ? ? ? ? ? ? 2.022 ? ? 
disulf2 disulf ?    ? B CYS 20 SG ? ? ? 1_555 B CYS 75 SG ? ? A CYS 40 A CYS 95  1_555 ? ? ? ? ? ? ? 1.991 ? ? 
disulf3 disulf ?    ? B CYS 38 SG ? ? ? 1_555 B CYS 90 SG ? ? A CYS 58 A CYS 110 1_555 ? ? ? ? ? ? ? 1.992 ? ? 
disulf4 disulf ?    ? B CYS 45 SG ? ? ? 1_555 B CYS 52 SG ? ? A CYS 65 A CYS 72  1_555 ? ? ? ? ? ? ? 2.020 ? ? 
covale1 covale both ? A SER 15 C  ? ? ? 1_555 A NH2 16 N  ? ? S SER 15 S NH2 16  1_555 ? ? ? ? ? ? ? 1.313 ? ? 
# 
loop_
_struct_conn_type.id 
_struct_conn_type.criteria 
_struct_conn_type.reference 
disulf ? ? 
covale ? ? 
# 
loop_
_pdbx_modification_feature.ordinal 
_pdbx_modification_feature.label_comp_id 
_pdbx_modification_feature.label_asym_id 
_pdbx_modification_feature.label_seq_id 
_pdbx_modification_feature.label_alt_id 
_pdbx_modification_feature.modified_residue_label_comp_id 
_pdbx_modification_feature.modified_residue_label_asym_id 
_pdbx_modification_feature.modified_residue_label_seq_id 
_pdbx_modification_feature.modified_residue_label_alt_id 
_pdbx_modification_feature.auth_comp_id 
_pdbx_modification_feature.auth_asym_id 
_pdbx_modification_feature.auth_seq_id 
_pdbx_modification_feature.PDB_ins_code 
_pdbx_modification_feature.symmetry 
_pdbx_modification_feature.modified_residue_auth_comp_id 
_pdbx_modification_feature.modified_residue_auth_asym_id 
_pdbx_modification_feature.modified_residue_auth_seq_id 
_pdbx_modification_feature.modified_residue_PDB_ins_code 
_pdbx_modification_feature.modified_residue_symmetry 
_pdbx_modification_feature.comp_id_linking_atom 
_pdbx_modification_feature.modified_residue_id_linking_atom 
_pdbx_modification_feature.modified_residue_id 
_pdbx_modification_feature.ref_pcm_id 
_pdbx_modification_feature.ref_comp_id 
_pdbx_modification_feature.type 
_pdbx_modification_feature.category 
1 NH2 A 16 ? SER A 15 ? NH2 S 16 ? 1_555 SER S 15  ? 1_555 .  .  SER 6 NH2 None 'Terminal amidation' 
2 CYS B 6  ? CYS B 64 ? CYS A 26 ? 1_555 CYS A 84  ? 1_555 SG SG .   . .   None 'Disulfide bridge'   
3 CYS B 20 ? CYS B 75 ? CYS A 40 ? 1_555 CYS A 95  ? 1_555 SG SG .   . .   None 'Disulfide bridge'   
4 CYS B 38 ? CYS B 90 ? CYS A 58 ? 1_555 CYS A 110 ? 1_555 SG SG .   . .   None 'Disulfide bridge'   
5 CYS B 45 ? CYS B 52 ? CYS A 65 ? 1_555 CYS A 72  ? 1_555 SG SG .   . .   None 'Disulfide bridge'   
# 
loop_
_struct_mon_prot_cis.pdbx_id 
_struct_mon_prot_cis.label_comp_id 
_struct_mon_prot_cis.label_seq_id 
_struct_mon_prot_cis.label_asym_id 
_struct_mon_prot_cis.label_alt_id 
_struct_mon_prot_cis.pdbx_PDB_ins_code 
_struct_mon_prot_cis.auth_comp_id 
_struct_mon_prot_cis.auth_seq_id 
_struct_mon_prot_cis.auth_asym_id 
_struct_mon_prot_cis.pdbx_label_comp_id_2 
_struct_mon_prot_cis.pdbx_label_seq_id_2 
_struct_mon_prot_cis.pdbx_label_asym_id_2 
_struct_mon_prot_cis.pdbx_PDB_ins_code_2 
_struct_mon_prot_cis.pdbx_auth_comp_id_2 
_struct_mon_prot_cis.pdbx_auth_seq_id_2 
_struct_mon_prot_cis.pdbx_auth_asym_id_2 
_struct_mon_prot_cis.pdbx_PDB_model_num 
_struct_mon_prot_cis.pdbx_omega_angle 
1 TYR 72 B . ? TYR 92  A PRO 73 B ? PRO 93  A 1 3.45  
2 ASN 93 B . ? ASN 113 A PRO 94 B ? PRO 114 A 1 -5.01 
# 
loop_
_struct_sheet.id 
_struct_sheet.type 
_struct_sheet.number_strands 
_struct_sheet.details 
S1 ? 3 ? 
S2 ? 4 ? 
# 
loop_
_struct_sheet_order.sheet_id 
_struct_sheet_order.range_id_1 
_struct_sheet_order.range_id_2 
_struct_sheet_order.offset 
_struct_sheet_order.sense 
S1 1 2 ? anti-parallel 
S1 2 3 ? anti-parallel 
S2 1 2 ? anti-parallel 
S2 2 3 ? anti-parallel 
S2 3 4 ? anti-parallel 
# 
loop_
_struct_sheet_range.sheet_id 
_struct_sheet_range.id 
_struct_sheet_range.beg_label_comp_id 
_struct_sheet_range.beg_label_asym_id 
_struct_sheet_range.beg_label_seq_id 
_struct_sheet_range.pdbx_beg_PDB_ins_code 
_struct_sheet_range.end_label_comp_id 
_struct_sheet_range.end_label_asym_id 
_struct_sheet_range.end_label_seq_id 
_struct_sheet_range.pdbx_end_PDB_ins_code 
_struct_sheet_range.beg_auth_comp_id 
_struct_sheet_range.beg_auth_asym_id 
_struct_sheet_range.beg_auth_seq_id 
_struct_sheet_range.end_auth_comp_id 
_struct_sheet_range.end_auth_asym_id 
_struct_sheet_range.end_auth_seq_id 
S1 1 LYS B 21 ? HIS B 28  ? LYS A 41  HIS A 48  
S1 2 MET B 59 ? THR B 67  ? MET A 79  THR A 87  
S1 3 ALA B 76 ? LYS B 84  ? ALA A 96  LYS A 104 
S2 1 LYS B 41 ? ALA B 44  ? LYS A 61  ALA A 64  
S2 2 ASN B 51 ? SER B 55  ? ASN A 71  SER A 75  
S2 3 HIS B 85 ? GLU B 91  ? HIS A 105 GLU A 111 
S2 4 VAL B 96 ? VAL B 104 ? VAL A 116 VAL A 124 
# 
loop_
_struct_site.id 
_struct_site.pdbx_evidence_code 
_struct_site.pdbx_auth_asym_id 
_struct_site.pdbx_auth_comp_id 
_struct_site.pdbx_auth_seq_id 
_struct_site.pdbx_auth_ins_code 
_struct_site.pdbx_num_residues 
_struct_site.details 
ACT Unknown  ? ?   ?   ? 9 ?                                    
AC1 Software A SO4 125 ? 5 'BINDING SITE FOR RESIDUE SO4 A 125' 
# 
loop_
_struct_site_gen.id 
_struct_site_gen.site_id 
_struct_site_gen.pdbx_num_res 
_struct_site_gen.label_comp_id 
_struct_site_gen.label_asym_id 
_struct_site_gen.label_seq_id 
_struct_site_gen.pdbx_auth_ins_code 
_struct_site_gen.auth_comp_id 
_struct_site_gen.auth_asym_id 
_struct_site_gen.auth_seq_id 
_struct_site_gen.label_atom_id 
_struct_site_gen.label_alt_id 
_struct_site_gen.symmetry 
_struct_site_gen.details 
1  ACT 9 HIS A 12  ? HIS S 12  . ? 1_555 ? 
2  ACT 9 LYS B 21  ? LYS A 41  . ? 1_555 ? 
3  ACT 9 VAL B 23  ? VAL A 43  . ? 1_555 ? 
4  ACT 9 ASN B 24  ? ASN A 44  . ? 1_555 ? 
5  ACT 9 THR B 25  ? THR A 45  . ? 1_555 ? 
6  ACT 9 HIS B 99  ? HIS A 119 . ? 1_555 ? 
7  ACT 9 PHE B 100 ? PHE A 120 . ? 1_555 ? 
8  ACT 9 ASP B 101 ? ASP A 121 . ? 1_555 ? 
9  ACT 9 SER B 103 ? SER A 123 . ? 1_555 ? 
10 AC1 5 HIS B 99  ? HIS A 119 . ? 1_555 ? 
11 AC1 5 PHE B 100 ? PHE A 120 . ? 1_555 ? 
12 AC1 5 HOH E .   ? HOH A 216 . ? 1_555 ? 
13 AC1 5 GLN A 11  ? GLN S 11  . ? 1_555 ? 
14 AC1 5 HIS A 12  ? HIS S 12  . ? 1_555 ? 
# 
_pdbx_entry_details.entry_id                   1RBH 
_pdbx_entry_details.compound_details           ? 
_pdbx_entry_details.source_details             ? 
_pdbx_entry_details.nonpolymer_details         ? 
_pdbx_entry_details.sequence_details           ? 
_pdbx_entry_details.has_ligand_of_interest     ? 
_pdbx_entry_details.has_protein_modification   Y 
# 
loop_
_pdbx_validate_rmsd_bond.id 
_pdbx_validate_rmsd_bond.PDB_model_num 
_pdbx_validate_rmsd_bond.auth_atom_id_1 
_pdbx_validate_rmsd_bond.auth_asym_id_1 
_pdbx_validate_rmsd_bond.auth_comp_id_1 
_pdbx_validate_rmsd_bond.auth_seq_id_1 
_pdbx_validate_rmsd_bond.PDB_ins_code_1 
_pdbx_validate_rmsd_bond.label_alt_id_1 
_pdbx_validate_rmsd_bond.auth_atom_id_2 
_pdbx_validate_rmsd_bond.auth_asym_id_2 
_pdbx_validate_rmsd_bond.auth_comp_id_2 
_pdbx_validate_rmsd_bond.auth_seq_id_2 
_pdbx_validate_rmsd_bond.PDB_ins_code_2 
_pdbx_validate_rmsd_bond.label_alt_id_2 
_pdbx_validate_rmsd_bond.bond_value 
_pdbx_validate_rmsd_bond.bond_target_value 
_pdbx_validate_rmsd_bond.bond_deviation 
_pdbx_validate_rmsd_bond.bond_standard_deviation 
_pdbx_validate_rmsd_bond.linker_flag 
1 1 NE2 S HIS 12  ? ? CD2 S HIS 12  ? ? 1.299 1.373 -0.074 0.011 N 
2 1 NE2 A HIS 105 ? ? CD2 A HIS 105 ? ? 1.302 1.373 -0.071 0.011 N 
3 1 NE2 A HIS 119 ? ? CD2 A HIS 119 ? ? 1.307 1.373 -0.066 0.011 N 
# 
loop_
_pdbx_validate_rmsd_angle.id 
_pdbx_validate_rmsd_angle.PDB_model_num 
_pdbx_validate_rmsd_angle.auth_atom_id_1 
_pdbx_validate_rmsd_angle.auth_asym_id_1 
_pdbx_validate_rmsd_angle.auth_comp_id_1 
_pdbx_validate_rmsd_angle.auth_seq_id_1 
_pdbx_validate_rmsd_angle.PDB_ins_code_1 
_pdbx_validate_rmsd_angle.label_alt_id_1 
_pdbx_validate_rmsd_angle.auth_atom_id_2 
_pdbx_validate_rmsd_angle.auth_asym_id_2 
_pdbx_validate_rmsd_angle.auth_comp_id_2 
_pdbx_validate_rmsd_angle.auth_seq_id_2 
_pdbx_validate_rmsd_angle.PDB_ins_code_2 
_pdbx_validate_rmsd_angle.label_alt_id_2 
_pdbx_validate_rmsd_angle.auth_atom_id_3 
_pdbx_validate_rmsd_angle.auth_asym_id_3 
_pdbx_validate_rmsd_angle.auth_comp_id_3 
_pdbx_validate_rmsd_angle.auth_seq_id_3 
_pdbx_validate_rmsd_angle.PDB_ins_code_3 
_pdbx_validate_rmsd_angle.label_alt_id_3 
_pdbx_validate_rmsd_angle.angle_value 
_pdbx_validate_rmsd_angle.angle_target_value 
_pdbx_validate_rmsd_angle.angle_deviation 
_pdbx_validate_rmsd_angle.angle_standard_deviation 
_pdbx_validate_rmsd_angle.linker_flag 
1 1 NE S ARG 10 ? ? CZ S ARG 10 ? ? NH2 S ARG 10 ? ? 116.64 120.30 -3.66 0.50 N 
2 1 N  A SER 23 ? ? CA A SER 23 ? ? C   A SER 23 ? ? 129.34 111.00 18.34 2.70 N 
3 1 NE A ARG 39 ? A CZ A ARG 39 ? A NH1 A ARG 39 ? A 123.90 120.30 3.60  0.50 N 
4 1 NE A ARG 39 ? A CZ A ARG 39 ? A NH2 A ARG 39 ? A 116.09 120.30 -4.21 0.50 N 
# 
loop_
_pdbx_validate_torsion.id 
_pdbx_validate_torsion.PDB_model_num 
_pdbx_validate_torsion.auth_comp_id 
_pdbx_validate_torsion.auth_asym_id 
_pdbx_validate_torsion.auth_seq_id 
_pdbx_validate_torsion.PDB_ins_code 
_pdbx_validate_torsion.label_alt_id 
_pdbx_validate_torsion.phi 
_pdbx_validate_torsion.psi 
1 1 SER A 23 ? ? 18.43   13.00   
2 1 HIS A 48 ? ? -101.78 69.81   
3 1 GLN A 60 ? ? -101.16 -131.60 
# 
_pdbx_validate_planes.id              1 
_pdbx_validate_planes.PDB_model_num   1 
_pdbx_validate_planes.auth_comp_id    TYR 
_pdbx_validate_planes.auth_asym_id    A 
_pdbx_validate_planes.auth_seq_id     97 
_pdbx_validate_planes.PDB_ins_code    ? 
_pdbx_validate_planes.label_alt_id    ? 
_pdbx_validate_planes.rmsd            0.067 
_pdbx_validate_planes.type            'SIDE CHAIN' 
# 
loop_
_chem_comp_atom.comp_id 
_chem_comp_atom.atom_id 
_chem_comp_atom.type_symbol 
_chem_comp_atom.pdbx_aromatic_flag 
_chem_comp_atom.pdbx_stereo_config 
_chem_comp_atom.pdbx_ordinal 
ALA N    N N N 1   
ALA CA   C N S 2   
ALA C    C N N 3   
ALA O    O N N 4   
ALA CB   C N N 5   
ALA OXT  O N N 6   
ALA H    H N N 7   
ALA H2   H N N 8   
ALA HA   H N N 9   
ALA HB1  H N N 10  
ALA HB2  H N N 11  
ALA HB3  H N N 12  
ALA HXT  H N N 13  
ARG N    N N N 14  
ARG CA   C N S 15  
ARG C    C N N 16  
ARG O    O N N 17  
ARG CB   C N N 18  
ARG CG   C N N 19  
ARG CD   C N N 20  
ARG NE   N N N 21  
ARG CZ   C N N 22  
ARG NH1  N N N 23  
ARG NH2  N N N 24  
ARG OXT  O N N 25  
ARG H    H N N 26  
ARG H2   H N N 27  
ARG HA   H N N 28  
ARG HB2  H N N 29  
ARG HB3  H N N 30  
ARG HG2  H N N 31  
ARG HG3  H N N 32  
ARG HD2  H N N 33  
ARG HD3  H N N 34  
ARG HE   H N N 35  
ARG HH11 H N N 36  
ARG HH12 H N N 37  
ARG HH21 H N N 38  
ARG HH22 H N N 39  
ARG HXT  H N N 40  
ASN N    N N N 41  
ASN CA   C N S 42  
ASN C    C N N 43  
ASN O    O N N 44  
ASN CB   C N N 45  
ASN CG   C N N 46  
ASN OD1  O N N 47  
ASN ND2  N N N 48  
ASN OXT  O N N 49  
ASN H    H N N 50  
ASN H2   H N N 51  
ASN HA   H N N 52  
ASN HB2  H N N 53  
ASN HB3  H N N 54  
ASN HD21 H N N 55  
ASN HD22 H N N 56  
ASN HXT  H N N 57  
ASP N    N N N 58  
ASP CA   C N S 59  
ASP C    C N N 60  
ASP O    O N N 61  
ASP CB   C N N 62  
ASP CG   C N N 63  
ASP OD1  O N N 64  
ASP OD2  O N N 65  
ASP OXT  O N N 66  
ASP H    H N N 67  
ASP H2   H N N 68  
ASP HA   H N N 69  
ASP HB2  H N N 70  
ASP HB3  H N N 71  
ASP HD2  H N N 72  
ASP HXT  H N N 73  
CYS N    N N N 74  
CYS CA   C N R 75  
CYS C    C N N 76  
CYS O    O N N 77  
CYS CB   C N N 78  
CYS SG   S N N 79  
CYS OXT  O N N 80  
CYS H    H N N 81  
CYS H2   H N N 82  
CYS HA   H N N 83  
CYS HB2  H N N 84  
CYS HB3  H N N 85  
CYS HG   H N N 86  
CYS HXT  H N N 87  
GLN N    N N N 88  
GLN CA   C N S 89  
GLN C    C N N 90  
GLN O    O N N 91  
GLN CB   C N N 92  
GLN CG   C N N 93  
GLN CD   C N N 94  
GLN OE1  O N N 95  
GLN NE2  N N N 96  
GLN OXT  O N N 97  
GLN H    H N N 98  
GLN H2   H N N 99  
GLN HA   H N N 100 
GLN HB2  H N N 101 
GLN HB3  H N N 102 
GLN HG2  H N N 103 
GLN HG3  H N N 104 
GLN HE21 H N N 105 
GLN HE22 H N N 106 
GLN HXT  H N N 107 
GLU N    N N N 108 
GLU CA   C N S 109 
GLU C    C N N 110 
GLU O    O N N 111 
GLU CB   C N N 112 
GLU CG   C N N 113 
GLU CD   C N N 114 
GLU OE1  O N N 115 
GLU OE2  O N N 116 
GLU OXT  O N N 117 
GLU H    H N N 118 
GLU H2   H N N 119 
GLU HA   H N N 120 
GLU HB2  H N N 121 
GLU HB3  H N N 122 
GLU HG2  H N N 123 
GLU HG3  H N N 124 
GLU HE2  H N N 125 
GLU HXT  H N N 126 
GLY N    N N N 127 
GLY CA   C N N 128 
GLY C    C N N 129 
GLY O    O N N 130 
GLY OXT  O N N 131 
GLY H    H N N 132 
GLY H2   H N N 133 
GLY HA2  H N N 134 
GLY HA3  H N N 135 
GLY HXT  H N N 136 
HIS N    N N N 137 
HIS CA   C N S 138 
HIS C    C N N 139 
HIS O    O N N 140 
HIS CB   C N N 141 
HIS CG   C Y N 142 
HIS ND1  N Y N 143 
HIS CD2  C Y N 144 
HIS CE1  C Y N 145 
HIS NE2  N Y N 146 
HIS OXT  O N N 147 
HIS H    H N N 148 
HIS H2   H N N 149 
HIS HA   H N N 150 
HIS HB2  H N N 151 
HIS HB3  H N N 152 
HIS HD1  H N N 153 
HIS HD2  H N N 154 
HIS HE1  H N N 155 
HIS HE2  H N N 156 
HIS HXT  H N N 157 
HOH O    O N N 158 
HOH H1   H N N 159 
HOH H2   H N N 160 
ILE N    N N N 161 
ILE CA   C N S 162 
ILE C    C N N 163 
ILE O    O N N 164 
ILE CB   C N S 165 
ILE CG1  C N N 166 
ILE CG2  C N N 167 
ILE CD1  C N N 168 
ILE OXT  O N N 169 
ILE H    H N N 170 
ILE H2   H N N 171 
ILE HA   H N N 172 
ILE HB   H N N 173 
ILE HG12 H N N 174 
ILE HG13 H N N 175 
ILE HG21 H N N 176 
ILE HG22 H N N 177 
ILE HG23 H N N 178 
ILE HD11 H N N 179 
ILE HD12 H N N 180 
ILE HD13 H N N 181 
ILE HXT  H N N 182 
LEU N    N N N 183 
LEU CA   C N S 184 
LEU C    C N N 185 
LEU O    O N N 186 
LEU CB   C N N 187 
LEU CG   C N N 188 
LEU CD1  C N N 189 
LEU CD2  C N N 190 
LEU OXT  O N N 191 
LEU H    H N N 192 
LEU H2   H N N 193 
LEU HA   H N N 194 
LEU HB2  H N N 195 
LEU HB3  H N N 196 
LEU HG   H N N 197 
LEU HD11 H N N 198 
LEU HD12 H N N 199 
LEU HD13 H N N 200 
LEU HD21 H N N 201 
LEU HD22 H N N 202 
LEU HD23 H N N 203 
LEU HXT  H N N 204 
LYS N    N N N 205 
LYS CA   C N S 206 
LYS C    C N N 207 
LYS O    O N N 208 
LYS CB   C N N 209 
LYS CG   C N N 210 
LYS CD   C N N 211 
LYS CE   C N N 212 
LYS NZ   N N N 213 
LYS OXT  O N N 214 
LYS H    H N N 215 
LYS H2   H N N 216 
LYS HA   H N N 217 
LYS HB2  H N N 218 
LYS HB3  H N N 219 
LYS HG2  H N N 220 
LYS HG3  H N N 221 
LYS HD2  H N N 222 
LYS HD3  H N N 223 
LYS HE2  H N N 224 
LYS HE3  H N N 225 
LYS HZ1  H N N 226 
LYS HZ2  H N N 227 
LYS HZ3  H N N 228 
LYS HXT  H N N 229 
MET N    N N N 230 
MET CA   C N S 231 
MET C    C N N 232 
MET O    O N N 233 
MET CB   C N N 234 
MET CG   C N N 235 
MET SD   S N N 236 
MET CE   C N N 237 
MET OXT  O N N 238 
MET H    H N N 239 
MET H2   H N N 240 
MET HA   H N N 241 
MET HB2  H N N 242 
MET HB3  H N N 243 
MET HG2  H N N 244 
MET HG3  H N N 245 
MET HE1  H N N 246 
MET HE2  H N N 247 
MET HE3  H N N 248 
MET HXT  H N N 249 
NH2 N    N N N 250 
NH2 HN1  H N N 251 
NH2 HN2  H N N 252 
PHE N    N N N 253 
PHE CA   C N S 254 
PHE C    C N N 255 
PHE O    O N N 256 
PHE CB   C N N 257 
PHE CG   C Y N 258 
PHE CD1  C Y N 259 
PHE CD2  C Y N 260 
PHE CE1  C Y N 261 
PHE CE2  C Y N 262 
PHE CZ   C Y N 263 
PHE OXT  O N N 264 
PHE H    H N N 265 
PHE H2   H N N 266 
PHE HA   H N N 267 
PHE HB2  H N N 268 
PHE HB3  H N N 269 
PHE HD1  H N N 270 
PHE HD2  H N N 271 
PHE HE1  H N N 272 
PHE HE2  H N N 273 
PHE HZ   H N N 274 
PHE HXT  H N N 275 
PRO N    N N N 276 
PRO CA   C N S 277 
PRO C    C N N 278 
PRO O    O N N 279 
PRO CB   C N N 280 
PRO CG   C N N 281 
PRO CD   C N N 282 
PRO OXT  O N N 283 
PRO H    H N N 284 
PRO HA   H N N 285 
PRO HB2  H N N 286 
PRO HB3  H N N 287 
PRO HG2  H N N 288 
PRO HG3  H N N 289 
PRO HD2  H N N 290 
PRO HD3  H N N 291 
PRO HXT  H N N 292 
SER N    N N N 293 
SER CA   C N S 294 
SER C    C N N 295 
SER O    O N N 296 
SER CB   C N N 297 
SER OG   O N N 298 
SER OXT  O N N 299 
SER H    H N N 300 
SER H2   H N N 301 
SER HA   H N N 302 
SER HB2  H N N 303 
SER HB3  H N N 304 
SER HG   H N N 305 
SER HXT  H N N 306 
SO4 S    S N N 307 
SO4 O1   O N N 308 
SO4 O2   O N N 309 
SO4 O3   O N N 310 
SO4 O4   O N N 311 
THR N    N N N 312 
THR CA   C N S 313 
THR C    C N N 314 
THR O    O N N 315 
THR CB   C N R 316 
THR OG1  O N N 317 
THR CG2  C N N 318 
THR OXT  O N N 319 
THR H    H N N 320 
THR H2   H N N 321 
THR HA   H N N 322 
THR HB   H N N 323 
THR HG1  H N N 324 
THR HG21 H N N 325 
THR HG22 H N N 326 
THR HG23 H N N 327 
THR HXT  H N N 328 
TYR N    N N N 329 
TYR CA   C N S 330 
TYR C    C N N 331 
TYR O    O N N 332 
TYR CB   C N N 333 
TYR CG   C Y N 334 
TYR CD1  C Y N 335 
TYR CD2  C Y N 336 
TYR CE1  C Y N 337 
TYR CE2  C Y N 338 
TYR CZ   C Y N 339 
TYR OH   O N N 340 
TYR OXT  O N N 341 
TYR H    H N N 342 
TYR H2   H N N 343 
TYR HA   H N N 344 
TYR HB2  H N N 345 
TYR HB3  H N N 346 
TYR HD1  H N N 347 
TYR HD2  H N N 348 
TYR HE1  H N N 349 
TYR HE2  H N N 350 
TYR HH   H N N 351 
TYR HXT  H N N 352 
VAL N    N N N 353 
VAL CA   C N S 354 
VAL C    C N N 355 
VAL O    O N N 356 
VAL CB   C N N 357 
VAL CG1  C N N 358 
VAL CG2  C N N 359 
VAL OXT  O N N 360 
VAL H    H N N 361 
VAL H2   H N N 362 
VAL HA   H N N 363 
VAL HB   H N N 364 
VAL HG11 H N N 365 
VAL HG12 H N N 366 
VAL HG13 H N N 367 
VAL HG21 H N N 368 
VAL HG22 H N N 369 
VAL HG23 H N N 370 
VAL HXT  H N N 371 
# 
loop_
_chem_comp_bond.comp_id 
_chem_comp_bond.atom_id_1 
_chem_comp_bond.atom_id_2 
_chem_comp_bond.value_order 
_chem_comp_bond.pdbx_aromatic_flag 
_chem_comp_bond.pdbx_stereo_config 
_chem_comp_bond.pdbx_ordinal 
ALA N   CA   sing N N 1   
ALA N   H    sing N N 2   
ALA N   H2   sing N N 3   
ALA CA  C    sing N N 4   
ALA CA  CB   sing N N 5   
ALA CA  HA   sing N N 6   
ALA C   O    doub N N 7   
ALA C   OXT  sing N N 8   
ALA CB  HB1  sing N N 9   
ALA CB  HB2  sing N N 10  
ALA CB  HB3  sing N N 11  
ALA OXT HXT  sing N N 12  
ARG N   CA   sing N N 13  
ARG N   H    sing N N 14  
ARG N   H2   sing N N 15  
ARG CA  C    sing N N 16  
ARG CA  CB   sing N N 17  
ARG CA  HA   sing N N 18  
ARG C   O    doub N N 19  
ARG C   OXT  sing N N 20  
ARG CB  CG   sing N N 21  
ARG CB  HB2  sing N N 22  
ARG CB  HB3  sing N N 23  
ARG CG  CD   sing N N 24  
ARG CG  HG2  sing N N 25  
ARG CG  HG3  sing N N 26  
ARG CD  NE   sing N N 27  
ARG CD  HD2  sing N N 28  
ARG CD  HD3  sing N N 29  
ARG NE  CZ   sing N N 30  
ARG NE  HE   sing N N 31  
ARG CZ  NH1  sing N N 32  
ARG CZ  NH2  doub N N 33  
ARG NH1 HH11 sing N N 34  
ARG NH1 HH12 sing N N 35  
ARG NH2 HH21 sing N N 36  
ARG NH2 HH22 sing N N 37  
ARG OXT HXT  sing N N 38  
ASN N   CA   sing N N 39  
ASN N   H    sing N N 40  
ASN N   H2   sing N N 41  
ASN CA  C    sing N N 42  
ASN CA  CB   sing N N 43  
ASN CA  HA   sing N N 44  
ASN C   O    doub N N 45  
ASN C   OXT  sing N N 46  
ASN CB  CG   sing N N 47  
ASN CB  HB2  sing N N 48  
ASN CB  HB3  sing N N 49  
ASN CG  OD1  doub N N 50  
ASN CG  ND2  sing N N 51  
ASN ND2 HD21 sing N N 52  
ASN ND2 HD22 sing N N 53  
ASN OXT HXT  sing N N 54  
ASP N   CA   sing N N 55  
ASP N   H    sing N N 56  
ASP N   H2   sing N N 57  
ASP CA  C    sing N N 58  
ASP CA  CB   sing N N 59  
ASP CA  HA   sing N N 60  
ASP C   O    doub N N 61  
ASP C   OXT  sing N N 62  
ASP CB  CG   sing N N 63  
ASP CB  HB2  sing N N 64  
ASP CB  HB3  sing N N 65  
ASP CG  OD1  doub N N 66  
ASP CG  OD2  sing N N 67  
ASP OD2 HD2  sing N N 68  
ASP OXT HXT  sing N N 69  
CYS N   CA   sing N N 70  
CYS N   H    sing N N 71  
CYS N   H2   sing N N 72  
CYS CA  C    sing N N 73  
CYS CA  CB   sing N N 74  
CYS CA  HA   sing N N 75  
CYS C   O    doub N N 76  
CYS C   OXT  sing N N 77  
CYS CB  SG   sing N N 78  
CYS CB  HB2  sing N N 79  
CYS CB  HB3  sing N N 80  
CYS SG  HG   sing N N 81  
CYS OXT HXT  sing N N 82  
GLN N   CA   sing N N 83  
GLN N   H    sing N N 84  
GLN N   H2   sing N N 85  
GLN CA  C    sing N N 86  
GLN CA  CB   sing N N 87  
GLN CA  HA   sing N N 88  
GLN C   O    doub N N 89  
GLN C   OXT  sing N N 90  
GLN CB  CG   sing N N 91  
GLN CB  HB2  sing N N 92  
GLN CB  HB3  sing N N 93  
GLN CG  CD   sing N N 94  
GLN CG  HG2  sing N N 95  
GLN CG  HG3  sing N N 96  
GLN CD  OE1  doub N N 97  
GLN CD  NE2  sing N N 98  
GLN NE2 HE21 sing N N 99  
GLN NE2 HE22 sing N N 100 
GLN OXT HXT  sing N N 101 
GLU N   CA   sing N N 102 
GLU N   H    sing N N 103 
GLU N   H2   sing N N 104 
GLU CA  C    sing N N 105 
GLU CA  CB   sing N N 106 
GLU CA  HA   sing N N 107 
GLU C   O    doub N N 108 
GLU C   OXT  sing N N 109 
GLU CB  CG   sing N N 110 
GLU CB  HB2  sing N N 111 
GLU CB  HB3  sing N N 112 
GLU CG  CD   sing N N 113 
GLU CG  HG2  sing N N 114 
GLU CG  HG3  sing N N 115 
GLU CD  OE1  doub N N 116 
GLU CD  OE2  sing N N 117 
GLU OE2 HE2  sing N N 118 
GLU OXT HXT  sing N N 119 
GLY N   CA   sing N N 120 
GLY N   H    sing N N 121 
GLY N   H2   sing N N 122 
GLY CA  C    sing N N 123 
GLY CA  HA2  sing N N 124 
GLY CA  HA3  sing N N 125 
GLY C   O    doub N N 126 
GLY C   OXT  sing N N 127 
GLY OXT HXT  sing N N 128 
HIS N   CA   sing N N 129 
HIS N   H    sing N N 130 
HIS N   H2   sing N N 131 
HIS CA  C    sing N N 132 
HIS CA  CB   sing N N 133 
HIS CA  HA   sing N N 134 
HIS C   O    doub N N 135 
HIS C   OXT  sing N N 136 
HIS CB  CG   sing N N 137 
HIS CB  HB2  sing N N 138 
HIS CB  HB3  sing N N 139 
HIS CG  ND1  sing Y N 140 
HIS CG  CD2  doub Y N 141 
HIS ND1 CE1  doub Y N 142 
HIS ND1 HD1  sing N N 143 
HIS CD2 NE2  sing Y N 144 
HIS CD2 HD2  sing N N 145 
HIS CE1 NE2  sing Y N 146 
HIS CE1 HE1  sing N N 147 
HIS NE2 HE2  sing N N 148 
HIS OXT HXT  sing N N 149 
HOH O   H1   sing N N 150 
HOH O   H2   sing N N 151 
ILE N   CA   sing N N 152 
ILE N   H    sing N N 153 
ILE N   H2   sing N N 154 
ILE CA  C    sing N N 155 
ILE CA  CB   sing N N 156 
ILE CA  HA   sing N N 157 
ILE C   O    doub N N 158 
ILE C   OXT  sing N N 159 
ILE CB  CG1  sing N N 160 
ILE CB  CG2  sing N N 161 
ILE CB  HB   sing N N 162 
ILE CG1 CD1  sing N N 163 
ILE CG1 HG12 sing N N 164 
ILE CG1 HG13 sing N N 165 
ILE CG2 HG21 sing N N 166 
ILE CG2 HG22 sing N N 167 
ILE CG2 HG23 sing N N 168 
ILE CD1 HD11 sing N N 169 
ILE CD1 HD12 sing N N 170 
ILE CD1 HD13 sing N N 171 
ILE OXT HXT  sing N N 172 
LEU N   CA   sing N N 173 
LEU N   H    sing N N 174 
LEU N   H2   sing N N 175 
LEU CA  C    sing N N 176 
LEU CA  CB   sing N N 177 
LEU CA  HA   sing N N 178 
LEU C   O    doub N N 179 
LEU C   OXT  sing N N 180 
LEU CB  CG   sing N N 181 
LEU CB  HB2  sing N N 182 
LEU CB  HB3  sing N N 183 
LEU CG  CD1  sing N N 184 
LEU CG  CD2  sing N N 185 
LEU CG  HG   sing N N 186 
LEU CD1 HD11 sing N N 187 
LEU CD1 HD12 sing N N 188 
LEU CD1 HD13 sing N N 189 
LEU CD2 HD21 sing N N 190 
LEU CD2 HD22 sing N N 191 
LEU CD2 HD23 sing N N 192 
LEU OXT HXT  sing N N 193 
LYS N   CA   sing N N 194 
LYS N   H    sing N N 195 
LYS N   H2   sing N N 196 
LYS CA  C    sing N N 197 
LYS CA  CB   sing N N 198 
LYS CA  HA   sing N N 199 
LYS C   O    doub N N 200 
LYS C   OXT  sing N N 201 
LYS CB  CG   sing N N 202 
LYS CB  HB2  sing N N 203 
LYS CB  HB3  sing N N 204 
LYS CG  CD   sing N N 205 
LYS CG  HG2  sing N N 206 
LYS CG  HG3  sing N N 207 
LYS CD  CE   sing N N 208 
LYS CD  HD2  sing N N 209 
LYS CD  HD3  sing N N 210 
LYS CE  NZ   sing N N 211 
LYS CE  HE2  sing N N 212 
LYS CE  HE3  sing N N 213 
LYS NZ  HZ1  sing N N 214 
LYS NZ  HZ2  sing N N 215 
LYS NZ  HZ3  sing N N 216 
LYS OXT HXT  sing N N 217 
MET N   CA   sing N N 218 
MET N   H    sing N N 219 
MET N   H2   sing N N 220 
MET CA  C    sing N N 221 
MET CA  CB   sing N N 222 
MET CA  HA   sing N N 223 
MET C   O    doub N N 224 
MET C   OXT  sing N N 225 
MET CB  CG   sing N N 226 
MET CB  HB2  sing N N 227 
MET CB  HB3  sing N N 228 
MET CG  SD   sing N N 229 
MET CG  HG2  sing N N 230 
MET CG  HG3  sing N N 231 
MET SD  CE   sing N N 232 
MET CE  HE1  sing N N 233 
MET CE  HE2  sing N N 234 
MET CE  HE3  sing N N 235 
MET OXT HXT  sing N N 236 
NH2 N   HN1  sing N N 237 
NH2 N   HN2  sing N N 238 
PHE N   CA   sing N N 239 
PHE N   H    sing N N 240 
PHE N   H2   sing N N 241 
PHE CA  C    sing N N 242 
PHE CA  CB   sing N N 243 
PHE CA  HA   sing N N 244 
PHE C   O    doub N N 245 
PHE C   OXT  sing N N 246 
PHE CB  CG   sing N N 247 
PHE CB  HB2  sing N N 248 
PHE CB  HB3  sing N N 249 
PHE CG  CD1  doub Y N 250 
PHE CG  CD2  sing Y N 251 
PHE CD1 CE1  sing Y N 252 
PHE CD1 HD1  sing N N 253 
PHE CD2 CE2  doub Y N 254 
PHE CD2 HD2  sing N N 255 
PHE CE1 CZ   doub Y N 256 
PHE CE1 HE1  sing N N 257 
PHE CE2 CZ   sing Y N 258 
PHE CE2 HE2  sing N N 259 
PHE CZ  HZ   sing N N 260 
PHE OXT HXT  sing N N 261 
PRO N   CA   sing N N 262 
PRO N   CD   sing N N 263 
PRO N   H    sing N N 264 
PRO CA  C    sing N N 265 
PRO CA  CB   sing N N 266 
PRO CA  HA   sing N N 267 
PRO C   O    doub N N 268 
PRO C   OXT  sing N N 269 
PRO CB  CG   sing N N 270 
PRO CB  HB2  sing N N 271 
PRO CB  HB3  sing N N 272 
PRO CG  CD   sing N N 273 
PRO CG  HG2  sing N N 274 
PRO CG  HG3  sing N N 275 
PRO CD  HD2  sing N N 276 
PRO CD  HD3  sing N N 277 
PRO OXT HXT  sing N N 278 
SER N   CA   sing N N 279 
SER N   H    sing N N 280 
SER N   H2   sing N N 281 
SER CA  C    sing N N 282 
SER CA  CB   sing N N 283 
SER CA  HA   sing N N 284 
SER C   O    doub N N 285 
SER C   OXT  sing N N 286 
SER CB  OG   sing N N 287 
SER CB  HB2  sing N N 288 
SER CB  HB3  sing N N 289 
SER OG  HG   sing N N 290 
SER OXT HXT  sing N N 291 
SO4 S   O1   doub N N 292 
SO4 S   O2   doub N N 293 
SO4 S   O3   sing N N 294 
SO4 S   O4   sing N N 295 
THR N   CA   sing N N 296 
THR N   H    sing N N 297 
THR N   H2   sing N N 298 
THR CA  C    sing N N 299 
THR CA  CB   sing N N 300 
THR CA  HA   sing N N 301 
THR C   O    doub N N 302 
THR C   OXT  sing N N 303 
THR CB  OG1  sing N N 304 
THR CB  CG2  sing N N 305 
THR CB  HB   sing N N 306 
THR OG1 HG1  sing N N 307 
THR CG2 HG21 sing N N 308 
THR CG2 HG22 sing N N 309 
THR CG2 HG23 sing N N 310 
THR OXT HXT  sing N N 311 
TYR N   CA   sing N N 312 
TYR N   H    sing N N 313 
TYR N   H2   sing N N 314 
TYR CA  C    sing N N 315 
TYR CA  CB   sing N N 316 
TYR CA  HA   sing N N 317 
TYR C   O    doub N N 318 
TYR C   OXT  sing N N 319 
TYR CB  CG   sing N N 320 
TYR CB  HB2  sing N N 321 
TYR CB  HB3  sing N N 322 
TYR CG  CD1  doub Y N 323 
TYR CG  CD2  sing Y N 324 
TYR CD1 CE1  sing Y N 325 
TYR CD1 HD1  sing N N 326 
TYR CD2 CE2  doub Y N 327 
TYR CD2 HD2  sing N N 328 
TYR CE1 CZ   doub Y N 329 
TYR CE1 HE1  sing N N 330 
TYR CE2 CZ   sing Y N 331 
TYR CE2 HE2  sing N N 332 
TYR CZ  OH   sing N N 333 
TYR OH  HH   sing N N 334 
TYR OXT HXT  sing N N 335 
VAL N   CA   sing N N 336 
VAL N   H    sing N N 337 
VAL N   H2   sing N N 338 
VAL CA  C    sing N N 339 
VAL CA  CB   sing N N 340 
VAL CA  HA   sing N N 341 
VAL C   O    doub N N 342 
VAL C   OXT  sing N N 343 
VAL CB  CG1  sing N N 344 
VAL CB  CG2  sing N N 345 
VAL CB  HB   sing N N 346 
VAL CG1 HG11 sing N N 347 
VAL CG1 HG12 sing N N 348 
VAL CG1 HG13 sing N N 349 
VAL CG2 HG21 sing N N 350 
VAL CG2 HG22 sing N N 351 
VAL CG2 HG23 sing N N 352 
VAL OXT HXT  sing N N 353 
# 
_atom_sites.entry_id                    1RBH 
_atom_sites.fract_transf_matrix[1][1]   -0.02049338 
_atom_sites.fract_transf_matrix[1][2]   -0.01407170 
_atom_sites.fract_transf_matrix[1][3]   0.00781692 
_atom_sites.fract_transf_matrix[2][1]   -0.02250245 
_atom_sites.fract_transf_matrix[2][2]   0.01182667 
_atom_sites.fract_transf_matrix[2][3]   0.00573524 
_atom_sites.fract_transf_matrix[3][1]   -0.00300599 
_atom_sites.fract_transf_matrix[3][2]   -0.00101325 
_atom_sites.fract_transf_matrix[3][3]   -0.00970471 
_atom_sites.fract_transf_vector[1]      -0.418806 
_atom_sites.fract_transf_vector[2]      -0.216548 
_atom_sites.fract_transf_vector[3]      0.076599 
# 
loop_
_atom_sites_footnote.id 
_atom_sites_footnote.text 
1 'RESIDUES 1 AND 21 - 23 ARE DISORDERED BUT HAVE BEEN INCLUDED IN THE COORDINATE LIST.' 
2 'CIS PROLINE - PRO      93'                                                            
3 'CIS PROLINE - PRO     114'                                                            
# 
loop_
_atom_type.symbol 
C 
N 
O 
S 
# 
loop_
_atom_site.group_PDB 
_atom_site.id 
_atom_site.type_symbol 
_atom_site.label_atom_id 
_atom_site.label_alt_id 
_atom_site.label_comp_id 
_atom_site.label_asym_id 
_atom_site.label_entity_id 
_atom_site.label_seq_id 
_atom_site.pdbx_PDB_ins_code 
_atom_site.Cartn_x 
_atom_site.Cartn_y 
_atom_site.Cartn_z 
_atom_site.occupancy 
_atom_site.B_iso_or_equiv 
_atom_site.pdbx_formal_charge 
_atom_site.auth_seq_id 
_atom_site.auth_comp_id 
_atom_site.auth_asym_id 
_atom_site.auth_atom_id 
_atom_site.pdbx_PDB_model_num 
ATOM   1    N N   . LYS A 1 1   ? -17.904 6.142   -8.770  1.00 81.43  ? 1   LYS S N   1 
ATOM   2    C CA  . LYS A 1 1   ? -16.934 6.978   -8.080  1.00 96.52  ? 1   LYS S CA  1 
ATOM   3    C C   . LYS A 1 1   ? -15.675 6.110   -8.182  1.00 88.03  ? 1   LYS S C   1 
ATOM   4    O O   . LYS A 1 1   ? -15.489 5.516   -9.250  1.00 45.11  ? 1   LYS S O   1 
ATOM   5    C CB  . LYS A 1 1   ? -17.350 7.218   -6.592  1.00 98.28  ? 1   LYS S CB  1 
ATOM   6    C CG  . LYS A 1 1   ? -16.494 8.250   -5.798  1.00 97.91  ? 1   LYS S CG  1 
ATOM   7    C CD  . LYS A 1 1   ? -16.579 8.083   -4.272  1.00 84.67  ? 1   LYS S CD  1 
ATOM   8    C CE  . LYS A 1 1   ? -15.466 8.820   -3.520  1.00 56.72  ? 1   LYS S CE  1 
ATOM   9    N NZ  . LYS A 1 1   ? -14.194 8.122   -3.571  1.00 57.23  ? 1   LYS S NZ  1 
ATOM   10   N N   . GLU A 1 2   ? -14.897 5.910   -7.121  1.00 40.26  ? 2   GLU S N   1 
ATOM   11   C CA  . GLU A 1 2   ? -13.633 5.222   -7.163  1.00 35.61  ? 2   GLU S CA  1 
ATOM   12   C C   . GLU A 1 2   ? -13.829 3.725   -7.026  1.00 29.03  ? 2   GLU S C   1 
ATOM   13   O O   . GLU A 1 2   ? -14.516 3.256   -6.105  1.00 27.59  ? 2   GLU S O   1 
ATOM   14   C CB  . GLU A 1 2   ? -12.829 5.807   -6.039  1.00 19.63  ? 2   GLU S CB  1 
ATOM   15   C CG  . GLU A 1 2   ? -11.435 5.345   -6.046  1.00 22.57  ? 2   GLU S CG  1 
ATOM   16   C CD  . GLU A 1 2   ? -10.616 6.002   -4.963  1.00 25.56  ? 2   GLU S CD  1 
ATOM   17   O OE1 . GLU A 1 2   ? -11.006 6.006   -3.801  1.00 26.46  ? 2   GLU S OE1 1 
ATOM   18   O OE2 . GLU A 1 2   ? -9.561  6.488   -5.313  1.00 18.70  ? 2   GLU S OE2 1 
ATOM   19   N N   . THR A 1 3   ? -13.261 3.002   -7.981  1.00 17.45  ? 3   THR S N   1 
ATOM   20   C CA  . THR A 1 3   ? -13.317 1.557   -7.901  1.00 21.45  ? 3   THR S CA  1 
ATOM   21   C C   . THR A 1 3   ? -12.314 1.062   -6.859  1.00 25.63  ? 3   THR S C   1 
ATOM   22   O O   . THR A 1 3   ? -11.392 1.790   -6.477  1.00 19.85  ? 3   THR S O   1 
ATOM   23   C CB  . THR A 1 3   ? -12.980 0.964   -9.254  1.00 22.32  ? 3   THR S CB  1 
ATOM   24   O OG1 . THR A 1 3   ? -11.634 1.303   -9.579  1.00 22.34  ? 3   THR S OG1 1 
ATOM   25   C CG2 . THR A 1 3   ? -13.936 1.490   -10.301 1.00 15.53  ? 3   THR S CG2 1 
ATOM   26   N N   . ALA A 1 4   ? -12.422 -0.195  -6.440  1.00 21.95  ? 4   ALA S N   1 
ATOM   27   C CA  . ALA A 1 4   ? -11.456 -0.783  -5.527  1.00 22.80  ? 4   ALA S CA  1 
ATOM   28   C C   . ALA A 1 4   ? -10.034 -0.816  -6.092  1.00 15.34  ? 4   ALA S C   1 
ATOM   29   O O   . ALA A 1 4   ? -9.063  -0.610  -5.356  1.00 15.40  ? 4   ALA S O   1 
ATOM   30   C CB  . ALA A 1 4   ? -11.891 -2.202  -5.196  1.00 34.71  ? 4   ALA S CB  1 
ATOM   31   N N   . ALA A 1 5   ? -9.919  -1.063  -7.405  1.00 14.88  ? 5   ALA S N   1 
ATOM   32   C CA  . ALA A 1 5   ? -8.623  -1.090  -8.073  1.00 15.45  ? 5   ALA S CA  1 
ATOM   33   C C   . ALA A 1 5   ? -8.045  0.321   -8.066  1.00 14.52  ? 5   ALA S C   1 
ATOM   34   O O   . ALA A 1 5   ? -6.862  0.492   -7.765  1.00 14.22  ? 5   ALA S O   1 
ATOM   35   C CB  . ALA A 1 5   ? -8.786  -1.559  -9.515  1.00 19.28  ? 5   ALA S CB  1 
ATOM   36   N N   . ALA A 1 6   ? -8.856  1.359   -8.359  1.00 12.73  ? 6   ALA S N   1 
ATOM   37   C CA  . ALA A 1 6   ? -8.408  2.750   -8.350  1.00 11.48  ? 6   ALA S CA  1 
ATOM   38   C C   . ALA A 1 6   ? -7.940  3.179   -6.943  1.00 11.96  ? 6   ALA S C   1 
ATOM   39   O O   . ALA A 1 6   ? -6.899  3.827   -6.776  1.00 13.20  ? 6   ALA S O   1 
ATOM   40   C CB  . ALA A 1 6   ? -9.558  3.645   -8.778  1.00 11.20  ? 6   ALA S CB  1 
ATOM   41   N N   . LYS A 1 7   ? -8.698  2.789   -5.912  1.00 10.30  ? 7   LYS S N   1 
ATOM   42   C CA  . LYS A 1 7   ? -8.368  3.091   -4.533  1.00 12.47  ? 7   LYS S CA  1 
ATOM   43   C C   . LYS A 1 7   ? -7.033  2.455   -4.164  1.00 13.28  ? 7   LYS S C   1 
ATOM   44   O O   . LYS A 1 7   ? -6.218  3.127   -3.525  1.00 11.30  ? 7   LYS S O   1 
ATOM   45   C CB  . LYS A 1 7   ? -9.464  2.568   -3.638  1.00 14.99  ? 7   LYS S CB  1 
ATOM   46   C CG  . LYS A 1 7   ? -9.210  2.813   -2.164  1.00 17.22  ? 7   LYS S CG  1 
ATOM   47   C CD  . LYS A 1 7   ? -10.290 2.181   -1.296  1.00 22.84  ? 7   LYS S CD  1 
ATOM   48   C CE  . LYS A 1 7   ? -10.327 2.900   0.035   1.00 66.74  ? 7   LYS S CE  1 
ATOM   49   N NZ  . LYS A 1 7   ? -10.701 4.295   -0.163  1.00 70.00  ? 7   LYS S NZ  1 
ATOM   50   N N   . PHE A 1 8   ? -6.787  1.189   -4.554  1.00 11.56  ? 8   PHE S N   1 
ATOM   51   C CA  . PHE A 1 8   ? -5.486  0.545   -4.325  1.00 14.09  ? 8   PHE S CA  1 
ATOM   52   C C   . PHE A 1 8   ? -4.371  1.397   -4.899  1.00 8.59   ? 8   PHE S C   1 
ATOM   53   O O   . PHE A 1 8   ? -3.388  1.657   -4.203  1.00 9.14   ? 8   PHE S O   1 
ATOM   54   C CB  . PHE A 1 8   ? -5.394  -0.855  -4.984  1.00 12.92  ? 8   PHE S CB  1 
ATOM   55   C CG  . PHE A 1 8   ? -4.043  -1.542  -4.759  1.00 12.17  ? 8   PHE S CG  1 
ATOM   56   C CD1 . PHE A 1 8   ? -3.814  -2.235  -3.581  1.00 17.03  ? 8   PHE S CD1 1 
ATOM   57   C CD2 . PHE A 1 8   ? -3.031  -1.458  -5.706  1.00 21.39  ? 8   PHE S CD2 1 
ATOM   58   C CE1 . PHE A 1 8   ? -2.578  -2.826  -3.372  1.00 18.23  ? 8   PHE S CE1 1 
ATOM   59   C CE2 . PHE A 1 8   ? -1.793  -2.048  -5.494  1.00 16.48  ? 8   PHE S CE2 1 
ATOM   60   C CZ  . PHE A 1 8   ? -1.578  -2.733  -4.318  1.00 15.79  ? 8   PHE S CZ  1 
ATOM   61   N N   . GLU A 1 9   ? -4.494  1.866   -6.143  1.00 9.61   ? 9   GLU S N   1 
ATOM   62   C CA  . GLU A 1 9   ? -3.477  2.702   -6.801  1.00 10.53  ? 9   GLU S CA  1 
ATOM   63   C C   . GLU A 1 9   ? -3.243  4.046   -6.127  1.00 9.31   ? 9   GLU S C   1 
ATOM   64   O O   . GLU A 1 9   ? -2.094  4.437   -5.927  1.00 10.22  ? 9   GLU S O   1 
ATOM   65   C CB  . GLU A 1 9   ? -3.878  2.983   -8.234  1.00 14.37  ? 9   GLU S CB  1 
ATOM   66   C CG  . GLU A 1 9   ? -3.882  1.739   -9.086  1.00 15.79  ? 9   GLU S CG  1 
ATOM   67   C CD  . GLU A 1 9   ? -4.679  1.845   -10.385 1.00 29.43  ? 9   GLU S CD  1 
ATOM   68   O OE1 . GLU A 1 9   ? -5.207  2.902   -10.709 1.00 19.29  ? 9   GLU S OE1 1 
ATOM   69   O OE2 . GLU A 1 9   ? -4.772  0.842   -11.079 1.00 28.66  ? 9   GLU S OE2 1 
ATOM   70   N N   . ARG A 1 10  ? -4.319  4.766   -5.782  1.00 10.35  ? 10  ARG S N   1 
ATOM   71   C CA  . ARG A 1 10  ? -4.208  6.035   -5.078  1.00 13.93  ? 10  ARG S CA  1 
ATOM   72   C C   . ARG A 1 10  ? -3.541  5.832   -3.716  1.00 12.00  ? 10  ARG S C   1 
ATOM   73   O O   . ARG A 1 10  ? -2.688  6.611   -3.292  1.00 10.82  ? 10  ARG S O   1 
ATOM   74   C CB  . ARG A 1 10  ? -5.611  6.639   -4.876  1.00 12.38  ? 10  ARG S CB  1 
ATOM   75   C CG  . ARG A 1 10  ? -5.563  7.927   -4.063  1.00 8.85   ? 10  ARG S CG  1 
ATOM   76   C CD  . ARG A 1 10  ? -6.944  8.569   -3.957  1.00 12.37  ? 10  ARG S CD  1 
ATOM   77   N NE  . ARG A 1 10  ? -7.939  7.715   -3.344  1.00 14.99  ? 10  ARG S NE  1 
ATOM   78   C CZ  . ARG A 1 10  ? -8.092  7.507   -2.038  1.00 30.66  ? 10  ARG S CZ  1 
ATOM   79   N NH1 . ARG A 1 10  ? -7.300  8.071   -1.113  1.00 20.65  ? 10  ARG S NH1 1 
ATOM   80   N NH2 . ARG A 1 10  ? -9.087  6.697   -1.674  1.00 16.62  ? 10  ARG S NH2 1 
ATOM   81   N N   . GLN A 1 11  ? -3.926  4.787   -2.984  1.00 8.69   ? 11  GLN S N   1 
ATOM   82   C CA  . GLN A 1 11  ? -3.371  4.601   -1.650  1.00 14.67  ? 11  GLN S CA  1 
ATOM   83   C C   . GLN A 1 11  ? -1.988  4.004   -1.606  1.00 12.96  ? 11  GLN S C   1 
ATOM   84   O O   . GLN A 1 11  ? -1.296  4.214   -0.602  1.00 12.45  ? 11  GLN S O   1 
ATOM   85   C CB  . GLN A 1 11  ? -4.184  3.670   -0.777  1.00 16.66  ? 11  GLN S CB  1 
ATOM   86   C CG  . GLN A 1 11  ? -5.592  4.118   -0.544  1.00 17.69  ? 11  GLN S CG  1 
ATOM   87   C CD  . GLN A 1 11  ? -6.210  3.311   0.585   1.00 33.02  ? 11  GLN S CD  1 
ATOM   88   O OE1 . GLN A 1 11  ? -6.617  3.884   1.596   1.00 33.07  ? 11  GLN S OE1 1 
ATOM   89   N NE2 . GLN A 1 11  ? -6.343  2.001   0.462   1.00 23.20  ? 11  GLN S NE2 1 
ATOM   90   N N   . HIS A 1 12  ? -1.602  3.205   -2.610  1.00 8.15   ? 12  HIS S N   1 
ATOM   91   C CA  . HIS A 1 12  ? -0.383  2.426   -2.468  1.00 9.62   ? 12  HIS S CA  1 
ATOM   92   C C   . HIS A 1 12  ? 0.630   2.515   -3.561  1.00 15.85  ? 12  HIS S C   1 
ATOM   93   O O   . HIS A 1 12  ? 1.727   1.969   -3.384  1.00 21.25  ? 12  HIS S O   1 
ATOM   94   C CB  . HIS A 1 12  ? -0.709  0.919   -2.271  1.00 9.01   ? 12  HIS S CB  1 
ATOM   95   C CG  . HIS A 1 12  ? -1.548  0.600   -1.068  1.00 10.03  ? 12  HIS S CG  1 
ATOM   96   N ND1 . HIS A 1 12  ? -1.222  0.764   0.209   1.00 14.72  ? 12  HIS S ND1 1 
ATOM   97   C CD2 . HIS A 1 12  ? -2.834  0.117   -1.109  1.00 11.42  ? 12  HIS S CD2 1 
ATOM   98   C CE1 . HIS A 1 12  ? -2.262  0.398   0.929   1.00 14.05  ? 12  HIS S CE1 1 
ATOM   99   N NE2 . HIS A 1 12  ? -3.215  0.016   0.129   1.00 12.90  ? 12  HIS S NE2 1 
ATOM   100  N N   . LEU A 1 13  ? 0.397   3.202   -4.665  1.00 10.52  ? 13  LEU S N   1 
ATOM   101  C CA  . LEU A 1 13  ? 1.400   3.187   -5.685  1.00 7.44   ? 13  LEU S CA  1 
ATOM   102  C C   . LEU A 1 13  ? 2.106   4.513   -5.794  1.00 12.02  ? 13  LEU S C   1 
ATOM   103  O O   . LEU A 1 13  ? 1.475   5.563   -5.792  1.00 14.48  ? 13  LEU S O   1 
ATOM   104  C CB  . LEU A 1 13  ? 0.714   2.807   -7.000  1.00 10.55  ? 13  LEU S CB  1 
ATOM   105  C CG  . LEU A 1 13  ? 1.627   2.636   -8.184  1.00 26.85  ? 13  LEU S CG  1 
ATOM   106  C CD1 . LEU A 1 13  ? 2.440   1.353   -8.060  1.00 14.81  ? 13  LEU S CD1 1 
ATOM   107  C CD2 . LEU A 1 13  ? 0.766   2.664   -9.421  1.00 35.81  ? 13  LEU S CD2 1 
ATOM   108  N N   . ASP A 1 14  ? 3.418   4.516   -5.870  1.00 9.40   ? 14  ASP S N   1 
ATOM   109  C CA  . ASP A 1 14  ? 4.102   5.737   -6.142  1.00 9.19   ? 14  ASP S CA  1 
ATOM   110  C C   . ASP A 1 14  ? 5.214   5.380   -7.094  1.00 14.07  ? 14  ASP S C   1 
ATOM   111  O O   . ASP A 1 14  ? 6.358   5.191   -6.672  1.00 18.02  ? 14  ASP S O   1 
ATOM   112  C CB  . ASP A 1 14  ? 4.647   6.348   -4.858  1.00 8.96   ? 14  ASP S CB  1 
ATOM   113  C CG  . ASP A 1 14  ? 5.408   7.660   -5.038  1.00 21.73  ? 14  ASP S CG  1 
ATOM   114  O OD1 . ASP A 1 14  ? 5.234   8.357   -6.040  1.00 18.78  ? 14  ASP S OD1 1 
ATOM   115  O OD2 . ASP A 1 14  ? 6.215   7.976   -4.161  1.00 18.72  ? 14  ASP S OD2 1 
ATOM   116  N N   . SER A 1 15  ? 4.809   5.357   -8.367  1.00 13.23  ? 15  SER S N   1 
ATOM   117  C CA  . SER A 1 15  ? 5.650   5.109   -9.522  1.00 20.27  ? 15  SER S CA  1 
ATOM   118  C C   . SER A 1 15  ? 6.235   6.482   -9.806  1.00 73.74  ? 15  SER S C   1 
ATOM   119  O O   . SER A 1 15  ? 5.693   7.347   -10.508 1.00 76.96  ? 15  SER S O   1 
ATOM   120  C CB  . SER A 1 15  ? 4.860   4.701   -10.769 1.00 24.27  ? 15  SER S CB  1 
ATOM   121  O OG  . SER A 1 15  ? 3.932   3.646   -10.568 1.00 87.48  ? 15  SER S OG  1 
HETATM 122  N N   . NH2 A 1 16  ? 7.368   6.734   -9.191  1.00 30.43  ? 16  NH2 S N   1 
ATOM   123  N N   . SER B 2 1   ? 2.075   16.406  10.213  1.00 149.65 ? 21  SER A N   1 
ATOM   124  C CA  . SER B 2 1   ? 1.933   16.752  8.831   1.00 169.60 ? 21  SER A CA  1 
ATOM   125  C C   . SER B 2 1   ? 3.017   17.785  8.527   1.00 133.44 ? 21  SER A C   1 
ATOM   126  O O   . SER B 2 1   ? 2.720   18.930  8.202   1.00 79.50  ? 21  SER A O   1 
ATOM   127  C CB  . SER B 2 1   ? 0.498   17.249  8.673   1.00 161.55 ? 21  SER A CB  1 
ATOM   128  O OG  . SER B 2 1   ? -0.394  16.280  9.246   1.00 104.05 ? 21  SER A OG  1 
ATOM   129  N N   . SER B 2 2   ? 4.288   17.389  8.659   1.00 152.59 ? 22  SER A N   1 
ATOM   130  C CA  . SER B 2 2   ? 5.404   18.295  8.448   1.00 142.28 ? 22  SER A CA  1 
ATOM   131  C C   . SER B 2 2   ? 6.519   17.568  7.686   1.00 89.35  ? 22  SER A C   1 
ATOM   132  O O   . SER B 2 2   ? 7.263   16.719  8.194   1.00 56.93  ? 22  SER A O   1 
ATOM   133  C CB  . SER B 2 2   ? 5.862   18.786  9.823   1.00 144.18 ? 22  SER A CB  1 
ATOM   134  O OG  . SER B 2 2   ? 4.740   19.134  10.642  1.00 94.48  ? 22  SER A OG  1 
ATOM   135  N N   . SER B 2 3   ? 6.500   17.908  6.402   1.00 116.47 ? 23  SER A N   1 
ATOM   136  C CA  . SER B 2 3   ? 7.362   17.451  5.327   1.00 119.38 ? 23  SER A CA  1 
ATOM   137  C C   . SER B 2 3   ? 8.264   16.202  5.261   1.00 42.48  ? 23  SER A C   1 
ATOM   138  O O   . SER B 2 3   ? 9.082   16.133  4.334   1.00 130.40 ? 23  SER A O   1 
ATOM   139  C CB  . SER B 2 3   ? 8.126   18.713  4.941   1.00 135.06 ? 23  SER A CB  1 
ATOM   140  O OG  . SER B 2 3   ? 7.171   19.728  4.607   1.00 92.75  ? 23  SER A OG  1 
ATOM   141  N N   . ASN B 2 4   ? 8.211   15.176  6.127   1.00 19.48  ? 24  ASN A N   1 
ATOM   142  C CA  . ASN B 2 4   ? 8.822   13.916  5.730   1.00 17.03  ? 24  ASN A CA  1 
ATOM   143  C C   . ASN B 2 4   ? 7.895   13.302  4.659   1.00 23.69  ? 24  ASN A C   1 
ATOM   144  O O   . ASN B 2 4   ? 6.733   13.730  4.483   1.00 15.37  ? 24  ASN A O   1 
ATOM   145  C CB  . ASN B 2 4   ? 8.998   12.953  6.918   1.00 23.39  ? 24  ASN A CB  1 
ATOM   146  C CG  . ASN B 2 4   ? 7.812   12.245  7.546   1.00 21.79  ? 24  ASN A CG  1 
ATOM   147  O OD1 . ASN B 2 4   ? 6.892   11.752  6.906   1.00 19.16  ? 24  ASN A OD1 1 
ATOM   148  N ND2 . ASN B 2 4   ? 7.813   12.144  8.860   1.00 33.55  ? 24  ASN A ND2 1 
ATOM   149  N N   . TYR B 2 5   ? 8.415   12.347  3.886   1.00 17.41  ? 25  TYR A N   1 
ATOM   150  C CA  . TYR B 2 5   ? 7.711   11.740  2.766   1.00 11.93  ? 25  TYR A CA  1 
ATOM   151  C C   . TYR B 2 5   ? 6.352   11.193  3.176   1.00 8.94   ? 25  TYR A C   1 
ATOM   152  O O   . TYR B 2 5   ? 5.363   11.416  2.464   1.00 16.88  ? 25  TYR A O   1 
ATOM   153  C CB  . TYR B 2 5   ? 8.589   10.614  2.164   1.00 12.87  ? 25  TYR A CB  1 
ATOM   154  C CG  . TYR B 2 5   ? 7.882   9.765   1.108   1.00 14.62  ? 25  TYR A CG  1 
ATOM   155  C CD1 . TYR B 2 5   ? 7.836   10.165  -0.212  1.00 19.67  ? 25  TYR A CD1 1 
ATOM   156  C CD2 . TYR B 2 5   ? 7.240   8.599   1.486   1.00 11.72  ? 25  TYR A CD2 1 
ATOM   157  C CE1 . TYR B 2 5   ? 7.142   9.389   -1.144  1.00 19.72  ? 25  TYR A CE1 1 
ATOM   158  C CE2 . TYR B 2 5   ? 6.538   7.839   0.570   1.00 10.19  ? 25  TYR A CE2 1 
ATOM   159  C CZ  . TYR B 2 5   ? 6.494   8.239   -0.739  1.00 12.75  ? 25  TYR A CZ  1 
ATOM   160  O OH  . TYR B 2 5   ? 5.771   7.479   -1.627  1.00 18.58  ? 25  TYR A OH  1 
ATOM   161  N N   . CYS B 2 6   ? 6.253   10.495  4.299   1.00 9.64   ? 26  CYS A N   1 
ATOM   162  C CA  . CYS B 2 6   ? 4.986   9.901   4.683   1.00 12.08  ? 26  CYS A CA  1 
ATOM   163  C C   . CYS B 2 6   ? 3.965   10.982  4.973   1.00 13.85  ? 26  CYS A C   1 
ATOM   164  O O   . CYS B 2 6   ? 2.868   10.933  4.441   1.00 12.78  ? 26  CYS A O   1 
ATOM   165  C CB  . CYS B 2 6   ? 5.209   9.015   5.894   1.00 11.18  ? 26  CYS A CB  1 
ATOM   166  S SG  . CYS B 2 6   ? 5.936   7.421   5.452   1.00 13.15  ? 26  CYS A SG  1 
ATOM   167  N N   . ASN B 2 7   ? 4.292   12.026  5.728   1.00 15.12  ? 27  ASN A N   1 
ATOM   168  C CA  . ASN B 2 7   ? 3.328   13.071  6.046   1.00 14.46  ? 27  ASN A CA  1 
ATOM   169  C C   . ASN B 2 7   ? 2.860   13.740  4.780   1.00 15.27  ? 27  ASN A C   1 
ATOM   170  O O   . ASN B 2 7   ? 1.655   13.944  4.614   1.00 19.02  ? 27  ASN A O   1 
ATOM   171  C CB  . ASN B 2 7   ? 3.918   14.169  6.919   1.00 15.53  ? 27  ASN A CB  1 
ATOM   172  C CG  . ASN B 2 7   ? 4.107   13.788  8.378   1.00 18.05  ? 27  ASN A CG  1 
ATOM   173  O OD1 . ASN B 2 7   ? 3.958   14.624  9.276   1.00 87.35  ? 27  ASN A OD1 1 
ATOM   174  N ND2 . ASN B 2 7   ? 4.431   12.572  8.745   1.00 16.17  ? 27  ASN A ND2 1 
ATOM   175  N N   . GLN B 2 8   ? 3.797   14.035  3.873   1.00 14.94  ? 28  GLN A N   1 
ATOM   176  C CA  . GLN B 2 8   ? 3.474   14.641  2.576   1.00 16.50  ? 28  GLN A CA  1 
ATOM   177  C C   . GLN B 2 8   ? 2.596   13.745  1.698   1.00 29.78  ? 28  GLN A C   1 
ATOM   178  O O   . GLN B 2 8   ? 1.545   14.181  1.188   1.00 16.71  ? 28  GLN A O   1 
ATOM   179  C CB  . GLN B 2 8   ? 4.717   14.944  1.766   0.38 2.00   ? 28  GLN A CB  1 
ATOM   180  C CG  . GLN B 2 8   ? 5.674   15.979  2.316   0.38 7.34   ? 28  GLN A CG  1 
ATOM   181  C CD  . GLN B 2 8   ? 6.851   16.160  1.371   0.38 21.09  ? 28  GLN A CD  1 
ATOM   182  O OE1 . GLN B 2 8   ? 6.675   16.483  0.199   0.38 67.45  ? 28  GLN A OE1 1 
ATOM   183  N NE2 . GLN B 2 8   ? 8.100   15.942  1.752   0.38 28.76  ? 28  GLN A NE2 1 
ATOM   184  N N   . MET B 2 9   ? 2.960   12.477  1.477   1.00 13.87  ? 29  MET A N   1 
ATOM   185  C CA  . MET B 2 9   ? 2.192   11.609  0.606   1.00 16.95  ? 29  MET A CA  1 
ATOM   186  C C   . MET B 2 9   ? 0.882   11.121  1.173   1.00 22.40  ? 29  MET A C   1 
ATOM   187  O O   . MET B 2 9   ? -0.092  10.953  0.419   1.00 13.15  ? 29  MET A O   1 
ATOM   188  C CB  . MET B 2 9   ? 2.993   10.396  0.185   1.00 15.98  ? 29  MET A CB  1 
ATOM   189  C CG  . MET B 2 9   ? 3.927   10.749  -0.953  1.00 55.22  ? 29  MET A CG  1 
ATOM   190  S SD  . MET B 2 9   ? 3.097   11.055  -2.533  1.00 26.64  ? 29  MET A SD  1 
ATOM   191  C CE  . MET B 2 9   ? 2.756   9.379   -2.981  1.00 50.03  ? 29  MET A CE  1 
ATOM   192  N N   . MET B 2 10  ? 0.796   10.980  2.496   1.00 11.99  ? 30  MET A N   1 
ATOM   193  C CA  . MET B 2 10  ? -0.464  10.565  3.102   1.00 13.09  ? 30  MET A CA  1 
ATOM   194  C C   . MET B 2 10  ? -1.488  11.680  2.918   1.00 16.53  ? 30  MET A C   1 
ATOM   195  O O   . MET B 2 10  ? -2.677  11.415  2.662   1.00 14.75  ? 30  MET A O   1 
ATOM   196  C CB  . MET B 2 10  ? -0.280  10.264  4.606   1.00 10.97  ? 30  MET A CB  1 
ATOM   197  C CG  . MET B 2 10  ? 0.626   9.071   4.997   1.00 19.92  ? 30  MET A CG  1 
ATOM   198  S SD  . MET B 2 10  ? -0.026  7.444   4.588   1.00 21.54  ? 30  MET A SD  1 
ATOM   199  C CE  . MET B 2 10  ? -0.957  7.152   6.083   1.00 18.30  ? 30  MET A CE  1 
ATOM   200  N N   . LYS B 2 11  ? -1.028  12.938  2.976   1.00 11.43  ? 31  LYS A N   1 
ATOM   201  C CA  . LYS B 2 11  ? -1.893  14.086  2.755   1.00 12.96  ? 31  LYS A CA  1 
ATOM   202  C C   . LYS B 2 11  ? -2.288  14.178  1.286   1.00 23.73  ? 31  LYS A C   1 
ATOM   203  O O   . LYS B 2 11  ? -3.490  14.162  0.968   1.00 15.11  ? 31  LYS A O   1 
ATOM   204  C CB  . LYS B 2 11  ? -1.147  15.336  3.170   0.44 7.61   ? 31  LYS A CB  1 
ATOM   205  C CG  . LYS B 2 11  ? -2.026  16.521  3.417   0.44 13.68  ? 31  LYS A CG  1 
ATOM   206  C CD  . LYS B 2 11  ? -2.705  16.326  4.754   0.44 30.46  ? 31  LYS A CD  1 
ATOM   207  C CE  . LYS B 2 11  ? -3.385  17.621  5.174   0.44 27.75  ? 31  LYS A CE  1 
ATOM   208  N NZ  . LYS B 2 11  ? -4.485  17.962  4.289   0.44 50.51  ? 31  LYS A NZ  1 
ATOM   209  N N   . SER B 2 12  ? -1.293  14.185  0.388   1.00 13.30  ? 32  SER A N   1 
ATOM   210  C CA  . SER B 2 12  ? -1.550  14.305  -1.053  1.00 12.60  ? 32  SER A CA  1 
ATOM   211  C C   . SER B 2 12  ? -2.497  13.286  -1.643  1.00 18.30  ? 32  SER A C   1 
ATOM   212  O O   . SER B 2 12  ? -3.365  13.590  -2.461  1.00 15.10  ? 32  SER A O   1 
ATOM   213  C CB  A SER B 2 12  ? -0.237  14.235  -1.824  0.54 18.06  ? 32  SER A CB  1 
ATOM   214  C CB  B SER B 2 12  ? -0.278  14.238  -1.869  0.46 22.96  ? 32  SER A CB  1 
ATOM   215  O OG  A SER B 2 12  ? 0.731   15.188  -1.367  0.54 44.64  ? 32  SER A OG  1 
ATOM   216  O OG  B SER B 2 12  ? 0.581   13.217  -1.395  0.46 37.85  ? 32  SER A OG  1 
ATOM   217  N N   . ARG B 2 13  ? -2.338  12.054  -1.185  1.00 10.82  ? 33  ARG A N   1 
ATOM   218  C CA  . ARG B 2 13  ? -3.172  10.999  -1.690  1.00 9.11   ? 33  ARG A CA  1 
ATOM   219  C C   . ARG B 2 13  ? -4.491  10.888  -0.954  1.00 10.18  ? 33  ARG A C   1 
ATOM   220  O O   . ARG B 2 13  ? -5.160  9.867   -1.049  1.00 19.01  ? 33  ARG A O   1 
ATOM   221  C CB  . ARG B 2 13  ? -2.334  9.718   -1.605  1.00 11.91  ? 33  ARG A CB  1 
ATOM   222  C CG  . ARG B 2 13  ? -1.159  9.735   -2.585  1.00 9.74   ? 33  ARG A CG  1 
ATOM   223  C CD  . ARG B 2 13  ? -1.680  9.823   -4.034  1.00 9.75   ? 33  ARG A CD  1 
ATOM   224  N NE  . ARG B 2 13  ? -0.569  9.706   -4.942  1.00 11.27  ? 33  ARG A NE  1 
ATOM   225  C CZ  . ARG B 2 13  ? -0.029  8.525   -5.259  1.00 10.67  ? 33  ARG A CZ  1 
ATOM   226  N NH1 . ARG B 2 13  ? -0.592  7.385   -4.940  1.00 11.25  ? 33  ARG A NH1 1 
ATOM   227  N NH2 . ARG B 2 13  ? 1.076   8.496   -5.986  1.00 11.76  ? 33  ARG A NH2 1 
ATOM   228  N N   . ASN B 2 14  ? -4.900  11.902  -0.168  1.00 19.81  ? 34  ASN A N   1 
ATOM   229  C CA  . ASN B 2 14  ? -6.188  11.911  0.527   1.00 19.53  ? 34  ASN A CA  1 
ATOM   230  C C   . ASN B 2 14  ? -6.373  10.810  1.577   1.00 33.39  ? 34  ASN A C   1 
ATOM   231  O O   . ASN B 2 14  ? -7.446  10.216  1.777   1.00 20.66  ? 34  ASN A O   1 
ATOM   232  C CB  . ASN B 2 14  ? -7.340  11.836  -0.537  1.00 15.59  ? 34  ASN A CB  1 
ATOM   233  C CG  . ASN B 2 14  ? -8.743  11.992  0.036   1.00 71.74  ? 34  ASN A CG  1 
ATOM   234  O OD1 . ASN B 2 14  ? -9.768  11.542  -0.477  1.00 40.66  ? 34  ASN A OD1 1 
ATOM   235  N ND2 . ASN B 2 14  ? -8.828  12.755  1.110   1.00 15.46  ? 34  ASN A ND2 1 
ATOM   236  N N   . LEU B 2 15  ? -5.308  10.449  2.286   1.00 18.04  ? 35  LEU A N   1 
ATOM   237  C CA  . LEU B 2 15  ? -5.475  9.438   3.332   1.00 22.58  ? 35  LEU A CA  1 
ATOM   238  C C   . LEU B 2 15  ? -5.609  10.128  4.680   1.00 14.26  ? 35  LEU A C   1 
ATOM   239  O O   . LEU B 2 15  ? -6.297  9.645   5.579   1.00 24.81  ? 35  LEU A O   1 
ATOM   240  C CB  A LEU B 2 15  ? -4.261  8.488   3.312   0.46 22.69  ? 35  LEU A CB  1 
ATOM   241  C CB  B LEU B 2 15  ? -4.280  8.453   3.343   0.54 19.60  ? 35  LEU A CB  1 
ATOM   242  C CG  A LEU B 2 15  ? -3.962  7.779   1.981   0.46 17.92  ? 35  LEU A CG  1 
ATOM   243  C CG  B LEU B 2 15  ? -4.176  7.458   2.169   0.54 13.96  ? 35  LEU A CG  1 
ATOM   244  C CD1 A LEU B 2 15  ? -2.766  6.859   2.110   0.46 10.50  ? 35  LEU A CD1 1 
ATOM   245  C CD1 B LEU B 2 15  ? -3.143  7.924   1.175   0.54 12.59  ? 35  LEU A CD1 1 
ATOM   246  C CD2 A LEU B 2 15  ? -5.164  6.954   1.586   0.46 15.25  ? 35  LEU A CD2 1 
ATOM   247  C CD2 B LEU B 2 15  ? -3.649  6.127   2.640   0.54 22.71  ? 35  LEU A CD2 1 
ATOM   248  N N   . THR B 2 16  ? -4.957  11.288  4.837   1.00 13.31  ? 36  THR A N   1 
ATOM   249  C CA  . THR B 2 16  ? -4.968  11.970  6.106   1.00 17.97  ? 36  THR A CA  1 
ATOM   250  C C   . THR B 2 16  ? -5.514  13.379  6.056   1.00 21.53  ? 36  THR A C   1 
ATOM   251  O O   . THR B 2 16  ? -5.227  14.177  6.933   1.00 18.90  ? 36  THR A O   1 
ATOM   252  C CB  . THR B 2 16  ? -3.536  11.954  6.686   1.00 24.10  ? 36  THR A CB  1 
ATOM   253  O OG1 . THR B 2 16  ? -2.632  12.531  5.741   1.00 23.52  ? 36  THR A OG1 1 
ATOM   254  C CG2 . THR B 2 16  ? -3.160  10.517  7.062   1.00 21.25  ? 36  THR A CG2 1 
ATOM   255  N N   . LYS B 2 17  ? -6.319  13.701  5.029   1.00 18.79  ? 37  LYS A N   1 
ATOM   256  C CA  . LYS B 2 17  ? -6.971  15.018  4.994   1.00 17.51  ? 37  LYS A CA  1 
ATOM   257  C C   . LYS B 2 17  ? -8.123  15.048  6.013   1.00 14.85  ? 37  LYS A C   1 
ATOM   258  O O   . LYS B 2 17  ? -8.416  16.089  6.600   1.00 23.34  ? 37  LYS A O   1 
ATOM   259  C CB  . LYS B 2 17  ? -7.531  15.302  3.594   1.00 17.95  ? 37  LYS A CB  1 
ATOM   260  C CG  . LYS B 2 17  ? -6.369  15.561  2.662   1.00 30.52  ? 37  LYS A CG  1 
ATOM   261  C CD  . LYS B 2 17  ? -6.856  16.074  1.336   1.00 68.17  ? 37  LYS A CD  1 
ATOM   262  C CE  . LYS B 2 17  ? -5.693  16.820  0.726   1.00 32.81  ? 37  LYS A CE  1 
ATOM   263  N NZ  . LYS B 2 17  ? -6.040  17.337  -0.583  1.00 24.13  ? 37  LYS A NZ  1 
ATOM   264  N N   . ASP B 2 18  ? -8.811  13.913  6.229   1.00 16.17  ? 38  ASP A N   1 
ATOM   265  C CA  . ASP B 2 18  ? -9.916  13.902  7.175   1.00 14.45  ? 38  ASP A CA  1 
ATOM   266  C C   . ASP B 2 18  ? -9.808  12.876  8.297   1.00 12.27  ? 38  ASP A C   1 
ATOM   267  O O   . ASP B 2 18  ? -10.808 12.585  8.940   1.00 15.65  ? 38  ASP A O   1 
ATOM   268  C CB  . ASP B 2 18  ? -11.207 13.695  6.394   1.00 14.36  ? 38  ASP A CB  1 
ATOM   269  C CG  . ASP B 2 18  ? -11.294 12.455  5.520   1.00 28.60  ? 38  ASP A CG  1 
ATOM   270  O OD1 . ASP B 2 18  ? -10.437 11.573  5.578   1.00 25.34  ? 38  ASP A OD1 1 
ATOM   271  O OD2 . ASP B 2 18  ? -12.255 12.385  4.768   1.00 46.86  ? 38  ASP A OD2 1 
ATOM   272  N N   . ARG B 2 19  ? -8.649  12.304  8.581   1.00 15.11  ? 39  ARG A N   1 
ATOM   273  C CA  . ARG B 2 19  ? -8.462  11.334  9.663   1.00 18.54  ? 39  ARG A CA  1 
ATOM   274  C C   . ARG B 2 19  ? -6.949  11.095  9.695   1.00 23.46  ? 39  ARG A C   1 
ATOM   275  O O   . ARG B 2 19  ? -6.272  11.555  8.780   1.00 18.76  ? 39  ARG A O   1 
ATOM   276  C CB  A ARG B 2 19  ? -9.162  9.993   9.353   0.51 20.08  ? 39  ARG A CB  1 
ATOM   277  C CB  B ARG B 2 19  ? -9.152  9.986   9.419   0.49 12.97  ? 39  ARG A CB  1 
ATOM   278  C CG  A ARG B 2 19  ? -8.448  9.159   8.258   0.51 15.09  ? 39  ARG A CG  1 
ATOM   279  C CG  B ARG B 2 19  ? -8.652  9.245   8.186   0.49 27.12  ? 39  ARG A CG  1 
ATOM   280  C CD  A ARG B 2 19  ? -9.249  7.975   7.761   0.51 32.95  ? 39  ARG A CD  1 
ATOM   281  C CD  B ARG B 2 19  ? -8.823  7.765   8.406   0.49 26.96  ? 39  ARG A CD  1 
ATOM   282  N NE  A ARG B 2 19  ? -10.339 8.385   6.884   0.51 33.60  ? 39  ARG A NE  1 
ATOM   283  N NE  B ARG B 2 19  ? -8.514  7.100   7.156   0.49 36.79  ? 39  ARG A NE  1 
ATOM   284  C CZ  A ARG B 2 19  ? -10.203 8.509   5.558   0.51 49.25  ? 39  ARG A CZ  1 
ATOM   285  C CZ  B ARG B 2 19  ? -8.262  5.794   7.075   0.49 47.35  ? 39  ARG A CZ  1 
ATOM   286  N NH1 A ARG B 2 19  ? -9.044  8.294   4.895   0.51 31.56  ? 39  ARG A NH1 1 
ATOM   287  N NH1 B ARG B 2 19  ? -8.228  5.017   8.167   0.49 39.91  ? 39  ARG A NH1 1 
ATOM   288  N NH2 A ARG B 2 19  ? -11.287 8.902   4.892   0.51 28.35  ? 39  ARG A NH2 1 
ATOM   289  N NH2 B ARG B 2 19  ? -8.007  5.273   5.869   0.49 40.82  ? 39  ARG A NH2 1 
ATOM   290  N N   . CYS B 2 20  ? -6.408  10.419  10.696  1.00 14.63  ? 40  CYS A N   1 
ATOM   291  C CA  . CYS B 2 20  ? -5.024  9.958   10.637  1.00 14.81  ? 40  CYS A CA  1 
ATOM   292  C C   . CYS B 2 20  ? -5.155  8.446   10.439  1.00 25.93  ? 40  CYS A C   1 
ATOM   293  O O   . CYS B 2 20  ? -5.808  7.741   11.231  1.00 25.55  ? 40  CYS A O   1 
ATOM   294  C CB  . CYS B 2 20  ? -4.270  10.233  11.946  1.00 16.40  ? 40  CYS A CB  1 
ATOM   295  S SG  . CYS B 2 20  ? -4.068  11.987  12.344  1.00 18.12  ? 40  CYS A SG  1 
ATOM   296  N N   . LYS B 2 21  ? -4.591  7.899   9.369   1.00 23.54  ? 41  LYS A N   1 
ATOM   297  C CA  . LYS B 2 21  ? -4.691  6.472   9.118   1.00 12.64  ? 41  LYS A CA  1 
ATOM   298  C C   . LYS B 2 21  ? -3.513  5.839   9.874   1.00 15.40  ? 41  LYS A C   1 
ATOM   299  O O   . LYS B 2 21  ? -2.407  6.361   9.718   1.00 17.44  ? 41  LYS A O   1 
ATOM   300  C CB  . LYS B 2 21  ? -4.595  6.263   7.610   1.00 18.10  ? 41  LYS A CB  1 
ATOM   301  C CG  . LYS B 2 21  ? -4.752  4.813   7.222   1.00 33.72  ? 41  LYS A CG  1 
ATOM   302  C CD  . LYS B 2 21  ? -4.469  4.551   5.746   1.00 75.57  ? 41  LYS A CD  1 
ATOM   303  C CE  . LYS B 2 21  ? -4.767  3.080   5.421   1.00 64.91  ? 41  LYS A CE  1 
ATOM   304  N NZ  . LYS B 2 21  ? -4.300  2.678   4.101   1.00 71.38  ? 41  LYS A NZ  1 
ATOM   305  N N   . PRO B 2 22  ? -3.575  4.779   10.687  1.00 12.69  ? 42  PRO A N   1 
ATOM   306  C CA  . PRO B 2 22  ? -2.432  4.299   11.468  1.00 10.97  ? 42  PRO A CA  1 
ATOM   307  C C   . PRO B 2 22  ? -1.262  3.827   10.630  1.00 18.39  ? 42  PRO A C   1 
ATOM   308  O O   . PRO B 2 22  ? -0.121  4.150   10.978  1.00 20.82  ? 42  PRO A O   1 
ATOM   309  C CB  . PRO B 2 22  ? -2.951  3.191   12.325  1.00 12.39  ? 42  PRO A CB  1 
ATOM   310  C CG  . PRO B 2 22  ? -4.397  3.556   12.458  1.00 30.99  ? 42  PRO A CG  1 
ATOM   311  C CD  . PRO B 2 22  ? -4.784  4.076   11.069  1.00 18.56  ? 42  PRO A CD  1 
ATOM   312  N N   . VAL B 2 23  ? -1.464  3.064   9.551   1.00 9.62   ? 43  VAL A N   1 
ATOM   313  C CA  . VAL B 2 23  ? -0.348  2.551   8.783   1.00 10.08  ? 43  VAL A CA  1 
ATOM   314  C C   . VAL B 2 23  ? -0.729  2.572   7.301   1.00 16.60  ? 43  VAL A C   1 
ATOM   315  O O   . VAL B 2 23  ? -1.905  2.430   6.961   1.00 15.40  ? 43  VAL A O   1 
ATOM   316  C CB  A VAL B 2 23  ? 0.019   1.112   9.293   0.41 27.89  ? 43  VAL A CB  1 
ATOM   317  C CB  B VAL B 2 23  ? 0.010   1.060   9.175   0.59 15.85  ? 43  VAL A CB  1 
ATOM   318  C CG1 A VAL B 2 23  ? -1.149  0.161   9.176   0.41 32.10  ? 43  VAL A CG1 1 
ATOM   319  C CG1 B VAL B 2 23  ? 0.207   0.902   10.675  0.59 20.47  ? 43  VAL A CG1 1 
ATOM   320  C CG2 A VAL B 2 23  ? 1.192   0.586   8.490   0.41 13.70  ? 43  VAL A CG2 1 
ATOM   321  C CG2 B VAL B 2 23  ? -1.141  0.133   8.840   0.59 30.79  ? 43  VAL A CG2 1 
ATOM   322  N N   . ASN B 2 24  ? 0.239   2.752   6.411   1.00 17.20  ? 44  ASN A N   1 
ATOM   323  C CA  . ASN B 2 24  ? 0.018   2.659   4.980   1.00 10.44  ? 44  ASN A CA  1 
ATOM   324  C C   . ASN B 2 24  ? 1.354   2.325   4.318   1.00 13.60  ? 44  ASN A C   1 
ATOM   325  O O   . ASN B 2 24  ? 2.399   2.763   4.807   1.00 15.30  ? 44  ASN A O   1 
ATOM   326  C CB  . ASN B 2 24  ? -0.492  3.977   4.427   1.00 12.27  ? 44  ASN A CB  1 
ATOM   327  C CG  . ASN B 2 24  ? -0.851  3.824   2.945   1.00 11.02  ? 44  ASN A CG  1 
ATOM   328  O OD1 . ASN B 2 24  ? -1.652  2.969   2.603   1.00 18.05  ? 44  ASN A OD1 1 
ATOM   329  N ND2 . ASN B 2 24  ? -0.274  4.579   2.023   1.00 11.77  ? 44  ASN A ND2 1 
ATOM   330  N N   . THR B 2 25  ? 1.365   1.581   3.223   1.00 10.29  ? 45  THR A N   1 
ATOM   331  C CA  . THR B 2 25  ? 2.601   1.219   2.548   1.00 7.93   ? 45  THR A CA  1 
ATOM   332  C C   . THR B 2 25  ? 2.563   1.765   1.142   1.00 10.75  ? 45  THR A C   1 
ATOM   333  O O   . THR B 2 25  ? 1.515   1.625   0.498   1.00 12.50  ? 45  THR A O   1 
ATOM   334  C CB  . THR B 2 25  ? 2.720   -0.313  2.528   1.00 14.17  ? 45  THR A CB  1 
ATOM   335  O OG1 . THR B 2 25  ? 2.745   -0.721  3.896   1.00 15.40  ? 45  THR A OG1 1 
ATOM   336  C CG2 . THR B 2 25  ? 3.961   -0.800  1.772   1.00 12.91  ? 45  THR A CG2 1 
ATOM   337  N N   . PHE B 2 26  ? 3.629   2.408   0.663   1.00 8.48   ? 46  PHE A N   1 
ATOM   338  C CA  . PHE B 2 26  ? 3.688   2.879   -0.719  1.00 11.35  ? 46  PHE A CA  1 
ATOM   339  C C   . PHE B 2 26  ? 4.727   2.014   -1.433  1.00 10.19  ? 46  PHE A C   1 
ATOM   340  O O   . PHE B 2 26  ? 5.784   1.736   -0.855  1.00 10.66  ? 46  PHE A O   1 
ATOM   341  C CB  . PHE B 2 26  ? 4.132   4.364   -0.821  1.00 10.21  ? 46  PHE A CB  1 
ATOM   342  C CG  . PHE B 2 26  ? 3.088   5.340   -0.296  1.00 12.42  ? 46  PHE A CG  1 
ATOM   343  C CD1 . PHE B 2 26  ? 2.005   5.706   -1.079  1.00 14.11  ? 46  PHE A CD1 1 
ATOM   344  C CD2 . PHE B 2 26  ? 3.242   5.902   0.958   1.00 15.36  ? 46  PHE A CD2 1 
ATOM   345  C CE1 . PHE B 2 26  ? 1.083   6.634   -0.599  1.00 18.86  ? 46  PHE A CE1 1 
ATOM   346  C CE2 . PHE B 2 26  ? 2.323   6.826   1.420   1.00 13.53  ? 46  PHE A CE2 1 
ATOM   347  C CZ  . PHE B 2 26  ? 1.245   7.192   0.652   1.00 12.33  ? 46  PHE A CZ  1 
ATOM   348  N N   . VAL B 2 27  ? 4.434   1.616   -2.669  1.00 9.14   ? 47  VAL A N   1 
ATOM   349  C CA  . VAL B 2 27  ? 5.276   0.762   -3.510  1.00 10.55  ? 47  VAL A CA  1 
ATOM   350  C C   . VAL B 2 27  ? 5.841   1.637   -4.611  1.00 12.73  ? 47  VAL A C   1 
ATOM   351  O O   . VAL B 2 27  ? 5.097   2.287   -5.359  1.00 11.34  ? 47  VAL A O   1 
ATOM   352  C CB  . VAL B 2 27  ? 4.448   -0.396  -4.146  1.00 12.93  ? 47  VAL A CB  1 
ATOM   353  C CG1 . VAL B 2 27  ? 5.418   -1.323  -4.879  1.00 13.42  ? 47  VAL A CG1 1 
ATOM   354  C CG2 . VAL B 2 27  ? 3.704   -1.210  -3.098  1.00 14.36  ? 47  VAL A CG2 1 
ATOM   355  N N   . HIS B 2 28  ? 7.173   1.661   -4.732  1.00 8.88   ? 48  HIS A N   1 
ATOM   356  C CA  . HIS B 2 28  ? 7.821   2.531   -5.706  1.00 8.28   ? 48  HIS A CA  1 
ATOM   357  C C   . HIS B 2 28  ? 8.218   1.671   -6.890  1.00 17.92  ? 48  HIS A C   1 
ATOM   358  O O   . HIS B 2 28  ? 9.397   1.391   -7.119  1.00 19.37  ? 48  HIS A O   1 
ATOM   359  C CB  . HIS B 2 28  ? 9.081   3.186   -5.142  1.00 11.63  ? 48  HIS A CB  1 
ATOM   360  C CG  . HIS B 2 28  ? 8.790   4.053   -3.930  1.00 16.14  ? 48  HIS A CG  1 
ATOM   361  N ND1 . HIS B 2 28  ? 8.302   5.284   -3.950  1.00 21.38  ? 48  HIS A ND1 1 
ATOM   362  C CD2 . HIS B 2 28  ? 8.957   3.687   -2.621  1.00 15.50  ? 48  HIS A CD2 1 
ATOM   363  C CE1 . HIS B 2 28  ? 8.154   5.679   -2.716  1.00 19.07  ? 48  HIS A CE1 1 
ATOM   364  N NE2 . HIS B 2 28  ? 8.548   4.720   -1.928  1.00 14.82  ? 48  HIS A NE2 1 
ATOM   365  N N   . GLU B 2 29  ? 7.240   1.199   -7.652  1.00 15.24  ? 49  GLU A N   1 
ATOM   366  C CA  . GLU B 2 29  ? 7.450   0.360   -8.831  1.00 10.03  ? 49  GLU A CA  1 
ATOM   367  C C   . GLU B 2 29  ? 6.396   0.804   -9.829  1.00 10.12  ? 49  GLU A C   1 
ATOM   368  O O   . GLU B 2 29  ? 5.455   1.512   -9.441  1.00 14.40  ? 49  GLU A O   1 
ATOM   369  C CB  . GLU B 2 29  ? 7.220   -1.131  -8.517  1.00 10.31  ? 49  GLU A CB  1 
ATOM   370  C CG  . GLU B 2 29  ? 8.206   -1.708  -7.487  1.00 17.86  ? 49  GLU A CG  1 
ATOM   371  C CD  . GLU B 2 29  ? 9.702   -1.748  -7.850  1.00 29.54  ? 49  GLU A CD  1 
ATOM   372  O OE1 . GLU B 2 29  ? 10.074  -1.715  -9.029  1.00 19.81  ? 49  GLU A OE1 1 
ATOM   373  O OE2 . GLU B 2 29  ? 10.507  -1.809  -6.923  1.00 19.61  ? 49  GLU A OE2 1 
ATOM   374  N N   . SER B 2 30  ? 6.500   0.405   -11.100 1.00 14.01  ? 50  SER A N   1 
ATOM   375  C CA  . SER B 2 30  ? 5.545   0.823   -12.100 1.00 19.57  ? 50  SER A CA  1 
ATOM   376  C C   . SER B 2 30  ? 4.208   0.137   -11.846 1.00 11.08  ? 50  SER A C   1 
ATOM   377  O O   . SER B 2 30  ? 4.144   -0.960  -11.277 1.00 12.20  ? 50  SER A O   1 
ATOM   378  C CB  . SER B 2 30  ? 6.080   0.464   -13.487 1.00 19.97  ? 50  SER A CB  1 
ATOM   379  O OG  . SER B 2 30  ? 6.009   -0.918  -13.803 1.00 22.08  ? 50  SER A OG  1 
ATOM   380  N N   . LEU B 2 31  ? 3.120   0.752   -12.293 1.00 11.91  ? 51  LEU A N   1 
ATOM   381  C CA  . LEU B 2 31  ? 1.797   0.168   -12.123 1.00 17.59  ? 51  LEU A CA  1 
ATOM   382  C C   . LEU B 2 31  ? 1.719   -1.216  -12.735 1.00 10.74  ? 51  LEU A C   1 
ATOM   383  O O   . LEU B 2 31  ? 1.225   -2.146  -12.088 1.00 13.37  ? 51  LEU A O   1 
ATOM   384  C CB  . LEU B 2 31  ? 0.707   1.051   -12.772 1.00 17.13  ? 51  LEU A CB  1 
ATOM   385  C CG  . LEU B 2 31  ? -0.748  0.591   -12.727 1.00 20.58  ? 51  LEU A CG  1 
ATOM   386  C CD1 . LEU B 2 31  ? -1.235  0.402   -11.296 1.00 21.62  ? 51  LEU A CD1 1 
ATOM   387  C CD2 . LEU B 2 31  ? -1.589  1.636   -13.414 1.00 35.13  ? 51  LEU A CD2 1 
ATOM   388  N N   . ALA B 2 32  ? 2.225   -1.387  -13.954 1.00 12.70  ? 52  ALA A N   1 
ATOM   389  C CA  . ALA B 2 32  ? 2.099   -2.689  -14.603 1.00 14.65  ? 52  ALA A CA  1 
ATOM   390  C C   . ALA B 2 32  ? 2.963   -3.736  -13.918 1.00 13.58  ? 52  ALA A C   1 
ATOM   391  O O   . ALA B 2 32  ? 2.525   -4.886  -13.849 1.00 11.63  ? 52  ALA A O   1 
ATOM   392  C CB  . ALA B 2 32  ? 2.495   -2.572  -16.052 1.00 19.97  ? 52  ALA A CB  1 
ATOM   393  N N   . ASP B 2 33  ? 4.117   -3.385  -13.341 1.00 9.05   ? 53  ASP A N   1 
ATOM   394  C CA  . ASP B 2 33  ? 4.888   -4.373  -12.594 1.00 15.16  ? 53  ASP A CA  1 
ATOM   395  C C   . ASP B 2 33  ? 4.177   -4.758  -11.316 1.00 16.35  ? 53  ASP A C   1 
ATOM   396  O O   . ASP B 2 33  ? 4.295   -5.902  -10.906 1.00 10.42  ? 53  ASP A O   1 
ATOM   397  C CB  . ASP B 2 33  ? 6.293   -3.847  -12.240 1.00 13.55  ? 53  ASP A CB  1 
ATOM   398  C CG  . ASP B 2 33  ? 7.225   -3.744  -13.456 1.00 19.87  ? 53  ASP A CG  1 
ATOM   399  O OD1 . ASP B 2 33  ? 6.868   -4.221  -14.539 1.00 22.88  ? 53  ASP A OD1 1 
ATOM   400  O OD2 . ASP B 2 33  ? 8.307   -3.169  -13.324 1.00 23.14  ? 53  ASP A OD2 1 
ATOM   401  N N   . VAL B 2 34  ? 3.412   -3.883  -10.663 1.00 10.37  ? 54  VAL A N   1 
ATOM   402  C CA  . VAL B 2 34  ? 2.655   -4.276  -9.476  1.00 8.81   ? 54  VAL A CA  1 
ATOM   403  C C   . VAL B 2 34  ? 1.449   -5.082  -9.897  1.00 9.14   ? 54  VAL A C   1 
ATOM   404  O O   . VAL B 2 34  ? 1.106   -6.080  -9.246  1.00 9.74   ? 54  VAL A O   1 
ATOM   405  C CB  . VAL B 2 34  ? 2.244   -3.006  -8.710  1.00 10.91  ? 54  VAL A CB  1 
ATOM   406  C CG1 . VAL B 2 34  ? 1.305   -3.329  -7.543  1.00 13.34  ? 54  VAL A CG1 1 
ATOM   407  C CG2 . VAL B 2 34  ? 3.504   -2.371  -8.165  1.00 12.24  ? 54  VAL A CG2 1 
ATOM   408  N N   . GLN B 2 35  ? 0.809   -4.729  -11.021 1.00 9.08   ? 55  GLN A N   1 
ATOM   409  C CA  . GLN B 2 35  ? -0.307  -5.516  -11.530 1.00 10.54  ? 55  GLN A CA  1 
ATOM   410  C C   . GLN B 2 35  ? 0.130   -6.920  -11.908 1.00 10.36  ? 55  GLN A C   1 
ATOM   411  O O   . GLN B 2 35  ? -0.656  -7.873  -11.778 1.00 13.31  ? 55  GLN A O   1 
ATOM   412  C CB  . GLN B 2 35  ? -0.923  -4.865  -12.771 1.00 13.43  ? 55  GLN A CB  1 
ATOM   413  C CG  . GLN B 2 35  ? -1.708  -3.626  -12.291 1.00 13.24  ? 55  GLN A CG  1 
ATOM   414  C CD  . GLN B 2 35  ? -2.211  -2.797  -13.435 1.00 24.69  ? 55  GLN A CD  1 
ATOM   415  O OE1 . GLN B 2 35  ? -1.569  -2.714  -14.474 1.00 38.60  ? 55  GLN A OE1 1 
ATOM   416  N NE2 . GLN B 2 35  ? -3.334  -2.125  -13.301 1.00 27.37  ? 55  GLN A NE2 1 
ATOM   417  N N   . ALA B 2 36  ? 1.379   -7.061  -12.365 1.00 11.22  ? 56  ALA A N   1 
ATOM   418  C CA  . ALA B 2 36  ? 1.930   -8.357  -12.736 1.00 10.69  ? 56  ALA A CA  1 
ATOM   419  C C   . ALA B 2 36  ? 1.967   -9.344  -11.566 1.00 13.56  ? 56  ALA A C   1 
ATOM   420  O O   . ALA B 2 36  ? 1.915   -10.551 -11.812 1.00 11.93  ? 56  ALA A O   1 
ATOM   421  C CB  . ALA B 2 36  ? 3.345   -8.178  -13.272 1.00 8.46   ? 56  ALA A CB  1 
ATOM   422  N N   . VAL B 2 37  ? 1.966   -8.918  -10.278 1.00 11.56  ? 57  VAL A N   1 
ATOM   423  C CA  . VAL B 2 37  ? 1.991   -9.840  -9.142  1.00 10.15  ? 57  VAL A CA  1 
ATOM   424  C C   . VAL B 2 37  ? 0.735   -10.723 -9.085  1.00 11.71  ? 57  VAL A C   1 
ATOM   425  O O   . VAL B 2 37  ? 0.775   -11.842 -8.561  1.00 11.17  ? 57  VAL A O   1 
ATOM   426  C CB  . VAL B 2 37  ? 2.143   -9.024  -7.841  1.00 8.77   ? 57  VAL A CB  1 
ATOM   427  C CG1 . VAL B 2 37  ? 2.198   -9.908  -6.607  1.00 7.89   ? 57  VAL A CG1 1 
ATOM   428  C CG2 . VAL B 2 37  ? 3.458   -8.245  -7.926  1.00 10.92  ? 57  VAL A CG2 1 
ATOM   429  N N   . CYS B 2 38  ? -0.390  -10.313 -9.672  1.00 12.30  ? 58  CYS A N   1 
ATOM   430  C CA  . CYS B 2 38  ? -1.591  -11.116 -9.607  1.00 11.26  ? 58  CYS A CA  1 
ATOM   431  C C   . CYS B 2 38  ? -1.455  -12.389 -10.414 1.00 10.43  ? 58  CYS A C   1 
ATOM   432  O O   . CYS B 2 38  ? -2.356  -13.207 -10.354 1.00 13.01  ? 58  CYS A O   1 
ATOM   433  C CB  . CYS B 2 38  ? -2.793  -10.355 -10.118 1.00 11.46  ? 58  CYS A CB  1 
ATOM   434  S SG  . CYS B 2 38  ? -3.251  -9.005  -8.999  1.00 15.65  ? 58  CYS A SG  1 
ATOM   435  N N   . SER B 2 39  ? -0.379  -12.624 -11.146 1.00 11.00  ? 59  SER A N   1 
ATOM   436  C CA  . SER B 2 39  ? -0.208  -13.902 -11.790 1.00 12.04  ? 59  SER A CA  1 
ATOM   437  C C   . SER B 2 39  ? 1.091   -14.541 -11.287 1.00 12.72  ? 59  SER A C   1 
ATOM   438  O O   . SER B 2 39  ? 1.666   -15.391 -11.976 1.00 14.73  ? 59  SER A O   1 
ATOM   439  C CB  . SER B 2 39  ? -0.177  -13.714 -13.328 1.00 11.58  ? 59  SER A CB  1 
ATOM   440  O OG  . SER B 2 39  ? 0.742   -12.751 -13.811 1.00 15.30  ? 59  SER A OG  1 
ATOM   441  N N   . GLN B 2 40  ? 1.596   -14.153 -10.104 1.00 11.48  ? 60  GLN A N   1 
ATOM   442  C CA  . GLN B 2 40  ? 2.834   -14.714 -9.579  1.00 10.71  ? 60  GLN A CA  1 
ATOM   443  C C   . GLN B 2 40  ? 2.566   -15.776 -8.513  1.00 14.25  ? 60  GLN A C   1 
ATOM   444  O O   . GLN B 2 40  ? 1.696   -16.601 -8.764  1.00 15.82  ? 60  GLN A O   1 
ATOM   445  C CB  . GLN B 2 40  ? 3.717   -13.560 -9.068  1.00 9.43   ? 60  GLN A CB  1 
ATOM   446  C CG  . GLN B 2 40  ? 4.152   -12.794 -10.321 1.00 9.78   ? 60  GLN A CG  1 
ATOM   447  C CD  . GLN B 2 40  ? 5.119   -11.646 -10.115 1.00 17.58  ? 60  GLN A CD  1 
ATOM   448  O OE1 . GLN B 2 40  ? 5.837   -11.556 -9.111  1.00 12.86  ? 60  GLN A OE1 1 
ATOM   449  N NE2 . GLN B 2 40  ? 5.160   -10.722 -11.079 1.00 12.84  ? 60  GLN A NE2 1 
ATOM   450  N N   . LYS B 2 41  ? 3.152   -15.850 -7.309  1.00 15.35  ? 61  LYS A N   1 
ATOM   451  C CA  . LYS B 2 41  ? 2.962   -17.005 -6.434  1.00 14.84  ? 61  LYS A CA  1 
ATOM   452  C C   . LYS B 2 41  ? 1.683   -16.903 -5.631  1.00 14.88  ? 61  LYS A C   1 
ATOM   453  O O   . LYS B 2 41  ? 1.502   -15.974 -4.853  1.00 16.82  ? 61  LYS A O   1 
ATOM   454  C CB  . LYS B 2 41  ? 4.154   -17.128 -5.496  1.00 12.46  ? 61  LYS A CB  1 
ATOM   455  C CG  . LYS B 2 41  ? 4.202   -18.380 -4.634  1.00 28.17  ? 61  LYS A CG  1 
ATOM   456  C CD  . LYS B 2 41  ? 4.389   -19.599 -5.515  1.00 71.86  ? 61  LYS A CD  1 
ATOM   457  C CE  . LYS B 2 41  ? 3.203   -20.538 -5.340  1.00 78.85  ? 61  LYS A CE  1 
ATOM   458  N NZ  . LYS B 2 41  ? 3.220   -21.607 -6.323  1.00 87.02  ? 61  LYS A NZ  1 
ATOM   459  N N   . ASN B 2 42  ? 0.756   -17.816 -5.872  1.00 15.80  ? 62  ASN A N   1 
ATOM   460  C CA  . ASN B 2 42  ? -0.485  -17.835 -5.137  1.00 12.96  ? 62  ASN A CA  1 
ATOM   461  C C   . ASN B 2 42  ? -0.285  -18.256 -3.679  1.00 22.95  ? 62  ASN A C   1 
ATOM   462  O O   . ASN B 2 42  ? 0.342   -19.280 -3.384  1.00 17.17  ? 62  ASN A O   1 
ATOM   463  C CB  . ASN B 2 42  ? -1.440  -18.776 -5.811  1.00 14.44  ? 62  ASN A CB  1 
ATOM   464  C CG  . ASN B 2 42  ? -2.803  -18.763 -5.132  1.00 25.05  ? 62  ASN A CG  1 
ATOM   465  O OD1 . ASN B 2 42  ? -3.376  -19.820 -4.906  1.00 47.60  ? 62  ASN A OD1 1 
ATOM   466  N ND2 . ASN B 2 42  ? -3.402  -17.634 -4.754  1.00 17.52  ? 62  ASN A ND2 1 
ATOM   467  N N   . VAL B 2 43  ? -0.771  -17.486 -2.717  1.00 14.50  ? 63  VAL A N   1 
ATOM   468  C CA  . VAL B 2 43  ? -0.629  -17.809 -1.315  1.00 15.41  ? 63  VAL A CA  1 
ATOM   469  C C   . VAL B 2 43  ? -1.969  -17.500 -0.653  1.00 23.85  ? 63  VAL A C   1 
ATOM   470  O O   . VAL B 2 43  ? -2.832  -16.845 -1.253  1.00 18.49  ? 63  VAL A O   1 
ATOM   471  C CB  . VAL B 2 43  ? 0.536   -16.966 -0.627  1.00 15.34  ? 63  VAL A CB  1 
ATOM   472  C CG1 . VAL B 2 43  ? 1.885   -17.385 -1.179  1.00 12.68  ? 63  VAL A CG1 1 
ATOM   473  C CG2 . VAL B 2 43  ? 0.393   -15.463 -0.897  1.00 19.97  ? 63  VAL A CG2 1 
ATOM   474  N N   . ALA B 2 44  ? -2.200  -17.986 0.575   1.00 24.27  ? 64  ALA A N   1 
ATOM   475  C CA  . ALA B 2 44  ? -3.396  -17.643 1.354   1.00 24.63  ? 64  ALA A CA  1 
ATOM   476  C C   . ALA B 2 44  ? -3.233  -16.215 1.868   1.00 19.68  ? 64  ALA A C   1 
ATOM   477  O O   . ALA B 2 44  ? -2.120  -15.744 2.108   1.00 19.21  ? 64  ALA A O   1 
ATOM   478  C CB  . ALA B 2 44  ? -3.569  -18.531 2.594   1.00 25.25  ? 64  ALA A CB  1 
ATOM   479  N N   . CYS B 2 45  ? -4.330  -15.474 1.964   1.00 22.62  ? 65  CYS A N   1 
ATOM   480  C CA  . CYS B 2 45  ? -4.358  -14.129 2.523   1.00 27.17  ? 65  CYS A CA  1 
ATOM   481  C C   . CYS B 2 45  ? -4.388  -14.284 4.045   1.00 41.58  ? 65  CYS A C   1 
ATOM   482  O O   . CYS B 2 45  ? -4.742  -15.360 4.530   1.00 26.92  ? 65  CYS A O   1 
ATOM   483  C CB  . CYS B 2 45  ? -5.617  -13.430 2.064   1.00 20.53  ? 65  CYS A CB  1 
ATOM   484  S SG  . CYS B 2 45  ? -5.789  -13.310 0.264   1.00 23.59  ? 65  CYS A SG  1 
ATOM   485  N N   . LYS B 2 46  ? -4.095  -13.267 4.868   1.00 34.96  ? 66  LYS A N   1 
ATOM   486  C CA  . LYS B 2 46  ? -4.148  -13.387 6.329   1.00 21.73  ? 66  LYS A CA  1 
ATOM   487  C C   . LYS B 2 46  ? -5.477  -13.909 6.845   1.00 25.17  ? 66  LYS A C   1 
ATOM   488  O O   . LYS B 2 46  ? -5.558  -14.659 7.819   1.00 43.49  ? 66  LYS A O   1 
ATOM   489  C CB  . LYS B 2 46  ? -3.931  -12.071 7.028   1.00 20.93  ? 66  LYS A CB  1 
ATOM   490  C CG  . LYS B 2 46  ? -2.544  -11.521 6.838   1.00 31.57  ? 66  LYS A CG  1 
ATOM   491  C CD  . LYS B 2 46  ? -2.313  -10.271 7.670   1.00 71.46  ? 66  LYS A CD  1 
ATOM   492  C CE  . LYS B 2 46  ? -3.314  -9.172  7.346   1.00 88.01  ? 66  LYS A CE  1 
ATOM   493  N NZ  . LYS B 2 46  ? -3.302  -8.868  5.927   1.00 103.44 ? 66  LYS A NZ  1 
ATOM   494  N N   . ASN B 2 47  ? -6.536  -13.527 6.141   1.00 29.40  ? 67  ASN A N   1 
ATOM   495  C CA  . ASN B 2 47  ? -7.884  -13.937 6.504   1.00 27.46  ? 67  ASN A CA  1 
ATOM   496  C C   . ASN B 2 47  ? -8.243  -15.365 6.139   1.00 45.41  ? 67  ASN A C   1 
ATOM   497  O O   . ASN B 2 47  ? -9.374  -15.804 6.373   1.00 55.42  ? 67  ASN A O   1 
ATOM   498  C CB  . ASN B 2 47  ? -8.920  -13.031 5.847   1.00 40.45  ? 67  ASN A CB  1 
ATOM   499  C CG  . ASN B 2 47  ? -8.925  -13.023 4.315   1.00 76.92  ? 67  ASN A CG  1 
ATOM   500  O OD1 . ASN B 2 47  ? -8.367  -13.870 3.623   1.00 79.55  ? 67  ASN A OD1 1 
ATOM   501  N ND2 . ASN B 2 47  ? -9.530  -12.037 3.680   1.00 41.37  ? 67  ASN A ND2 1 
ATOM   502  N N   . GLY B 2 48  ? -7.321  -16.067 5.493   1.00 32.82  ? 68  GLY A N   1 
ATOM   503  C CA  . GLY B 2 48  ? -7.558  -17.426 5.055   1.00 24.03  ? 68  GLY A CA  1 
ATOM   504  C C   . GLY B 2 48  ? -7.953  -17.552 3.588   1.00 33.16  ? 68  GLY A C   1 
ATOM   505  O O   . GLY B 2 48  ? -7.625  -18.585 2.998   1.00 83.17  ? 68  GLY A O   1 
ATOM   506  N N   . GLN B 2 49  ? -8.623  -16.578 2.946   1.00 86.06  ? 69  GLN A N   1 
ATOM   507  C CA  . GLN B 2 49  ? -9.040  -16.682 1.542   1.00 31.22  ? 69  GLN A CA  1 
ATOM   508  C C   . GLN B 2 49  ? -7.826  -16.864 0.633   1.00 47.38  ? 69  GLN A C   1 
ATOM   509  O O   . GLN B 2 49  ? -6.677  -16.579 1.001   1.00 26.68  ? 69  GLN A O   1 
ATOM   510  C CB  . GLN B 2 49  ? -9.812  -15.429 1.083   0.56 22.03  ? 69  GLN A CB  1 
ATOM   511  C CG  . GLN B 2 49  ? -11.309 -15.641 0.790   0.56 41.91  ? 69  GLN A CG  1 
ATOM   512  C CD  . GLN B 2 49  ? -11.660 -16.405 -0.500  0.56 93.24  ? 69  GLN A CD  1 
ATOM   513  O OE1 . GLN B 2 49  ? -10.848 -17.097 -1.122  0.56 55.26  ? 69  GLN A OE1 1 
ATOM   514  N NE2 . GLN B 2 49  ? -12.891 -16.311 -0.988  0.56 30.02  ? 69  GLN A NE2 1 
ATOM   515  N N   . THR B 2 50  ? -8.016  -17.353 -0.574  1.00 31.95  ? 70  THR A N   1 
ATOM   516  C CA  . THR B 2 50  ? -6.869  -17.701 -1.369  1.00 27.51  ? 70  THR A CA  1 
ATOM   517  C C   . THR B 2 50  ? -6.651  -16.873 -2.614  1.00 38.84  ? 70  THR A C   1 
ATOM   518  O O   . THR B 2 50  ? -6.064  -17.339 -3.592  1.00 24.70  ? 70  THR A O   1 
ATOM   519  C CB  . THR B 2 50  ? -7.029  -19.213 -1.631  1.00 43.46  ? 70  THR A CB  1 
ATOM   520  O OG1 . THR B 2 50  ? -8.426  -19.499 -1.793  1.00 69.23  ? 70  THR A OG1 1 
ATOM   521  C CG2 . THR B 2 50  ? -6.389  -20.019 -0.500  1.00 80.99  ? 70  THR A CG2 1 
ATOM   522  N N   . ASN B 2 51  ? -7.094  -15.618 -2.659  1.00 17.14  ? 71  ASN A N   1 
ATOM   523  C CA  . ASN B 2 51  ? -6.824  -14.816 -3.835  1.00 13.13  ? 71  ASN A CA  1 
ATOM   524  C C   . ASN B 2 51  ? -5.682  -13.854 -3.607  1.00 14.35  ? 71  ASN A C   1 
ATOM   525  O O   . ASN B 2 51  ? -5.693  -12.744 -4.149  1.00 20.68  ? 71  ASN A O   1 
ATOM   526  C CB  . ASN B 2 51  ? -8.070  -14.008 -4.288  1.00 15.20  ? 71  ASN A CB  1 
ATOM   527  C CG  . ASN B 2 51  ? -8.603  -13.054 -3.233  1.00 25.46  ? 71  ASN A CG  1 
ATOM   528  O OD1 . ASN B 2 51  ? -8.630  -13.377 -2.042  1.00 33.49  ? 71  ASN A OD1 1 
ATOM   529  N ND2 . ASN B 2 51  ? -9.030  -11.866 -3.654  1.00 24.83  ? 71  ASN A ND2 1 
ATOM   530  N N   . CYS B 2 52  ? -4.668  -14.295 -2.870  1.00 13.19  ? 72  CYS A N   1 
ATOM   531  C CA  . CYS B 2 52  ? -3.509  -13.470 -2.620  1.00 10.62  ? 72  CYS A CA  1 
ATOM   532  C C   . CYS B 2 52  ? -2.334  -14.029 -3.375  1.00 15.41  ? 72  CYS A C   1 
ATOM   533  O O   . CYS B 2 52  ? -2.314  -15.212 -3.741  1.00 12.59  ? 72  CYS A O   1 
ATOM   534  C CB  . CYS B 2 52  ? -3.172  -13.416 -1.160  1.00 13.42  ? 72  CYS A CB  1 
ATOM   535  S SG  . CYS B 2 52  ? -4.205  -12.188 -0.298  1.00 21.69  ? 72  CYS A SG  1 
ATOM   536  N N   . TYR B 2 53  ? -1.411  -13.135 -3.729  1.00 11.28  ? 73  TYR A N   1 
ATOM   537  C CA  . TYR B 2 53  ? -0.246  -13.464 -4.550  1.00 12.95  ? 73  TYR A CA  1 
ATOM   538  C C   . TYR B 2 53  ? 0.954   -12.728 -3.997  1.00 15.74  ? 73  TYR A C   1 
ATOM   539  O O   . TYR B 2 53  ? 0.856   -11.567 -3.593  1.00 16.97  ? 73  TYR A O   1 
ATOM   540  C CB  . TYR B 2 53  ? -0.448  -13.031 -6.014  1.00 13.29  ? 73  TYR A CB  1 
ATOM   541  C CG  . TYR B 2 53  ? -1.595  -13.795 -6.666  1.00 14.12  ? 73  TYR A CG  1 
ATOM   542  C CD1 . TYR B 2 53  ? -2.909  -13.396 -6.446  1.00 14.01  ? 73  TYR A CD1 1 
ATOM   543  C CD2 . TYR B 2 53  ? -1.301  -14.968 -7.358  1.00 23.59  ? 73  TYR A CD2 1 
ATOM   544  C CE1 . TYR B 2 53  ? -3.922  -14.203 -6.900  1.00 18.02  ? 73  TYR A CE1 1 
ATOM   545  C CE2 . TYR B 2 53  ? -2.326  -15.774 -7.829  1.00 21.93  ? 73  TYR A CE2 1 
ATOM   546  C CZ  . TYR B 2 53  ? -3.622  -15.380 -7.580  1.00 24.31  ? 73  TYR A CZ  1 
ATOM   547  O OH  . TYR B 2 53  ? -4.652  -16.216 -7.984  1.00 34.23  ? 73  TYR A OH  1 
ATOM   548  N N   . GLN B 2 54  ? 2.085   -13.405 -3.978  1.00 14.05  ? 74  GLN A N   1 
ATOM   549  C CA  . GLN B 2 54  ? 3.325   -12.887 -3.454  1.00 12.26  ? 74  GLN A CA  1 
ATOM   550  C C   . GLN B 2 54  ? 4.296   -12.602 -4.599  1.00 18.35  ? 74  GLN A C   1 
ATOM   551  O O   . GLN B 2 54  ? 4.441   -13.478 -5.465  1.00 16.12  ? 74  GLN A O   1 
ATOM   552  C CB  . GLN B 2 54  ? 3.870   -13.935 -2.506  1.00 11.32  ? 74  GLN A CB  1 
ATOM   553  C CG  . GLN B 2 54  ? 5.200   -13.527 -1.935  1.00 18.40  ? 74  GLN A CG  1 
ATOM   554  C CD  . GLN B 2 54  ? 5.706   -14.358 -0.757  1.00 19.46  ? 74  GLN A CD  1 
ATOM   555  O OE1 . GLN B 2 54  ? 6.897   -14.619 -0.655  1.00 32.44  ? 74  GLN A OE1 1 
ATOM   556  N NE2 . GLN B 2 54  ? 4.877   -14.732 0.206   1.00 35.13  ? 74  GLN A NE2 1 
ATOM   557  N N   . SER B 2 55  ? 4.953   -11.422 -4.659  1.00 10.17  ? 75  SER A N   1 
ATOM   558  C CA  . SER B 2 55  ? 5.876   -11.113 -5.719  1.00 10.39  ? 75  SER A CA  1 
ATOM   559  C C   . SER B 2 55  ? 7.084   -12.012 -5.647  1.00 14.69  ? 75  SER A C   1 
ATOM   560  O O   . SER B 2 55  ? 7.618   -12.295 -4.561  1.00 14.04  ? 75  SER A O   1 
ATOM   561  C CB  . SER B 2 55  ? 6.363   -9.665  -5.643  1.00 13.14  ? 75  SER A CB  1 
ATOM   562  O OG  . SER B 2 55  ? 6.942   -9.340  -4.397  1.00 14.25  ? 75  SER A OG  1 
ATOM   563  N N   . TYR B 2 56  ? 7.562   -12.438 -6.820  1.00 12.28  ? 76  TYR A N   1 
ATOM   564  C CA  . TYR B 2 56  ? 8.745   -13.285 -6.857  1.00 10.39  ? 76  TYR A CA  1 
ATOM   565  C C   . TYR B 2 56  ? 9.936   -12.504 -6.358  1.00 11.55  ? 76  TYR A C   1 
ATOM   566  O O   . TYR B 2 56  ? 10.791  -13.076 -5.666  1.00 12.65  ? 76  TYR A O   1 
ATOM   567  C CB  . TYR B 2 56  ? 9.063   -13.768 -8.295  1.00 11.33  ? 76  TYR A CB  1 
ATOM   568  C CG  . TYR B 2 56  ? 8.030   -14.695 -8.944  1.00 11.30  ? 76  TYR A CG  1 
ATOM   569  C CD1 . TYR B 2 56  ? 7.550   -15.819 -8.294  1.00 24.01  ? 76  TYR A CD1 1 
ATOM   570  C CD2 . TYR B 2 56  ? 7.610   -14.427 -10.233 1.00 14.98  ? 76  TYR A CD2 1 
ATOM   571  C CE1 . TYR B 2 56  ? 6.656   -16.674 -8.924  1.00 21.42  ? 76  TYR A CE1 1 
ATOM   572  C CE2 . TYR B 2 56  ? 6.719   -15.279 -10.867 1.00 13.19  ? 76  TYR A CE2 1 
ATOM   573  C CZ  . TYR B 2 56  ? 6.246   -16.399 -10.216 1.00 16.32  ? 76  TYR A CZ  1 
ATOM   574  O OH  . TYR B 2 56  ? 5.357   -17.251 -10.845 1.00 20.09  ? 76  TYR A OH  1 
ATOM   575  N N   . SER B 2 57  ? 10.015  -11.202 -6.671  1.00 11.25  ? 77  SER A N   1 
ATOM   576  C CA  . SER B 2 57  ? 11.160  -10.410 -6.273  1.00 15.77  ? 77  SER A CA  1 
ATOM   577  C C   . SER B 2 57  ? 10.773  -9.421  -5.166  1.00 11.22  ? 77  SER A C   1 
ATOM   578  O O   . SER B 2 57  ? 9.573   -9.226  -4.935  1.00 14.25  ? 77  SER A O   1 
ATOM   579  C CB  A SER B 2 57  ? 11.674  -9.631  -7.474  0.51 17.33  ? 77  SER A CB  1 
ATOM   580  C CB  B SER B 2 57  ? 11.690  -9.653  -7.468  0.49 18.12  ? 77  SER A CB  1 
ATOM   581  O OG  A SER B 2 57  ? 10.692  -8.861  -8.179  0.51 21.64  ? 77  SER A OG  1 
ATOM   582  O OG  B SER B 2 57  ? 13.111  -9.453  -7.427  0.49 45.49  ? 77  SER A OG  1 
ATOM   583  N N   . THR B 2 58  ? 11.754  -8.827  -4.475  1.00 14.10  ? 78  THR A N   1 
ATOM   584  C CA  . THR B 2 58  ? 11.477  -7.747  -3.545  1.00 10.37  ? 78  THR A CA  1 
ATOM   585  C C   . THR B 2 58  ? 11.253  -6.491  -4.403  1.00 19.88  ? 78  THR A C   1 
ATOM   586  O O   . THR B 2 58  ? 11.716  -6.382  -5.547  1.00 17.46  ? 78  THR A O   1 
ATOM   587  C CB  . THR B 2 58  ? 12.664  -7.564  -2.587  1.00 16.67  ? 78  THR A CB  1 
ATOM   588  O OG1 . THR B 2 58  ? 13.846  -7.466  -3.353  1.00 20.94  ? 78  THR A OG1 1 
ATOM   589  C CG2 . THR B 2 58  ? 12.846  -8.760  -1.697  1.00 19.45  ? 78  THR A CG2 1 
ATOM   590  N N   . MET B 2 59  ? 10.509  -5.546  -3.844  1.00 16.42  ? 79  MET A N   1 
ATOM   591  C CA  . MET B 2 59  ? 10.160  -4.277  -4.453  1.00 12.32  ? 79  MET A CA  1 
ATOM   592  C C   . MET B 2 59  ? 10.489  -3.205  -3.425  1.00 10.53  ? 79  MET A C   1 
ATOM   593  O O   . MET B 2 59  ? 10.587  -3.476  -2.223  1.00 10.51  ? 79  MET A O   1 
ATOM   594  C CB  . MET B 2 59  ? 8.667   -4.254  -4.795  1.00 14.36  ? 79  MET A CB  1 
ATOM   595  C CG  . MET B 2 59  ? 8.384   -5.215  -5.959  1.00 13.98  ? 79  MET A CG  1 
ATOM   596  S SD  . MET B 2 59  ? 6.637   -5.125  -6.387  1.00 18.28  ? 79  MET A SD  1 
ATOM   597  C CE  . MET B 2 59  ? 6.577   -5.991  -7.933  1.00 19.04  ? 79  MET A CE  1 
ATOM   598  N N   . SER B 2 60  ? 10.758  -2.018  -3.933  1.00 9.83   ? 80  SER A N   1 
ATOM   599  C CA  . SER B 2 60  ? 11.081  -0.858  -3.114  1.00 12.77  ? 80  SER A CA  1 
ATOM   600  C C   . SER B 2 60  ? 9.779   -0.367  -2.455  1.00 12.25  ? 80  SER A C   1 
ATOM   601  O O   . SER B 2 60  ? 8.795   -0.027  -3.147  1.00 15.96  ? 80  SER A O   1 
ATOM   602  C CB  . SER B 2 60  ? 11.709  0.239   -4.026  1.00 14.32  ? 80  SER A CB  1 
ATOM   603  O OG  . SER B 2 60  ? 11.906  1.509   -3.405  1.00 18.77  ? 80  SER A OG  1 
ATOM   604  N N   . ILE B 2 61  ? 9.741   -0.326  -1.132  1.00 9.73   ? 81  ILE A N   1 
ATOM   605  C CA  . ILE B 2 61  ? 8.533   0.093   -0.463  1.00 9.25   ? 81  ILE A CA  1 
ATOM   606  C C   . ILE B 2 61  ? 8.851   1.089   0.636   1.00 14.06  ? 81  ILE A C   1 
ATOM   607  O O   . ILE B 2 61  ? 9.940   1.067   1.219   1.00 12.71  ? 81  ILE A O   1 
ATOM   608  C CB  . ILE B 2 61  ? 7.729   -1.084  0.207   1.00 16.36  ? 81  ILE A CB  1 
ATOM   609  C CG1 . ILE B 2 61  ? 8.555   -1.733  1.277   1.00 27.82  ? 81  ILE A CG1 1 
ATOM   610  C CG2 . ILE B 2 61  ? 7.297   -2.119  -0.855  1.00 21.22  ? 81  ILE A CG2 1 
ATOM   611  C CD1 . ILE B 2 61  ? 7.602   -2.192  2.362   1.00 46.31  ? 81  ILE A CD1 1 
ATOM   612  N N   . THR B 2 62  ? 7.926   2.019   0.921   1.00 11.15  ? 82  THR A N   1 
ATOM   613  C CA  . THR B 2 62  ? 8.067   2.884   2.066   1.00 9.97   ? 82  THR A CA  1 
ATOM   614  C C   . THR B 2 62  ? 6.907   2.593   2.980   1.00 10.01  ? 82  THR A C   1 
ATOM   615  O O   . THR B 2 62  ? 5.748   2.643   2.586   1.00 14.33  ? 82  THR A O   1 
ATOM   616  C CB  . THR B 2 62  ? 8.017   4.366   1.738   1.00 10.83  ? 82  THR A CB  1 
ATOM   617  O OG1 . THR B 2 62  ? 9.027   4.560   0.753   1.00 11.98  ? 82  THR A OG1 1 
ATOM   618  C CG2 . THR B 2 62  ? 8.232   5.256   2.983   1.00 12.07  ? 82  THR A CG2 1 
ATOM   619  N N   . ASP B 2 63  ? 7.229   2.245   4.207   1.00 9.89   ? 83  ASP A N   1 
ATOM   620  C CA  . ASP B 2 63  ? 6.223   2.020   5.225   1.00 13.66  ? 83  ASP A CA  1 
ATOM   621  C C   . ASP B 2 63  ? 5.992   3.317   5.987   1.00 13.63  ? 83  ASP A C   1 
ATOM   622  O O   . ASP B 2 63  ? 6.981   3.968   6.366   1.00 15.33  ? 83  ASP A O   1 
ATOM   623  C CB  A ASP B 2 63  ? 6.727   0.921   6.145   0.49 12.27  ? 83  ASP A CB  1 
ATOM   624  C CB  B ASP B 2 63  ? 6.696   0.958   6.218   0.51 19.39  ? 83  ASP A CB  1 
ATOM   625  C CG  A ASP B 2 63  ? 5.761   0.713   7.283   0.49 23.22  ? 83  ASP A CG  1 
ATOM   626  C CG  B ASP B 2 63  ? 6.915   -0.374  5.525   0.51 21.84  ? 83  ASP A CG  1 
ATOM   627  O OD1 A ASP B 2 63  ? 4.715   0.089   7.100   0.49 39.89  ? 83  ASP A OD1 1 
ATOM   628  O OD1 B ASP B 2 63  ? 5.931   -0.992  5.130   0.51 18.33  ? 83  ASP A OD1 1 
ATOM   629  O OD2 A ASP B 2 63  ? 6.065   1.214   8.354   0.49 23.88  ? 83  ASP A OD2 1 
ATOM   630  O OD2 B ASP B 2 63  ? 8.068   -0.776  5.366   0.51 40.17  ? 83  ASP A OD2 1 
ATOM   631  N N   . CYS B 2 64  ? 4.739   3.694   6.222   1.00 11.45  ? 84  CYS A N   1 
ATOM   632  C CA  . CYS B 2 64  ? 4.404   4.894   6.982   1.00 8.03   ? 84  CYS A CA  1 
ATOM   633  C C   . CYS B 2 64  ? 3.660   4.438   8.198   1.00 11.67  ? 84  CYS A C   1 
ATOM   634  O O   . CYS B 2 64  ? 2.644   3.745   8.043   1.00 13.07  ? 84  CYS A O   1 
ATOM   635  C CB  . CYS B 2 64  ? 3.500   5.804   6.143   1.00 13.90  ? 84  CYS A CB  1 
ATOM   636  S SG  . CYS B 2 64  ? 4.352   6.430   4.680   1.00 13.71  ? 84  CYS A SG  1 
ATOM   637  N N   . ARG B 2 65  ? 4.103   4.757   9.418   1.00 15.95  ? 85  ARG A N   1 
ATOM   638  C CA  . ARG B 2 65  ? 3.390   4.310   10.609  1.00 19.91  ? 85  ARG A CA  1 
ATOM   639  C C   . ARG B 2 65  ? 3.207   5.499   11.539  1.00 16.64  ? 85  ARG A C   1 
ATOM   640  O O   . ARG B 2 65  ? 4.157   6.266   11.747  1.00 13.67  ? 85  ARG A O   1 
ATOM   641  C CB  A ARG B 2 65  ? 4.143   3.222   11.363  0.40 17.11  ? 85  ARG A CB  1 
ATOM   642  C CB  B ARG B 2 65  ? 4.282   3.187   11.169  0.60 18.29  ? 85  ARG A CB  1 
ATOM   643  C CG  A ARG B 2 65  ? 3.217   2.632   12.446  0.40 19.09  ? 85  ARG A CG  1 
ATOM   644  C CG  B ARG B 2 65  ? 4.147   2.766   12.634  0.60 32.59  ? 85  ARG A CG  1 
ATOM   645  C CD  A ARG B 2 65  ? 3.484   1.169   12.789  0.40 40.57  ? 85  ARG A CD  1 
ATOM   646  C CD  B ARG B 2 65  ? 3.031   1.789   12.961  0.60 33.22  ? 85  ARG A CD  1 
ATOM   647  N NE  A ARG B 2 65  ? 3.158   0.254   11.697  0.40 31.94  ? 85  ARG A NE  1 
ATOM   648  N NE  B ARG B 2 65  ? 3.164   0.510   12.276  0.60 25.10  ? 85  ARG A NE  1 
ATOM   649  C CZ  A ARG B 2 65  ? 4.036   -0.088  10.747  0.40 22.93  ? 85  ARG A CZ  1 
ATOM   650  C CZ  B ARG B 2 65  ? 2.524   -0.592  12.684  0.60 14.36  ? 85  ARG A CZ  1 
ATOM   651  N NH1 A ARG B 2 65  ? 5.277   0.389   10.750  0.40 32.56  ? 85  ARG A NH1 1 
ATOM   652  N NH1 B ARG B 2 65  ? 1.796   -0.601  13.793  0.60 16.36  ? 85  ARG A NH1 1 
ATOM   653  N NH2 A ARG B 2 65  ? 3.681   -0.942  9.792   0.40 29.97  ? 85  ARG A NH2 1 
ATOM   654  N NH2 B ARG B 2 65  ? 2.635   -1.703  11.962  0.60 12.90  ? 85  ARG A NH2 1 
ATOM   655  N N   . GLU B 2 66  ? 2.002   5.730   12.049  1.00 15.60  ? 86  GLU A N   1 
ATOM   656  C CA  . GLU B 2 66  ? 1.758   6.859   12.928  1.00 13.80  ? 86  GLU A CA  1 
ATOM   657  C C   . GLU B 2 66  ? 2.595   6.720   14.175  1.00 14.53  ? 86  GLU A C   1 
ATOM   658  O O   . GLU B 2 66  ? 2.753   5.624   14.717  1.00 17.59  ? 86  GLU A O   1 
ATOM   659  C CB  . GLU B 2 66  ? 0.337   6.944   13.433  1.00 15.54  ? 86  GLU A CB  1 
ATOM   660  C CG  . GLU B 2 66  ? -0.638  7.888   12.806  1.00 32.14  ? 86  GLU A CG  1 
ATOM   661  C CD  . GLU B 2 66  ? -1.921  7.863   13.618  1.00 21.10  ? 86  GLU A CD  1 
ATOM   662  O OE1 . GLU B 2 66  ? -2.577  6.824   13.705  1.00 17.97  ? 86  GLU A OE1 1 
ATOM   663  O OE2 . GLU B 2 66  ? -2.251  8.890   14.192  1.00 21.03  ? 86  GLU A OE2 1 
ATOM   664  N N   . THR B 2 67  ? 3.089   7.843   14.639  1.00 11.20  ? 87  THR A N   1 
ATOM   665  C CA  . THR B 2 67  ? 3.832   7.875   15.883  1.00 11.62  ? 87  THR A CA  1 
ATOM   666  C C   . THR B 2 67  ? 2.816   7.742   17.021  1.00 17.65  ? 87  THR A C   1 
ATOM   667  O O   . THR B 2 67  ? 1.608   7.917   16.831  1.00 22.86  ? 87  THR A O   1 
ATOM   668  C CB  . THR B 2 67  ? 4.561   9.225   15.940  1.00 26.27  ? 87  THR A CB  1 
ATOM   669  O OG1 . THR B 2 67  ? 3.552   10.244  15.995  1.00 29.46  ? 87  THR A OG1 1 
ATOM   670  C CG2 . THR B 2 67  ? 5.415   9.480   14.717  1.00 24.26  ? 87  THR A CG2 1 
ATOM   671  N N   . GLY B 2 68  ? 3.302   7.526   18.247  1.00 23.43  ? 88  GLY A N   1 
ATOM   672  C CA  . GLY B 2 68  ? 2.479   7.466   19.445  1.00 26.10  ? 88  GLY A CA  1 
ATOM   673  C C   . GLY B 2 68  ? 2.000   8.861   19.818  1.00 18.86  ? 88  GLY A C   1 
ATOM   674  O O   . GLY B 2 68  ? 1.091   9.035   20.622  1.00 49.31  ? 88  GLY A O   1 
ATOM   675  N N   . SER B 2 69  ? 2.560   9.916   19.231  1.00 25.88  ? 89  SER A N   1 
ATOM   676  C CA  . SER B 2 69  ? 2.134   11.268  19.529  1.00 28.02  ? 89  SER A CA  1 
ATOM   677  C C   . SER B 2 69  ? 1.298   11.854  18.387  1.00 45.58  ? 89  SER A C   1 
ATOM   678  O O   . SER B 2 69  ? 1.160   13.073  18.228  1.00 81.87  ? 89  SER A O   1 
ATOM   679  C CB  . SER B 2 69  ? 3.394   12.084  19.770  1.00 48.31  ? 89  SER A CB  1 
ATOM   680  O OG  . SER B 2 69  ? 4.392   11.369  20.516  1.00 106.68 ? 89  SER A OG  1 
ATOM   681  N N   . SER B 2 70  ? 0.679   11.026  17.569  1.00 28.46  ? 90  SER A N   1 
ATOM   682  C CA  . SER B 2 70  ? -0.021  11.570  16.442  1.00 29.85  ? 90  SER A CA  1 
ATOM   683  C C   . SER B 2 70  ? -1.472  11.689  16.840  1.00 23.08  ? 90  SER A C   1 
ATOM   684  O O   . SER B 2 70  ? -2.055  10.699  17.294  1.00 21.21  ? 90  SER A O   1 
ATOM   685  C CB  . SER B 2 70  ? 0.197   10.611  15.298  1.00 17.96  ? 90  SER A CB  1 
ATOM   686  O OG  . SER B 2 70  ? -0.462  11.010  14.102  1.00 23.26  ? 90  SER A OG  1 
ATOM   687  N N   . LYS B 2 71  ? -2.076  12.867  16.624  1.00 32.87  ? 91  LYS A N   1 
ATOM   688  C CA  . LYS B 2 71  ? -3.497  13.100  16.936  1.00 55.95  ? 91  LYS A CA  1 
ATOM   689  C C   . LYS B 2 71  ? -4.094  13.965  15.832  1.00 12.14  ? 91  LYS A C   1 
ATOM   690  O O   . LYS B 2 71  ? -3.483  14.974  15.479  1.00 19.72  ? 91  LYS A O   1 
ATOM   691  C CB  . LYS B 2 71  ? -3.721  13.872  18.274  1.00 24.82  ? 91  LYS A CB  1 
ATOM   692  C CG  . LYS B 2 71  ? -2.916  13.391  19.501  1.00 96.09  ? 91  LYS A CG  1 
ATOM   693  C CD  . LYS B 2 71  ? -3.320  11.991  20.018  1.00 93.51  ? 91  LYS A CD  1 
ATOM   694  C CE  . LYS B 2 71  ? -2.238  11.248  20.841  1.00 90.99  ? 91  LYS A CE  1 
ATOM   695  N NZ  . LYS B 2 71  ? -1.976  11.838  22.145  1.00 90.54  ? 91  LYS A NZ  1 
ATOM   696  N N   . TYR B 2 72  ? -5.225  13.649  15.212  1.00 15.31  ? 92  TYR A N   1 
ATOM   697  C CA  . TYR B 2 72  ? -5.854  14.505  14.209  1.00 27.86  ? 92  TYR A CA  1 
ATOM   698  C C   . TYR B 2 72  ? -6.116  15.869  14.847  1.00 29.30  ? 92  TYR A C   1 
ATOM   699  O O   . TYR B 2 72  ? -6.574  15.921  15.984  1.00 19.89  ? 92  TYR A O   1 
ATOM   700  C CB  . TYR B 2 72  ? -7.211  13.915  13.725  1.00 14.72  ? 92  TYR A CB  1 
ATOM   701  C CG  . TYR B 2 72  ? -7.803  14.668  12.547  1.00 12.85  ? 92  TYR A CG  1 
ATOM   702  C CD1 . TYR B 2 72  ? -7.329  14.396  11.264  1.00 16.20  ? 92  TYR A CD1 1 
ATOM   703  C CD2 . TYR B 2 72  ? -8.763  15.658  12.745  1.00 29.76  ? 92  TYR A CD2 1 
ATOM   704  C CE1 . TYR B 2 72  ? -7.799  15.119  10.176  1.00 20.58  ? 92  TYR A CE1 1 
ATOM   705  C CE2 . TYR B 2 72  ? -9.242  16.382  11.660  1.00 27.07  ? 92  TYR A CE2 1 
ATOM   706  C CZ  . TYR B 2 72  ? -8.746  16.108  10.394  1.00 63.43  ? 92  TYR A CZ  1 
ATOM   707  O OH  . TYR B 2 72  ? -9.155  16.879  9.335   1.00 27.46  ? 92  TYR A OH  1 
ATOM   708  N N   . PRO B 2 73  ? -5.897  17.007  14.207  1.00 17.22  ? 93  PRO A N   1 
ATOM   709  C CA  . PRO B 2 73  ? -5.457  17.122  12.819  1.00 22.41  ? 93  PRO A CA  1 
ATOM   710  C C   . PRO B 2 73  ? -3.977  16.948  12.463  1.00 15.33  ? 93  PRO A C   1 
ATOM   711  O O   . PRO B 2 73  ? -3.559  16.872  11.304  1.00 25.04  ? 93  PRO A O   1 
ATOM   712  C CB  . PRO B 2 73  ? -6.017  18.470  12.445  1.00 35.78  ? 93  PRO A CB  1 
ATOM   713  C CG  . PRO B 2 73  ? -5.829  19.269  13.704  1.00 22.15  ? 93  PRO A CG  1 
ATOM   714  C CD  . PRO B 2 73  ? -6.284  18.302  14.764  1.00 17.58  ? 93  PRO A CD  1 
ATOM   715  N N   . ASN B 2 74  ? -3.147  16.840  13.468  1.00 13.76  ? 94  ASN A N   1 
ATOM   716  C CA  . ASN B 2 74  ? -1.713  16.826  13.287  1.00 19.66  ? 94  ASN A CA  1 
ATOM   717  C C   . ASN B 2 74  ? -1.207  15.406  13.214  1.00 24.09  ? 94  ASN A C   1 
ATOM   718  O O   . ASN B 2 74  ? -0.551  14.912  14.133  1.00 21.70  ? 94  ASN A O   1 
ATOM   719  C CB  . ASN B 2 74  ? -1.085  17.567  14.464  1.00 26.72  ? 94  ASN A CB  1 
ATOM   720  C CG  . ASN B 2 74  ? -1.696  18.946  14.656  1.00 96.35  ? 94  ASN A CG  1 
ATOM   721  O OD1 . ASN B 2 74  ? -2.374  19.235  15.646  1.00 85.73  ? 94  ASN A OD1 1 
ATOM   722  N ND2 . ASN B 2 74  ? -1.530  19.842  13.690  1.00 84.84  ? 94  ASN A ND2 1 
ATOM   723  N N   . CYS B 2 75  ? -1.570  14.681  12.164  1.00 16.17  ? 95  CYS A N   1 
ATOM   724  C CA  . CYS B 2 75  ? -1.058  13.324  11.972  1.00 13.15  ? 95  CYS A CA  1 
ATOM   725  C C   . CYS B 2 75  ? 0.476   13.381  11.816  1.00 23.07  ? 95  CYS A C   1 
ATOM   726  O O   . CYS B 2 75  ? 1.045   14.361  11.287  1.00 25.08  ? 95  CYS A O   1 
ATOM   727  C CB  . CYS B 2 75  ? -1.666  12.716  10.717  1.00 18.27  ? 95  CYS A CB  1 
ATOM   728  S SG  . CYS B 2 75  ? -3.466  12.891  10.676  1.00 18.05  ? 95  CYS A SG  1 
ATOM   729  N N   . ALA B 2 76  ? 1.209   12.378  12.304  1.00 14.52  ? 96  ALA A N   1 
ATOM   730  C CA  . ALA B 2 76  ? 2.655   12.352  12.191  1.00 26.63  ? 96  ALA A CA  1 
ATOM   731  C C   . ALA B 2 76  ? 3.065   10.897  11.966  1.00 17.15  ? 96  ALA A C   1 
ATOM   732  O O   . ALA B 2 76  ? 2.548   9.980   12.605  1.00 13.72  ? 96  ALA A O   1 
ATOM   733  C CB  . ALA B 2 76  ? 3.272   12.871  13.470  1.00 16.49  ? 96  ALA A CB  1 
ATOM   734  N N   . TYR B 2 77  ? 4.047   10.674  11.108  1.00 14.07  ? 97  TYR A N   1 
ATOM   735  C CA  . TYR B 2 77  ? 4.415   9.352   10.680  1.00 18.25  ? 97  TYR A CA  1 
ATOM   736  C C   . TYR B 2 77  ? 5.897   9.124   10.795  1.00 15.06  ? 97  TYR A C   1 
ATOM   737  O O   . TYR B 2 77  ? 6.651   10.067  10.560  1.00 18.26  ? 97  TYR A O   1 
ATOM   738  C CB  . TYR B 2 77  ? 3.981   9.139   9.205   1.00 11.46  ? 97  TYR A CB  1 
ATOM   739  C CG  . TYR B 2 77  ? 2.472   9.068   9.054   1.00 9.46   ? 97  TYR A CG  1 
ATOM   740  C CD1 . TYR B 2 77  ? 1.857   7.866   9.274   1.00 15.52  ? 97  TYR A CD1 1 
ATOM   741  C CD2 . TYR B 2 77  ? 1.713   10.212  8.830   1.00 10.92  ? 97  TYR A CD2 1 
ATOM   742  C CE1 . TYR B 2 77  ? 0.481   7.795   9.301   1.00 16.59  ? 97  TYR A CE1 1 
ATOM   743  C CE2 . TYR B 2 77  ? 0.333   10.150  8.865   1.00 11.94  ? 97  TYR A CE2 1 
ATOM   744  C CZ  . TYR B 2 77  ? -0.274  8.938   9.109   1.00 17.06  ? 97  TYR A CZ  1 
ATOM   745  O OH  . TYR B 2 77  ? -1.651  8.850   9.253   1.00 15.29  ? 97  TYR A OH  1 
ATOM   746  N N   . LYS B 2 78  ? 6.281   7.886   11.114  1.00 11.54  ? 98  LYS A N   1 
ATOM   747  C CA  . LYS B 2 78  ? 7.650   7.452   11.052  1.00 12.32  ? 98  LYS A CA  1 
ATOM   748  C C   . LYS B 2 78  ? 7.707   6.805   9.674   1.00 11.13  ? 98  LYS A C   1 
ATOM   749  O O   . LYS B 2 78  ? 6.766   6.047   9.341   1.00 14.41  ? 98  LYS A O   1 
ATOM   750  C CB  A LYS B 2 78  ? 7.931   6.399   12.119  0.63 24.52  ? 98  LYS A CB  1 
ATOM   751  C CB  B LYS B 2 78  ? 7.936   6.443   12.169  0.37 19.15  ? 98  LYS A CB  1 
ATOM   752  C CG  A LYS B 2 78  ? 9.326   5.860   11.878  0.63 18.74  ? 98  LYS A CG  1 
ATOM   753  C CG  B LYS B 2 78  ? 7.980   7.143   13.531  0.37 24.55  ? 98  LYS A CG  1 
ATOM   754  C CD  A LYS B 2 78  ? 9.792   4.737   12.769  0.63 37.88  ? 98  LYS A CD  1 
ATOM   755  C CD  B LYS B 2 78  ? 9.111   8.189   13.570  0.37 35.19  ? 98  LYS A CD  1 
ATOM   756  C CE  A LYS B 2 78  ? 11.218  4.406   12.326  0.63 41.92  ? 98  LYS A CE  1 
ATOM   757  C CE  B LYS B 2 78  ? 9.031   9.207   14.705  0.37 32.39  ? 98  LYS A CE  1 
ATOM   758  N NZ  A LYS B 2 78  ? 12.110  5.541   12.517  0.63 40.59  ? 98  LYS A NZ  1 
ATOM   759  N NZ  B LYS B 2 78  ? 9.096   8.565   16.002  0.37 30.23  ? 98  LYS A NZ  1 
ATOM   760  N N   . THR B 2 79  ? 8.753   7.165   8.908   1.00 12.41  ? 99  THR A N   1 
ATOM   761  C CA  . THR B 2 79  ? 9.013   6.698   7.544   1.00 10.96  ? 99  THR A CA  1 
ATOM   762  C C   . THR B 2 79  ? 10.074  5.585   7.521   1.00 16.58  ? 99  THR A C   1 
ATOM   763  O O   . THR B 2 79  ? 11.196  5.824   7.996   1.00 18.61  ? 99  THR A O   1 
ATOM   764  C CB  . THR B 2 79  ? 9.488   7.900   6.671   1.00 11.47  ? 99  THR A CB  1 
ATOM   765  O OG1 . THR B 2 79  ? 8.441   8.881   6.645   1.00 13.63  ? 99  THR A OG1 1 
ATOM   766  C CG2 . THR B 2 79  ? 9.811   7.484   5.230   1.00 10.36  ? 99  THR A CG2 1 
ATOM   767  N N   . THR B 2 80  ? 9.793   4.365   7.042   1.00 12.87  ? 100 THR A N   1 
ATOM   768  C CA  . THR B 2 80  ? 10.796  3.301   6.945   1.00 13.53  ? 100 THR A CA  1 
ATOM   769  C C   . THR B 2 80  ? 10.885  2.845   5.484   1.00 16.19  ? 100 THR A C   1 
ATOM   770  O O   . THR B 2 80  ? 9.888   2.461   4.880   1.00 18.69  ? 100 THR A O   1 
ATOM   771  C CB  . THR B 2 80  ? 10.403  2.080   7.836   1.00 14.47  ? 100 THR A CB  1 
ATOM   772  O OG1 . THR B 2 80  ? 10.123  2.584   9.129   1.00 23.39  ? 100 THR A OG1 1 
ATOM   773  C CG2 . THR B 2 80  ? 11.488  1.009   7.878   1.00 26.10  ? 100 THR A CG2 1 
ATOM   774  N N   . GLN B 2 81  ? 12.040  2.900   4.838   1.00 20.92  ? 101 GLN A N   1 
ATOM   775  C CA  . GLN B 2 81  ? 12.239  2.477   3.461   1.00 14.71  ? 101 GLN A CA  1 
ATOM   776  C C   . GLN B 2 81  ? 12.841  1.080   3.510   1.00 21.01  ? 101 GLN A C   1 
ATOM   777  O O   . GLN B 2 81  ? 13.759  0.853   4.295   1.00 19.98  ? 101 GLN A O   1 
ATOM   778  C CB  . GLN B 2 81  ? 13.191  3.466   2.778   1.00 16.96  ? 101 GLN A CB  1 
ATOM   779  C CG  . GLN B 2 81  ? 13.668  3.032   1.389   1.00 29.23  ? 101 GLN A CG  1 
ATOM   780  C CD  . GLN B 2 81  ? 12.556  2.891   0.355   1.00 87.12  ? 101 GLN A CD  1 
ATOM   781  O OE1 . GLN B 2 81  ? 12.563  2.016   -0.507  1.00 23.77  ? 101 GLN A OE1 1 
ATOM   782  N NE2 . GLN B 2 81  ? 11.565  3.775   0.343   1.00 26.76  ? 101 GLN A NE2 1 
ATOM   783  N N   . ALA B 2 82  ? 12.381  0.176   2.657   1.00 16.00  ? 102 ALA A N   1 
ATOM   784  C CA  . ALA B 2 82  ? 12.871  -1.196  2.618   1.00 30.34  ? 102 ALA A CA  1 
ATOM   785  C C   . ALA B 2 82  ? 12.619  -1.826  1.252   1.00 19.62  ? 102 ALA A C   1 
ATOM   786  O O   . ALA B 2 82  ? 11.917  -1.281  0.413   1.00 13.86  ? 102 ALA A O   1 
ATOM   787  C CB  . ALA B 2 82  ? 12.155  -2.034  3.654   1.00 17.15  ? 102 ALA A CB  1 
ATOM   788  N N   . ASN B 2 83  ? 13.234  -2.973  0.982   1.00 26.11  ? 103 ASN A N   1 
ATOM   789  C CA  . ASN B 2 83  ? 13.007  -3.720  -0.254  1.00 30.87  ? 103 ASN A CA  1 
ATOM   790  C C   . ASN B 2 83  ? 12.410  -5.009  0.247   1.00 23.48  ? 103 ASN A C   1 
ATOM   791  O O   . ASN B 2 83  ? 13.039  -5.729  1.007   1.00 25.29  ? 103 ASN A O   1 
ATOM   792  C CB  . ASN B 2 83  ? 14.309  -3.976  -0.989  1.00 18.19  ? 103 ASN A CB  1 
ATOM   793  C CG  . ASN B 2 83  ? 14.733  -2.665  -1.610  1.00 72.19  ? 103 ASN A CG  1 
ATOM   794  O OD1 . ASN B 2 83  ? 14.270  -2.296  -2.682  1.00 33.64  ? 103 ASN A OD1 1 
ATOM   795  N ND2 . ASN B 2 83  ? 15.580  -1.880  -0.964  1.00 76.72  ? 103 ASN A ND2 1 
ATOM   796  N N   . LYS B 2 84  ? 11.166  -5.302  -0.070  1.00 16.09  ? 104 LYS A N   1 
ATOM   797  C CA  . LYS B 2 84  ? 10.476  -6.458  0.449   1.00 12.71  ? 104 LYS A CA  1 
ATOM   798  C C   . LYS B 2 84  ? 9.567   -7.073  -0.630  1.00 14.42  ? 104 LYS A C   1 
ATOM   799  O O   . LYS B 2 84  ? 9.198   -6.401  -1.595  1.00 12.19  ? 104 LYS A O   1 
ATOM   800  C CB  . LYS B 2 84  ? 9.629   -6.017  1.661   1.00 22.50  ? 104 LYS A CB  1 
ATOM   801  C CG  . LYS B 2 84  ? 10.420  -5.427  2.837   1.00 39.97  ? 104 LYS A CG  1 
ATOM   802  C CD  . LYS B 2 84  ? 9.724   -5.586  4.176   1.00 62.69  ? 104 LYS A CD  1 
ATOM   803  C CE  . LYS B 2 84  ? 8.672   -4.567  4.542   1.00 70.81  ? 104 LYS A CE  1 
ATOM   804  N NZ  . LYS B 2 84  ? 7.827   -5.106  5.588   1.00 64.38  ? 104 LYS A NZ  1 
ATOM   805  N N   . HIS B 2 85  ? 9.177   -8.343  -0.493  1.00 14.07  ? 105 HIS A N   1 
ATOM   806  C CA  . HIS B 2 85  ? 8.224   -9.016  -1.361  1.00 15.65  ? 105 HIS A CA  1 
ATOM   807  C C   . HIS B 2 85  ? 6.866   -8.451  -0.971  1.00 21.72  ? 105 HIS A C   1 
ATOM   808  O O   . HIS B 2 85  ? 6.626   -8.233  0.220   1.00 21.75  ? 105 HIS A O   1 
ATOM   809  C CB  . HIS B 2 85  ? 8.186   -10.535 -1.130  1.00 13.78  ? 105 HIS A CB  1 
ATOM   810  C CG  . HIS B 2 85  ? 9.499   -11.238 -1.451  1.00 32.51  ? 105 HIS A CG  1 
ATOM   811  N ND1 . HIS B 2 85  ? 9.891   -11.816 -2.586  1.00 32.00  ? 105 HIS A ND1 1 
ATOM   812  C CD2 . HIS B 2 85  ? 10.544  -11.336 -0.572  1.00 21.73  ? 105 HIS A CD2 1 
ATOM   813  C CE1 . HIS B 2 85  ? 11.129  -12.230 -2.412  1.00 17.90  ? 105 HIS A CE1 1 
ATOM   814  N NE2 . HIS B 2 85  ? 11.508  -11.937 -1.208  1.00 25.23  ? 105 HIS A NE2 1 
ATOM   815  N N   . ILE B 2 86  ? 5.954   -8.156  -1.885  1.00 15.35  ? 106 ILE A N   1 
ATOM   816  C CA  . ILE B 2 86  ? 4.648   -7.654  -1.492  1.00 11.03  ? 106 ILE A CA  1 
ATOM   817  C C   . ILE B 2 86  ? 3.653   -8.770  -1.705  1.00 20.59  ? 106 ILE A C   1 
ATOM   818  O O   . ILE B 2 86  ? 3.877   -9.664  -2.548  1.00 16.29  ? 106 ILE A O   1 
ATOM   819  C CB  . ILE B 2 86  ? 4.183   -6.432  -2.336  1.00 14.27  ? 106 ILE A CB  1 
ATOM   820  C CG1 . ILE B 2 86  ? 4.035   -6.759  -3.822  1.00 12.58  ? 106 ILE A CG1 1 
ATOM   821  C CG2 . ILE B 2 86  ? 5.207   -5.316  -2.085  1.00 17.70  ? 106 ILE A CG2 1 
ATOM   822  C CD1 . ILE B 2 86  ? 3.307   -5.665  -4.689  1.00 14.62  ? 106 ILE A CD1 1 
ATOM   823  N N   . ILE B 2 87  ? 2.578   -8.726  -0.919  1.00 11.11  ? 107 ILE A N   1 
ATOM   824  C CA  . ILE B 2 87  ? 1.503   -9.678  -1.034  1.00 10.94  ? 107 ILE A CA  1 
ATOM   825  C C   . ILE B 2 87  ? 0.249   -8.841  -1.219  1.00 23.73  ? 107 ILE A C   1 
ATOM   826  O O   . ILE B 2 87  ? -0.087  -7.973  -0.403  1.00 17.13  ? 107 ILE A O   1 
ATOM   827  C CB  . ILE B 2 87  ? 1.449   -10.532 0.234   1.00 21.15  ? 107 ILE A CB  1 
ATOM   828  C CG1 . ILE B 2 87  ? 2.750   -11.275 0.324   1.00 20.26  ? 107 ILE A CG1 1 
ATOM   829  C CG2 . ILE B 2 87  ? 0.304   -11.555 0.185   1.00 19.28  ? 107 ILE A CG2 1 
ATOM   830  C CD1 . ILE B 2 87  ? 2.979   -11.963 1.623   1.00 20.97  ? 107 ILE A CD1 1 
ATOM   831  N N   . VAL B 2 88  ? -0.428  -9.067  -2.336  1.00 13.98  ? 108 VAL A N   1 
ATOM   832  C CA  . VAL B 2 88  ? -1.650  -8.347  -2.680  1.00 12.40  ? 108 VAL A CA  1 
ATOM   833  C C   . VAL B 2 88  ? -2.792  -9.336  -2.936  1.00 17.55  ? 108 VAL A C   1 
ATOM   834  O O   . VAL B 2 88  ? -2.538  -10.495 -3.307  1.00 18.32  ? 108 VAL A O   1 
ATOM   835  C CB  . VAL B 2 88  ? -1.435  -7.445  -3.951  1.00 26.05  ? 108 VAL A CB  1 
ATOM   836  C CG1 . VAL B 2 88  ? -0.448  -6.343  -3.572  1.00 17.70  ? 108 VAL A CG1 1 
ATOM   837  C CG2 . VAL B 2 88  ? -0.894  -8.230  -5.173  1.00 17.87  ? 108 VAL A CG2 1 
ATOM   838  N N   . ALA B 2 89  ? -4.038  -8.917  -2.678  1.00 14.45  ? 109 ALA A N   1 
ATOM   839  C CA  . ALA B 2 89  ? -5.216  -9.722  -2.960  1.00 11.39  ? 109 ALA A CA  1 
ATOM   840  C C   . ALA B 2 89  ? -5.730  -9.231  -4.300  1.00 13.93  ? 109 ALA A C   1 
ATOM   841  O O   . ALA B 2 89  ? -5.786  -8.008  -4.550  1.00 15.48  ? 109 ALA A O   1 
ATOM   842  C CB  . ALA B 2 89  ? -6.246  -9.486  -1.902  1.00 13.37  ? 109 ALA A CB  1 
ATOM   843  N N   . CYS B 2 90  ? -6.134  -10.122 -5.193  1.00 10.99  ? 110 CYS A N   1 
ATOM   844  C CA  . CYS B 2 90  ? -6.527  -9.725  -6.535  1.00 10.31  ? 110 CYS A CA  1 
ATOM   845  C C   . CYS B 2 90  ? -7.955  -10.106 -6.882  1.00 30.31  ? 110 CYS A C   1 
ATOM   846  O O   . CYS B 2 90  ? -8.492  -11.139 -6.460  1.00 23.32  ? 110 CYS A O   1 
ATOM   847  C CB  . CYS B 2 90  ? -5.593  -10.363 -7.558  1.00 16.00  ? 110 CYS A CB  1 
ATOM   848  S SG  . CYS B 2 90  ? -3.853  -9.895  -7.323  1.00 16.32  ? 110 CYS A SG  1 
ATOM   849  N N   . GLU B 2 91  ? -8.620  -9.269  -7.670  1.00 16.96  ? 111 GLU A N   1 
ATOM   850  C CA  . GLU B 2 91  ? -10.011 -9.452  -8.045  1.00 18.81  ? 111 GLU A CA  1 
ATOM   851  C C   . GLU B 2 91  ? -10.292 -8.772  -9.370  1.00 18.70  ? 111 GLU A C   1 
ATOM   852  O O   . GLU B 2 91  ? -9.575  -7.871  -9.808  1.00 28.79  ? 111 GLU A O   1 
ATOM   853  C CB  . GLU B 2 91  ? -10.979 -8.824  -7.061  1.00 21.73  ? 111 GLU A CB  1 
ATOM   854  C CG  . GLU B 2 91  ? -11.161 -9.489  -5.702  1.00 39.66  ? 111 GLU A CG  1 
ATOM   855  C CD  . GLU B 2 91  ? -12.305 -8.906  -4.874  1.00 83.68  ? 111 GLU A CD  1 
ATOM   856  O OE1 . GLU B 2 91  ? -12.225 -7.742  -4.476  1.00 55.99  ? 111 GLU A OE1 1 
ATOM   857  O OE2 . GLU B 2 91  ? -13.280 -9.621  -4.631  1.00 96.01  ? 111 GLU A OE2 1 
ATOM   858  N N   . GLY B 2 92  ? -11.368 -9.212  -9.996  1.00 22.37  ? 112 GLY A N   1 
ATOM   859  C CA  . GLY B 2 92  ? -11.827 -8.587  -11.221 1.00 21.62  ? 112 GLY A CA  1 
ATOM   860  C C   . GLY B 2 92  ? -11.291 -9.233  -12.482 1.00 25.46  ? 112 GLY A C   1 
ATOM   861  O O   . GLY B 2 92  ? -10.679 -10.303 -12.536 1.00 24.79  ? 112 GLY A O   1 
ATOM   862  N N   . ASN B 2 93  ? -11.706 -8.553  -13.530 1.00 36.09  ? 113 ASN A N   1 
ATOM   863  C CA  . ASN B 2 93  ? -11.261 -8.855  -14.857 1.00 64.50  ? 113 ASN A CA  1 
ATOM   864  C C   . ASN B 2 93  ? -11.111 -7.437  -15.390 1.00 38.64  ? 113 ASN A C   1 
ATOM   865  O O   . ASN B 2 93  ? -12.072 -6.653  -15.333 1.00 70.33  ? 113 ASN A O   1 
ATOM   866  C CB  . ASN B 2 93  ? -12.258 -9.599  -15.711 1.00 70.21  ? 113 ASN A CB  1 
ATOM   867  C CG  . ASN B 2 93  ? -11.424 -10.389 -16.709 1.00 76.55  ? 113 ASN A CG  1 
ATOM   868  O OD1 . ASN B 2 93  ? -10.855 -9.856  -17.661 1.00 78.99  ? 113 ASN A OD1 1 
ATOM   869  N ND2 . ASN B 2 93  ? -11.258 -11.685 -16.470 1.00 83.42  ? 113 ASN A ND2 1 
ATOM   870  N N   . PRO B 2 94  ? -9.900  -7.002  -15.750 1.00 32.68  ? 114 PRO A N   1 
ATOM   871  C CA  . PRO B 2 94  ? -8.669  -7.771  -15.570 1.00 33.28  ? 114 PRO A CA  1 
ATOM   872  C C   . PRO B 2 94  ? -8.420  -8.034  -14.077 1.00 24.47  ? 114 PRO A C   1 
ATOM   873  O O   . PRO B 2 94  ? -8.935  -7.315  -13.223 1.00 27.28  ? 114 PRO A O   1 
ATOM   874  C CB  . PRO B 2 94  ? -7.625  -6.903  -16.264 1.00 38.32  ? 114 PRO A CB  1 
ATOM   875  C CG  . PRO B 2 94  ? -8.133  -5.479  -16.066 1.00 34.92  ? 114 PRO A CG  1 
ATOM   876  C CD  . PRO B 2 94  ? -9.632  -5.671  -16.293 1.00 65.05  ? 114 PRO A CD  1 
ATOM   877  N N   . TYR B 2 95  ? -7.802  -9.160  -13.750 1.00 21.75  ? 115 TYR A N   1 
ATOM   878  C CA  . TYR B 2 95  ? -7.478  -9.559  -12.397 1.00 30.05  ? 115 TYR A CA  1 
ATOM   879  C C   . TYR B 2 95  ? -6.376  -8.634  -11.881 1.00 18.35  ? 115 TYR A C   1 
ATOM   880  O O   . TYR B 2 95  ? -5.223  -8.758  -12.286 1.00 18.17  ? 115 TYR A O   1 
ATOM   881  C CB  . TYR B 2 95  ? -7.058  -10.996 -12.524 1.00 22.34  ? 115 TYR A CB  1 
ATOM   882  C CG  . TYR B 2 95  ? -7.100  -11.810 -11.254 1.00 30.47  ? 115 TYR A CG  1 
ATOM   883  C CD1 . TYR B 2 95  ? -8.271  -11.957 -10.552 1.00 24.30  ? 115 TYR A CD1 1 
ATOM   884  C CD2 . TYR B 2 95  ? -5.945  -12.438 -10.846 1.00 20.12  ? 115 TYR A CD2 1 
ATOM   885  C CE1 . TYR B 2 95  ? -8.273  -12.756 -9.423  1.00 25.22  ? 115 TYR A CE1 1 
ATOM   886  C CE2 . TYR B 2 95  ? -5.953  -13.229 -9.724  1.00 15.46  ? 115 TYR A CE2 1 
ATOM   887  C CZ  . TYR B 2 95  ? -7.117  -13.389 -9.019  1.00 19.95  ? 115 TYR A CZ  1 
ATOM   888  O OH  . TYR B 2 95  ? -7.122  -14.234 -7.933  1.00 22.05  ? 115 TYR A OH  1 
ATOM   889  N N   . VAL B 2 96  ? -6.751  -7.709  -10.995 1.00 16.83  ? 116 VAL A N   1 
ATOM   890  C CA  . VAL B 2 96  ? -5.849  -6.657  -10.549 1.00 20.35  ? 116 VAL A CA  1 
ATOM   891  C C   . VAL B 2 96  ? -5.831  -6.565  -9.039  1.00 17.44  ? 116 VAL A C   1 
ATOM   892  O O   . VAL B 2 96  ? -6.782  -7.028  -8.388  1.00 14.40  ? 116 VAL A O   1 
ATOM   893  C CB  . VAL B 2 96  ? -6.259  -5.256  -11.120 1.00 16.41  ? 116 VAL A CB  1 
ATOM   894  C CG1 . VAL B 2 96  ? -6.053  -5.241  -12.627 1.00 23.87  ? 116 VAL A CG1 1 
ATOM   895  C CG2 . VAL B 2 96  ? -7.696  -4.927  -10.764 1.00 17.59  ? 116 VAL A CG2 1 
ATOM   896  N N   . PRO B 2 97  ? -4.758  -5.988  -8.444  1.00 18.17  ? 117 PRO A N   1 
ATOM   897  C CA  . PRO B 2 97  ? -4.638  -5.817  -6.999  1.00 16.99  ? 117 PRO A CA  1 
ATOM   898  C C   . PRO B 2 97  ? -5.718  -4.858  -6.488  1.00 16.39  ? 117 PRO A C   1 
ATOM   899  O O   . PRO B 2 97  ? -5.916  -3.765  -7.029  1.00 13.97  ? 117 PRO A O   1 
ATOM   900  C CB  . PRO B 2 97  ? -3.241  -5.279  -6.761  1.00 12.76  ? 117 PRO A CB  1 
ATOM   901  C CG  . PRO B 2 97  ? -2.505  -5.432  -8.072  1.00 18.92  ? 117 PRO A CG  1 
ATOM   902  C CD  . PRO B 2 97  ? -3.604  -5.389  -9.128  1.00 12.85  ? 117 PRO A CD  1 
ATOM   903  N N   . VAL B 2 98  ? -6.433  -5.272  -5.453  1.00 13.80  ? 118 VAL A N   1 
ATOM   904  C CA  . VAL B 2 98  ? -7.430  -4.413  -4.826  1.00 14.17  ? 118 VAL A CA  1 
ATOM   905  C C   . VAL B 2 98  ? -7.074  -4.219  -3.362  1.00 21.51  ? 118 VAL A C   1 
ATOM   906  O O   . VAL B 2 98  ? -7.611  -3.309  -2.737  1.00 18.02  ? 118 VAL A O   1 
ATOM   907  C CB  . VAL B 2 98  ? -8.869  -5.023  -4.935  1.00 15.85  ? 118 VAL A CB  1 
ATOM   908  C CG1 . VAL B 2 98  ? -9.244  -5.088  -6.414  1.00 20.90  ? 118 VAL A CG1 1 
ATOM   909  C CG2 . VAL B 2 98  ? -8.957  -6.423  -4.314  1.00 17.34  ? 118 VAL A CG2 1 
ATOM   910  N N   . HIS B 2 99  ? -6.234  -5.054  -2.727  1.00 16.48  ? 119 HIS A N   1 
ATOM   911  C CA  . HIS B 2 99  ? -5.879  -4.866  -1.325  1.00 20.09  ? 119 HIS A CA  1 
ATOM   912  C C   . HIS B 2 99  ? -4.428  -5.224  -1.121  1.00 24.72  ? 119 HIS A C   1 
ATOM   913  O O   . HIS B 2 99  ? -3.954  -6.093  -1.865  1.00 19.23  ? 119 HIS A O   1 
ATOM   914  C CB  . HIS B 2 99  ? -6.756  -5.745  -0.412  1.00 17.16  ? 119 HIS A CB  1 
ATOM   915  C CG  . HIS B 2 99  ? -8.067  -5.022  -0.150  1.00 92.60  ? 119 HIS A CG  1 
ATOM   916  N ND1 . HIS B 2 99  ? -8.199  -3.838  0.440   1.00 37.96  ? 119 HIS A ND1 1 
ATOM   917  C CD2 . HIS B 2 99  ? -9.319  -5.437  -0.554  1.00 29.16  ? 119 HIS A CD2 1 
ATOM   918  C CE1 . HIS B 2 99  ? -9.453  -3.502  0.405   1.00 78.27  ? 119 HIS A CE1 1 
ATOM   919  N NE2 . HIS B 2 99  ? -10.122 -4.470  -0.196  1.00 73.87  ? 119 HIS A NE2 1 
ATOM   920  N N   . PHE B 2 100 ? -3.719  -4.554  -0.208  1.00 17.48  ? 120 PHE A N   1 
ATOM   921  C CA  . PHE B 2 100 ? -2.322  -4.811  0.101   1.00 17.32  ? 120 PHE A CA  1 
ATOM   922  C C   . PHE B 2 100 ? -2.371  -5.676  1.352   1.00 24.42  ? 120 PHE A C   1 
ATOM   923  O O   . PHE B 2 100 ? -2.790  -5.253  2.424   1.00 33.93  ? 120 PHE A O   1 
ATOM   924  C CB  . PHE B 2 100 ? -1.598  -3.501  0.388   1.00 17.15  ? 120 PHE A CB  1 
ATOM   925  C CG  . PHE B 2 100 ? -0.086  -3.634  0.419   1.00 20.34  ? 120 PHE A CG  1 
ATOM   926  C CD1 . PHE B 2 100 ? 0.569   -3.943  1.600   1.00 27.70  ? 120 PHE A CD1 1 
ATOM   927  C CD2 . PHE B 2 100 ? 0.622   -3.447  -0.753  1.00 28.87  ? 120 PHE A CD2 1 
ATOM   928  C CE1 . PHE B 2 100 ? 1.943   -4.080  1.616   1.00 25.65  ? 120 PHE A CE1 1 
ATOM   929  C CE2 . PHE B 2 100 ? 1.989   -3.586  -0.730  1.00 21.73  ? 120 PHE A CE2 1 
ATOM   930  C CZ  . PHE B 2 100 ? 2.646   -3.898  0.443   1.00 27.44  ? 120 PHE A CZ  1 
ATOM   931  N N   . ASP B 2 101 ? -1.956  -6.923  1.252   1.00 21.25  ? 121 ASP A N   1 
ATOM   932  C CA  . ASP B 2 101 ? -2.065  -7.818  2.378   1.00 19.62  ? 121 ASP A CA  1 
ATOM   933  C C   . ASP B 2 101 ? -0.870  -7.718  3.286   1.00 28.30  ? 121 ASP A C   1 
ATOM   934  O O   . ASP B 2 101 ? -1.070  -7.771  4.497   1.00 29.17  ? 121 ASP A O   1 
ATOM   935  C CB  . ASP B 2 101 ? -2.208  -9.260  1.908   1.00 25.88  ? 121 ASP A CB  1 
ATOM   936  C CG  . ASP B 2 101 ? -2.860  -10.192 2.924   1.00 36.47  ? 121 ASP A CG  1 
ATOM   937  O OD1 . ASP B 2 101 ? -4.064  -10.086 3.184   1.00 32.70  ? 121 ASP A OD1 1 
ATOM   938  O OD2 . ASP B 2 101 ? -2.145  -11.040 3.447   1.00 45.20  ? 121 ASP A OD2 1 
ATOM   939  N N   . ALA B 2 102 ? 0.361   -7.581  2.773   1.00 22.22  ? 122 ALA A N   1 
ATOM   940  C CA  . ALA B 2 102 ? 1.566   -7.557  3.598   1.00 17.72  ? 122 ALA A CA  1 
ATOM   941  C C   . ALA B 2 102 ? 2.777   -7.343  2.719   1.00 21.76  ? 122 ALA A C   1 
ATOM   942  O O   . ALA B 2 102 ? 2.662   -7.413  1.496   1.00 23.50  ? 122 ALA A O   1 
ATOM   943  C CB  . ALA B 2 102 ? 1.802   -8.901  4.284   1.00 22.07  ? 122 ALA A CB  1 
ATOM   944  N N   . SER B 2 103 ? 3.927   -7.106  3.352   1.00 22.14  ? 123 SER A N   1 
ATOM   945  C CA  . SER B 2 103 ? 5.257   -7.135  2.744   1.00 32.60  ? 123 SER A CA  1 
ATOM   946  C C   . SER B 2 103 ? 6.075   -8.129  3.603   1.00 38.95  ? 123 SER A C   1 
ATOM   947  O O   . SER B 2 103 ? 5.854   -8.143  4.831   1.00 26.83  ? 123 SER A O   1 
ATOM   948  C CB  . SER B 2 103 ? 5.946   -5.786  2.823   1.00 25.28  ? 123 SER A CB  1 
ATOM   949  O OG  . SER B 2 103 ? 5.053   -4.758  2.431   1.00 90.42  ? 123 SER A OG  1 
ATOM   950  N N   . VAL B 2 104 ? 6.964   -8.958  3.009   1.00 37.36  ? 124 VAL A N   1 
ATOM   951  C CA  . VAL B 2 104 ? 7.813   -9.918  3.726   1.00 76.02  ? 124 VAL A CA  1 
ATOM   952  C C   . VAL B 2 104 ? 9.268   -9.930  3.226   1.00 31.34  ? 124 VAL A C   1 
ATOM   953  O O   . VAL B 2 104 ? 9.518   -9.626  2.065   1.00 22.65  ? 124 VAL A O   1 
ATOM   954  C CB  . VAL B 2 104 ? 7.248   -11.390 3.631   1.00 26.13  ? 124 VAL A CB  1 
ATOM   955  C CG1 . VAL B 2 104 ? 5.871   -11.420 4.270   1.00 71.62  ? 124 VAL A CG1 1 
ATOM   956  C CG2 . VAL B 2 104 ? 7.143   -11.888 2.203   1.00 60.76  ? 124 VAL A CG2 1 
ATOM   957  O OXT . VAL B 2 104 ? 10.178  -10.291 3.961   1.00 76.76  ? 124 VAL A OXT 1 
HETATM 958  S S   . SO4 C 3 .   ? -5.808  -1.825  1.348   1.00 37.50  ? 125 SO4 A S   1 
HETATM 959  O O1  . SO4 C 3 .   ? -5.850  -3.079  1.990   1.00 84.03  ? 125 SO4 A O1  1 
HETATM 960  O O2  . SO4 C 3 .   ? -5.100  -0.853  2.102   1.00 81.01  ? 125 SO4 A O2  1 
HETATM 961  O O3  . SO4 C 3 .   ? -5.169  -1.979  0.084   1.00 94.51  ? 125 SO4 A O3  1 
HETATM 962  O O4  . SO4 C 3 .   ? -7.135  -1.368  1.114   1.00 73.48  ? 125 SO4 A O4  1 
HETATM 963  O O   . HOH D 4 .   ? -8.939  8.020   -7.457  1.00 24.49  ? 202 HOH S O   1 
HETATM 964  O O   . HOH D 4 .   ? -5.075  1.481   -13.799 1.00 27.68  ? 219 HOH S O   1 
HETATM 965  O O   . HOH D 4 .   ? -11.926 -2.518  -8.737  1.00 35.45  ? 225 HOH S O   1 
HETATM 966  O O   . HOH D 4 .   ? -12.417 4.770   -10.063 1.00 34.06  ? 230 HOH S O   1 
HETATM 967  O O   . HOH D 4 .   ? 8.341   9.748   -5.499  1.00 52.63  ? 233 HOH S O   1 
HETATM 968  O O   . HOH D 4 .   ? 8.202   12.434  -3.904  1.00 29.85  ? 234 HOH S O   1 
HETATM 969  O O   . HOH D 4 .   ? -14.829 -2.152  -7.766  1.00 33.56  ? 265 HOH S O   1 
HETATM 970  O O   . HOH D 4 .   ? -5.986  2.102   -18.773 1.00 59.80  ? 302 HOH S O   1 
HETATM 971  O O   . HOH D 4 .   ? -11.942 8.190   -1.995  1.00 49.49  ? 316 HOH S O   1 
HETATM 972  O O   . HOH D 4 .   ? -4.664  0.627   -16.919 1.00 41.22  ? 319 HOH S O   1 
HETATM 973  O O   . HOH E 4 .   ? -10.928 -4.995  -9.701  1.00 30.50  ? 201 HOH A O   1 
HETATM 974  O O   . HOH E 4 .   ? -4.991  -1.846  -8.769  1.00 18.57  ? 203 HOH A O   1 
HETATM 975  O O   . HOH E 4 .   ? -5.463  -2.051  -11.392 1.00 62.73  ? 204 HOH A O   1 
HETATM 976  O O   . HOH E 4 .   ? 7.565   3.131   9.670   1.00 17.04  ? 205 HOH A O   1 
HETATM 977  O O   . HOH E 4 .   ? -8.124  10.248  13.033  1.00 28.38  ? 207 HOH A O   1 
HETATM 978  O O   . HOH E 4 .   ? -5.850  14.779  -2.009  1.00 20.03  ? 208 HOH A O   1 
HETATM 979  O O   . HOH E 4 .   ? -1.168  15.922  -4.695  1.00 36.46  ? 209 HOH A O   1 
HETATM 980  O O   . HOH E 4 .   ? 2.983   1.101   -15.781 1.00 20.52  ? 210 HOH A O   1 
HETATM 981  O O   . HOH E 4 .   ? 8.173   -9.965  -8.586  1.00 27.39  ? 211 HOH A O   1 
HETATM 982  O O   . HOH E 4 .   ? -3.812  18.529  -1.846  1.00 44.60  ? 212 HOH A O   1 
HETATM 983  O O   . HOH E 4 .   ? -9.239  -1.058  -2.537  1.00 21.83  ? 213 HOH A O   1 
HETATM 984  O O   . HOH E 4 .   ? 4.084   3.656   -14.467 1.00 33.85  ? 214 HOH A O   1 
HETATM 985  O O   . HOH E 4 .   ? 8.964   -1.171  -11.466 1.00 25.23  ? 215 HOH A O   1 
HETATM 986  O O   . HOH E 4 .   ? -6.575  -0.138  -1.394  1.00 38.88  ? 216 HOH A O   1 
HETATM 987  O O   . HOH E 4 .   ? 6.318   -7.976  -11.124 1.00 15.05  ? 217 HOH A O   1 
HETATM 988  O O   . HOH E 4 .   ? -0.679  -0.457  3.821   1.00 24.39  ? 218 HOH A O   1 
HETATM 989  O O   . HOH E 4 .   ? -8.269  11.906  3.818   1.00 26.30  ? 221 HOH A O   1 
HETATM 990  O O   . HOH E 4 .   ? 9.531   -9.138  -10.844 1.00 23.33  ? 222 HOH A O   1 
HETATM 991  O O   . HOH E 4 .   ? 7.012   -0.953  -16.505 1.00 40.37  ? 223 HOH A O   1 
HETATM 992  O O   . HOH E 4 .   ? -7.184  -1.001  -13.341 1.00 41.23  ? 224 HOH A O   1 
HETATM 993  O O   . HOH E 4 .   ? 9.594   -4.316  -9.857  1.00 36.17  ? 226 HOH A O   1 
HETATM 994  O O   . HOH E 4 .   ? 10.599  9.165   9.691   1.00 59.71  ? 227 HOH A O   1 
HETATM 995  O O   . HOH E 4 .   ? -10.765 -5.034  -12.389 1.00 33.41  ? 228 HOH A O   1 
HETATM 996  O O   . HOH E 4 .   ? -6.475  10.911  15.451  1.00 25.96  ? 231 HOH A O   1 
HETATM 997  O O   . HOH E 4 .   ? -1.346  7.945   17.783  1.00 33.16  ? 235 HOH A O   1 
HETATM 998  O O   . HOH E 4 .   ? -4.454  9.232   16.161  1.00 28.68  ? 236 HOH A O   1 
HETATM 999  O O   . HOH E 4 .   ? -0.403  13.496  6.875   1.00 28.85  ? 249 HOH A O   1 
HETATM 1000 O O   . HOH E 4 .   ? -9.214  2.839   4.256   1.00 61.47  ? 250 HOH A O   1 
HETATM 1001 O O   . HOH E 4 .   ? -3.652  -15.230 -11.863 1.00 37.92  ? 251 HOH A O   1 
HETATM 1002 O O   . HOH E 4 .   ? -10.037 -9.477  -2.052  1.00 51.53  ? 252 HOH A O   1 
HETATM 1003 O O   . HOH E 4 .   ? 10.679  -6.175  -8.321  1.00 43.00  ? 255 HOH A O   1 
HETATM 1004 O O   . HOH E 4 .   ? 4.082   -3.339  4.616   1.00 45.08  ? 256 HOH A O   1 
HETATM 1005 O O   . HOH E 4 .   ? -3.845  1.650   9.023   1.00 46.94  ? 257 HOH A O   1 
HETATM 1006 O O   . HOH E 4 .   ? 14.407  3.714   6.169   1.00 25.42  ? 259 HOH A O   1 
HETATM 1007 O O   . HOH E 4 .   ? -7.181  -10.741 -16.067 1.00 64.26  ? 261 HOH A O   1 
HETATM 1008 O O   . HOH E 4 .   ? -9.949  -2.690  -13.238 1.00 76.81  ? 263 HOH A O   1 
HETATM 1009 O O   . HOH E 4 .   ? 0.641   -22.038 -3.735  1.00 41.32  ? 264 HOH A O   1 
HETATM 1010 O O   . HOH E 4 .   ? 14.051  1.897   12.919  1.00 62.10  ? 266 HOH A O   1 
HETATM 1011 O O   . HOH E 4 .   ? 5.358   12.182  17.054  1.00 57.25  ? 267 HOH A O   1 
HETATM 1012 O O   . HOH E 4 .   ? -3.336  6.206   17.015  1.00 48.03  ? 269 HOH A O   1 
HETATM 1013 O O   . HOH E 4 .   ? 13.591  -2.183  7.333   1.00 48.46  ? 270 HOH A O   1 
HETATM 1014 O O   . HOH E 4 .   ? -1.199  -1.403  -16.745 1.00 51.58  ? 272 HOH A O   1 
HETATM 1015 O O   . HOH E 4 .   ? -5.668  14.132  25.117  1.00 23.37  ? 276 HOH A O   1 
HETATM 1016 O O   . HOH E 4 .   ? -10.797 14.345  2.105   1.00 35.41  ? 308 HOH A O   1 
HETATM 1017 O O   . HOH E 4 .   ? -5.422  6.327   14.533  1.00 72.03  ? 334 HOH A O   1 
HETATM 1018 O O   . HOH E 4 .   ? -6.656  -10.980 4.567   1.00 45.10  ? 337 HOH A O   1 
HETATM 1019 O O   . HOH E 4 .   ? -6.944  17.140  18.450  1.00 58.81  ? 340 HOH A O   1 
HETATM 1020 O O   . HOH E 4 .   ? 14.475  -10.360 -4.123  1.00 61.04  ? 404 HOH A O   1 
# 
